data_1MGT
# 
_entry.id   1MGT 
# 
_audit_conform.dict_name       mmcif_pdbx.dic 
_audit_conform.dict_version    5.383 
_audit_conform.dict_location   http://mmcif.pdb.org/dictionaries/ascii/mmcif_pdbx.dic 
# 
loop_
_database_2.database_id 
_database_2.database_code 
_database_2.pdbx_database_accession 
_database_2.pdbx_DOI 
PDB   1MGT         pdb_00001mgt 10.2210/pdb1mgt/pdb 
RCSB  RCSB007222   ?            ?                   
WWPDB D_1000007222 ?            ?                   
# 
loop_
_pdbx_audit_revision_history.ordinal 
_pdbx_audit_revision_history.data_content_type 
_pdbx_audit_revision_history.major_revision 
_pdbx_audit_revision_history.minor_revision 
_pdbx_audit_revision_history.revision_date 
1 'Structure model' 1 0 2000-01-07 
2 'Structure model' 1 1 2008-04-27 
3 'Structure model' 1 2 2011-07-13 
4 'Structure model' 1 3 2023-12-27 
# 
_pdbx_audit_revision_details.ordinal             1 
_pdbx_audit_revision_details.revision_ordinal    1 
_pdbx_audit_revision_details.data_content_type   'Structure model' 
_pdbx_audit_revision_details.provider            repository 
_pdbx_audit_revision_details.type                'Initial release' 
_pdbx_audit_revision_details.description         ? 
_pdbx_audit_revision_details.details             ? 
# 
loop_
_pdbx_audit_revision_group.ordinal 
_pdbx_audit_revision_group.revision_ordinal 
_pdbx_audit_revision_group.data_content_type 
_pdbx_audit_revision_group.group 
1 2 'Structure model' 'Version format compliance' 
2 3 'Structure model' 'Source and taxonomy'       
3 3 'Structure model' 'Version format compliance' 
4 4 'Structure model' 'Data collection'           
5 4 'Structure model' 'Database references'       
6 4 'Structure model' 'Derived calculations'      
# 
loop_
_pdbx_audit_revision_category.ordinal 
_pdbx_audit_revision_category.revision_ordinal 
_pdbx_audit_revision_category.data_content_type 
_pdbx_audit_revision_category.category 
1 4 'Structure model' chem_comp_atom 
2 4 'Structure model' chem_comp_bond 
3 4 'Structure model' database_2     
4 4 'Structure model' struct_site    
# 
loop_
_pdbx_audit_revision_item.ordinal 
_pdbx_audit_revision_item.revision_ordinal 
_pdbx_audit_revision_item.data_content_type 
_pdbx_audit_revision_item.item 
1 4 'Structure model' '_database_2.pdbx_DOI'                
2 4 'Structure model' '_database_2.pdbx_database_accession' 
3 4 'Structure model' '_struct_site.pdbx_auth_asym_id'      
4 4 'Structure model' '_struct_site.pdbx_auth_comp_id'      
5 4 'Structure model' '_struct_site.pdbx_auth_seq_id'       
# 
_pdbx_database_status.status_code                     REL 
_pdbx_database_status.entry_id                        1MGT 
_pdbx_database_status.recvd_initial_deposition_date   1999-01-12 
_pdbx_database_status.deposit_site                    BNL 
_pdbx_database_status.process_site                    RCSB 
_pdbx_database_status.status_code_sf                  REL 
_pdbx_database_status.SG_entry                        . 
_pdbx_database_status.pdb_format_compatible           Y 
_pdbx_database_status.status_code_mr                  ? 
_pdbx_database_status.status_code_cs                  ? 
_pdbx_database_status.status_code_nmr_data            ? 
_pdbx_database_status.methods_development_category    ? 
# 
loop_
_audit_author.name 
_audit_author.pdbx_ordinal 
'Hashimoto, H.' 1 
'Inoue, T.'     2 
'Nishioka, M.'  3 
'Fujiwara, S.'  4 
'Takagi, M.'    5 
'Imanaka, T.'   6 
'Kai, Y.'       7 
# 
loop_
_citation.id 
_citation.title 
_citation.journal_abbrev 
_citation.journal_volume 
_citation.page_first 
_citation.page_last 
_citation.year 
_citation.journal_id_ASTM 
_citation.country 
_citation.journal_id_ISSN 
_citation.journal_id_CSD 
_citation.book_publisher 
_citation.pdbx_database_id_PubMed 
_citation.pdbx_database_id_DOI 
primary 
;Hyperthermostable protein structure maintained by intra and inter-helix ion-pairs in archaeal O6-methylguanine-DNA methyltransferase.
;
J.Mol.Biol.                292 707  716  1999 JMOBAK UK 0022-2836 0070 ? 10497033 10.1006/jmbi.1999.3100 
1       'Crystallization and Preliminary X-Ray Crystallographic Analysis of Archaeal O6-Methylguanine-DNA Methyltransferase' 
'Acta Crystallogr.,Sect.D' 54  1395 1396 1998 ABCRE6 DK 0907-4449 0766 ? ?        ?                      
# 
loop_
_citation_author.citation_id 
_citation_author.name 
_citation_author.ordinal 
_citation_author.identifier_ORCID 
primary 'Hashimoto, H.' 1  ? 
primary 'Inoue, T.'     2  ? 
primary 'Nishioka, M.'  3  ? 
primary 'Fujiwara, S.'  4  ? 
primary 'Takagi, M.'    5  ? 
primary 'Imanaka, T.'   6  ? 
primary 'Kai, Y.'       7  ? 
1       'Hashimoto, H.' 8  ? 
1       'Nishioka, M.'  9  ? 
1       'Inoue, T.'     10 ? 
1       'Fujiwara, S.'  11 ? 
1       'Takagi, M.'    12 ? 
1       'Imanaka, T.'   13 ? 
1       'Kai, Y.'       14 ? 
# 
loop_
_entity.id 
_entity.type 
_entity.src_method 
_entity.pdbx_description 
_entity.formula_weight 
_entity.pdbx_number_of_molecules 
_entity.pdbx_ec 
_entity.pdbx_mutation 
_entity.pdbx_fragment 
_entity.details 
1 polymer     man 'PROTEIN (O6-METHYLGUANINE-DNA METHYLTRANSFERASE)' 19545.613 1   2.1.1.63 ? ? ? 
2 non-polymer syn 'SULFATE ION'                                      96.063    3   ?        ? ? ? 
3 water       nat water                                              18.015    129 ?        ? ? ? 
# 
_entity_name_com.entity_id   1 
_entity_name_com.name        MGMT 
# 
_entity_name_sys.entity_id   1 
_entity_name_sys.name        'E.C.2.1.1.63 TRANSFERASE' 
# 
_entity_poly.entity_id                      1 
_entity_poly.type                           'polypeptide(L)' 
_entity_poly.nstd_linkage                   no 
_entity_poly.nstd_monomer                   no 
_entity_poly.pdbx_seq_one_letter_code       
;MLSVEKFRVGERVVWIGVIFSGRVQGIAFAFDRGTLMKRIHDLAEHLGKRGVSISLDVQPSDYPEKVFKVLIGELDNASF
LRELSFEGVTPFEKKVYEWLTKNVKRGSVITYGDLAKALNTSPRAVGGAMKRNPYPIVVPCHRVVAHDGIGYYSSGIEEK
KFLLEIEGVKEWTS
;
_entity_poly.pdbx_seq_one_letter_code_can   
;MLSVEKFRVGERVVWIGVIFSGRVQGIAFAFDRGTLMKRIHDLAEHLGKRGVSISLDVQPSDYPEKVFKVLIGELDNASF
LRELSFEGVTPFEKKVYEWLTKNVKRGSVITYGDLAKALNTSPRAVGGAMKRNPYPIVVPCHRVVAHDGIGYYSSGIEEK
KFLLEIEGVKEWTS
;
_entity_poly.pdbx_strand_id                 A 
_entity_poly.pdbx_target_identifier         ? 
# 
loop_
_pdbx_entity_nonpoly.entity_id 
_pdbx_entity_nonpoly.name 
_pdbx_entity_nonpoly.comp_id 
2 'SULFATE ION' SO4 
3 water         HOH 
# 
loop_
_entity_poly_seq.entity_id 
_entity_poly_seq.num 
_entity_poly_seq.mon_id 
_entity_poly_seq.hetero 
1 1   MET n 
1 2   LEU n 
1 3   SER n 
1 4   VAL n 
1 5   GLU n 
1 6   LYS n 
1 7   PHE n 
1 8   ARG n 
1 9   VAL n 
1 10  GLY n 
1 11  GLU n 
1 12  ARG n 
1 13  VAL n 
1 14  VAL n 
1 15  TRP n 
1 16  ILE n 
1 17  GLY n 
1 18  VAL n 
1 19  ILE n 
1 20  PHE n 
1 21  SER n 
1 22  GLY n 
1 23  ARG n 
1 24  VAL n 
1 25  GLN n 
1 26  GLY n 
1 27  ILE n 
1 28  ALA n 
1 29  PHE n 
1 30  ALA n 
1 31  PHE n 
1 32  ASP n 
1 33  ARG n 
1 34  GLY n 
1 35  THR n 
1 36  LEU n 
1 37  MET n 
1 38  LYS n 
1 39  ARG n 
1 40  ILE n 
1 41  HIS n 
1 42  ASP n 
1 43  LEU n 
1 44  ALA n 
1 45  GLU n 
1 46  HIS n 
1 47  LEU n 
1 48  GLY n 
1 49  LYS n 
1 50  ARG n 
1 51  GLY n 
1 52  VAL n 
1 53  SER n 
1 54  ILE n 
1 55  SER n 
1 56  LEU n 
1 57  ASP n 
1 58  VAL n 
1 59  GLN n 
1 60  PRO n 
1 61  SER n 
1 62  ASP n 
1 63  TYR n 
1 64  PRO n 
1 65  GLU n 
1 66  LYS n 
1 67  VAL n 
1 68  PHE n 
1 69  LYS n 
1 70  VAL n 
1 71  LEU n 
1 72  ILE n 
1 73  GLY n 
1 74  GLU n 
1 75  LEU n 
1 76  ASP n 
1 77  ASN n 
1 78  ALA n 
1 79  SER n 
1 80  PHE n 
1 81  LEU n 
1 82  ARG n 
1 83  GLU n 
1 84  LEU n 
1 85  SER n 
1 86  PHE n 
1 87  GLU n 
1 88  GLY n 
1 89  VAL n 
1 90  THR n 
1 91  PRO n 
1 92  PHE n 
1 93  GLU n 
1 94  LYS n 
1 95  LYS n 
1 96  VAL n 
1 97  TYR n 
1 98  GLU n 
1 99  TRP n 
1 100 LEU n 
1 101 THR n 
1 102 LYS n 
1 103 ASN n 
1 104 VAL n 
1 105 LYS n 
1 106 ARG n 
1 107 GLY n 
1 108 SER n 
1 109 VAL n 
1 110 ILE n 
1 111 THR n 
1 112 TYR n 
1 113 GLY n 
1 114 ASP n 
1 115 LEU n 
1 116 ALA n 
1 117 LYS n 
1 118 ALA n 
1 119 LEU n 
1 120 ASN n 
1 121 THR n 
1 122 SER n 
1 123 PRO n 
1 124 ARG n 
1 125 ALA n 
1 126 VAL n 
1 127 GLY n 
1 128 GLY n 
1 129 ALA n 
1 130 MET n 
1 131 LYS n 
1 132 ARG n 
1 133 ASN n 
1 134 PRO n 
1 135 TYR n 
1 136 PRO n 
1 137 ILE n 
1 138 VAL n 
1 139 VAL n 
1 140 PRO n 
1 141 CYS n 
1 142 HIS n 
1 143 ARG n 
1 144 VAL n 
1 145 VAL n 
1 146 ALA n 
1 147 HIS n 
1 148 ASP n 
1 149 GLY n 
1 150 ILE n 
1 151 GLY n 
1 152 TYR n 
1 153 TYR n 
1 154 SER n 
1 155 SER n 
1 156 GLY n 
1 157 ILE n 
1 158 GLU n 
1 159 GLU n 
1 160 LYS n 
1 161 LYS n 
1 162 PHE n 
1 163 LEU n 
1 164 LEU n 
1 165 GLU n 
1 166 ILE n 
1 167 GLU n 
1 168 GLY n 
1 169 VAL n 
1 170 LYS n 
1 171 GLU n 
1 172 TRP n 
1 173 THR n 
1 174 SER n 
# 
_entity_src_gen.entity_id                          1 
_entity_src_gen.pdbx_src_id                        1 
_entity_src_gen.pdbx_alt_source_flag               sample 
_entity_src_gen.pdbx_seq_type                      ? 
_entity_src_gen.pdbx_beg_seq_num                   ? 
_entity_src_gen.pdbx_end_seq_num                   ? 
_entity_src_gen.gene_src_common_name               ? 
_entity_src_gen.gene_src_genus                     Thermococcus 
_entity_src_gen.pdbx_gene_src_gene                 ? 
_entity_src_gen.gene_src_species                   'Thermococcus kodakarensis' 
_entity_src_gen.gene_src_strain                    KOD1 
_entity_src_gen.gene_src_tissue                    ? 
_entity_src_gen.gene_src_tissue_fraction           ? 
_entity_src_gen.gene_src_details                   ? 
_entity_src_gen.pdbx_gene_src_fragment             ? 
_entity_src_gen.pdbx_gene_src_scientific_name      'Thermococcus kodakarensis' 
_entity_src_gen.pdbx_gene_src_ncbi_taxonomy_id     69014 
_entity_src_gen.pdbx_gene_src_variant              ? 
_entity_src_gen.pdbx_gene_src_cell_line            ? 
_entity_src_gen.pdbx_gene_src_atcc                 ? 
_entity_src_gen.pdbx_gene_src_organ                ? 
_entity_src_gen.pdbx_gene_src_organelle            ? 
_entity_src_gen.pdbx_gene_src_cell                 ? 
_entity_src_gen.pdbx_gene_src_cellular_location    ? 
_entity_src_gen.host_org_common_name               ? 
_entity_src_gen.pdbx_host_org_scientific_name      'Escherichia coli' 
_entity_src_gen.pdbx_host_org_ncbi_taxonomy_id     562 
_entity_src_gen.host_org_genus                     Escherichia 
_entity_src_gen.pdbx_host_org_gene                 ? 
_entity_src_gen.pdbx_host_org_organ                ? 
_entity_src_gen.host_org_species                   ? 
_entity_src_gen.pdbx_host_org_tissue               ? 
_entity_src_gen.pdbx_host_org_tissue_fraction      ? 
_entity_src_gen.pdbx_host_org_strain               ? 
_entity_src_gen.pdbx_host_org_variant              ? 
_entity_src_gen.pdbx_host_org_cell_line            ? 
_entity_src_gen.pdbx_host_org_atcc                 ? 
_entity_src_gen.pdbx_host_org_culture_collection   ? 
_entity_src_gen.pdbx_host_org_cell                 ? 
_entity_src_gen.pdbx_host_org_organelle            ? 
_entity_src_gen.pdbx_host_org_cellular_location    ? 
_entity_src_gen.pdbx_host_org_vector_type          ? 
_entity_src_gen.pdbx_host_org_vector               ? 
_entity_src_gen.host_org_details                   ? 
_entity_src_gen.expression_system_id               ? 
_entity_src_gen.plasmid_name                       ? 
_entity_src_gen.plasmid_details                    ? 
_entity_src_gen.pdbx_description                   ? 
# 
loop_
_chem_comp.id 
_chem_comp.type 
_chem_comp.mon_nstd_flag 
_chem_comp.name 
_chem_comp.pdbx_synonyms 
_chem_comp.formula 
_chem_comp.formula_weight 
ALA 'L-peptide linking' y ALANINE         ? 'C3 H7 N O2'     89.093  
ARG 'L-peptide linking' y ARGININE        ? 'C6 H15 N4 O2 1' 175.209 
ASN 'L-peptide linking' y ASPARAGINE      ? 'C4 H8 N2 O3'    132.118 
ASP 'L-peptide linking' y 'ASPARTIC ACID' ? 'C4 H7 N O4'     133.103 
CYS 'L-peptide linking' y CYSTEINE        ? 'C3 H7 N O2 S'   121.158 
GLN 'L-peptide linking' y GLUTAMINE       ? 'C5 H10 N2 O3'   146.144 
GLU 'L-peptide linking' y 'GLUTAMIC ACID' ? 'C5 H9 N O4'     147.129 
GLY 'peptide linking'   y GLYCINE         ? 'C2 H5 N O2'     75.067  
HIS 'L-peptide linking' y HISTIDINE       ? 'C6 H10 N3 O2 1' 156.162 
HOH non-polymer         . WATER           ? 'H2 O'           18.015  
ILE 'L-peptide linking' y ISOLEUCINE      ? 'C6 H13 N O2'    131.173 
LEU 'L-peptide linking' y LEUCINE         ? 'C6 H13 N O2'    131.173 
LYS 'L-peptide linking' y LYSINE          ? 'C6 H15 N2 O2 1' 147.195 
MET 'L-peptide linking' y METHIONINE      ? 'C5 H11 N O2 S'  149.211 
PHE 'L-peptide linking' y PHENYLALANINE   ? 'C9 H11 N O2'    165.189 
PRO 'L-peptide linking' y PROLINE         ? 'C5 H9 N O2'     115.130 
SER 'L-peptide linking' y SERINE          ? 'C3 H7 N O3'     105.093 
SO4 non-polymer         . 'SULFATE ION'   ? 'O4 S -2'        96.063  
THR 'L-peptide linking' y THREONINE       ? 'C4 H9 N O3'     119.119 
TRP 'L-peptide linking' y TRYPTOPHAN      ? 'C11 H12 N2 O2'  204.225 
TYR 'L-peptide linking' y TYROSINE        ? 'C9 H11 N O3'    181.189 
VAL 'L-peptide linking' y VALINE          ? 'C5 H11 N O2'    117.146 
# 
loop_
_pdbx_poly_seq_scheme.asym_id 
_pdbx_poly_seq_scheme.entity_id 
_pdbx_poly_seq_scheme.seq_id 
_pdbx_poly_seq_scheme.mon_id 
_pdbx_poly_seq_scheme.ndb_seq_num 
_pdbx_poly_seq_scheme.pdb_seq_num 
_pdbx_poly_seq_scheme.auth_seq_num 
_pdbx_poly_seq_scheme.pdb_mon_id 
_pdbx_poly_seq_scheme.auth_mon_id 
_pdbx_poly_seq_scheme.pdb_strand_id 
_pdbx_poly_seq_scheme.pdb_ins_code 
_pdbx_poly_seq_scheme.hetero 
A 1 1   MET 1   1   1   MET MET A . n 
A 1 2   LEU 2   2   2   LEU LEU A . n 
A 1 3   SER 3   3   3   SER SER A . n 
A 1 4   VAL 4   4   4   VAL VAL A . n 
A 1 5   GLU 5   5   5   GLU GLU A . n 
A 1 6   LYS 6   6   6   LYS LYS A . n 
A 1 7   PHE 7   7   7   PHE PHE A . n 
A 1 8   ARG 8   8   8   ARG ARG A . n 
A 1 9   VAL 9   9   9   VAL VAL A . n 
A 1 10  GLY 10  10  10  GLY GLY A . n 
A 1 11  GLU 11  11  11  GLU GLU A . n 
A 1 12  ARG 12  12  12  ARG ARG A . n 
A 1 13  VAL 13  13  13  VAL VAL A . n 
A 1 14  VAL 14  14  14  VAL VAL A . n 
A 1 15  TRP 15  15  15  TRP TRP A . n 
A 1 16  ILE 16  16  16  ILE ILE A . n 
A 1 17  GLY 17  17  17  GLY GLY A . n 
A 1 18  VAL 18  18  18  VAL VAL A . n 
A 1 19  ILE 19  19  19  ILE ILE A . n 
A 1 20  PHE 20  20  20  PHE PHE A . n 
A 1 21  SER 21  21  21  SER SER A . n 
A 1 22  GLY 22  22  22  GLY GLY A . n 
A 1 23  ARG 23  23  23  ARG ARG A . n 
A 1 24  VAL 24  24  24  VAL VAL A . n 
A 1 25  GLN 25  25  25  GLN GLN A . n 
A 1 26  GLY 26  26  26  GLY GLY A . n 
A 1 27  ILE 27  27  27  ILE ILE A . n 
A 1 28  ALA 28  28  28  ALA ALA A . n 
A 1 29  PHE 29  29  29  PHE PHE A . n 
A 1 30  ALA 30  30  30  ALA ALA A . n 
A 1 31  PHE 31  31  31  PHE PHE A . n 
A 1 32  ASP 32  32  32  ASP ASP A . n 
A 1 33  ARG 33  33  33  ARG ARG A . n 
A 1 34  GLY 34  34  34  GLY GLY A . n 
A 1 35  THR 35  35  35  THR THR A . n 
A 1 36  LEU 36  36  36  LEU LEU A . n 
A 1 37  MET 37  37  37  MET MET A . n 
A 1 38  LYS 38  38  38  LYS LYS A . n 
A 1 39  ARG 39  39  39  ARG ARG A . n 
A 1 40  ILE 40  40  40  ILE ILE A . n 
A 1 41  HIS 41  41  41  HIS HIS A . n 
A 1 42  ASP 42  42  42  ASP ASP A . n 
A 1 43  LEU 43  43  43  LEU LEU A . n 
A 1 44  ALA 44  44  44  ALA ALA A . n 
A 1 45  GLU 45  45  45  GLU GLU A . n 
A 1 46  HIS 46  46  46  HIS HIS A . n 
A 1 47  LEU 47  47  47  LEU LEU A . n 
A 1 48  GLY 48  48  48  GLY GLY A . n 
A 1 49  LYS 49  49  49  LYS LYS A . n 
A 1 50  ARG 50  50  50  ARG ARG A . n 
A 1 51  GLY 51  51  51  GLY GLY A . n 
A 1 52  VAL 52  52  52  VAL VAL A . n 
A 1 53  SER 53  53  53  SER SER A . n 
A 1 54  ILE 54  54  54  ILE ILE A . n 
A 1 55  SER 55  55  55  SER SER A . n 
A 1 56  LEU 56  56  56  LEU LEU A . n 
A 1 57  ASP 57  57  57  ASP ASP A . n 
A 1 58  VAL 58  58  58  VAL VAL A . n 
A 1 59  GLN 59  59  59  GLN GLN A . n 
A 1 60  PRO 60  60  60  PRO PRO A . n 
A 1 61  SER 61  61  61  SER SER A . n 
A 1 62  ASP 62  62  62  ASP ASP A . n 
A 1 63  TYR 63  63  63  TYR TYR A . n 
A 1 64  PRO 64  64  64  PRO PRO A . n 
A 1 65  GLU 65  65  65  GLU GLU A . n 
A 1 66  LYS 66  66  66  LYS LYS A . n 
A 1 67  VAL 67  67  67  VAL VAL A . n 
A 1 68  PHE 68  68  68  PHE PHE A . n 
A 1 69  LYS 69  69  69  LYS LYS A . n 
A 1 70  VAL 70  70  70  VAL VAL A . n 
A 1 71  LEU 71  71  71  LEU LEU A . n 
A 1 72  ILE 72  72  72  ILE ILE A . n 
A 1 73  GLY 73  73  73  GLY GLY A . n 
A 1 74  GLU 74  74  74  GLU GLU A . n 
A 1 75  LEU 75  75  75  LEU LEU A . n 
A 1 76  ASP 76  76  76  ASP ASP A . n 
A 1 77  ASN 77  77  77  ASN ASN A . n 
A 1 78  ALA 78  78  78  ALA ALA A . n 
A 1 79  SER 79  79  79  SER SER A . n 
A 1 80  PHE 80  80  80  PHE PHE A . n 
A 1 81  LEU 81  81  81  LEU LEU A . n 
A 1 82  ARG 82  82  82  ARG ARG A . n 
A 1 83  GLU 83  83  83  GLU GLU A . n 
A 1 84  LEU 84  84  84  LEU LEU A . n 
A 1 85  SER 85  85  85  SER SER A . n 
A 1 86  PHE 86  86  86  PHE PHE A . n 
A 1 87  GLU 87  87  87  GLU GLU A . n 
A 1 88  GLY 88  88  88  GLY GLY A . n 
A 1 89  VAL 89  89  89  VAL VAL A . n 
A 1 90  THR 90  90  90  THR THR A . n 
A 1 91  PRO 91  91  91  PRO PRO A . n 
A 1 92  PHE 92  92  92  PHE PHE A . n 
A 1 93  GLU 93  93  93  GLU GLU A . n 
A 1 94  LYS 94  94  94  LYS LYS A . n 
A 1 95  LYS 95  95  95  LYS LYS A . n 
A 1 96  VAL 96  96  96  VAL VAL A . n 
A 1 97  TYR 97  97  97  TYR TYR A . n 
A 1 98  GLU 98  98  98  GLU GLU A . n 
A 1 99  TRP 99  99  99  TRP TRP A . n 
A 1 100 LEU 100 100 100 LEU LEU A . n 
A 1 101 THR 101 101 101 THR THR A . n 
A 1 102 LYS 102 102 102 LYS LYS A . n 
A 1 103 ASN 103 103 103 ASN ASN A . n 
A 1 104 VAL 104 104 104 VAL VAL A . n 
A 1 105 LYS 105 105 105 LYS LYS A . n 
A 1 106 ARG 106 106 106 ARG ARG A . n 
A 1 107 GLY 107 107 107 GLY GLY A . n 
A 1 108 SER 108 108 108 SER SER A . n 
A 1 109 VAL 109 109 109 VAL VAL A . n 
A 1 110 ILE 110 110 110 ILE ILE A . n 
A 1 111 THR 111 111 111 THR THR A . n 
A 1 112 TYR 112 112 112 TYR TYR A . n 
A 1 113 GLY 113 113 113 GLY GLY A . n 
A 1 114 ASP 114 114 114 ASP ASP A . n 
A 1 115 LEU 115 115 115 LEU LEU A . n 
A 1 116 ALA 116 116 116 ALA ALA A . n 
A 1 117 LYS 117 117 117 LYS LYS A . n 
A 1 118 ALA 118 118 118 ALA ALA A . n 
A 1 119 LEU 119 119 119 LEU LEU A . n 
A 1 120 ASN 120 120 120 ASN ASN A . n 
A 1 121 THR 121 121 121 THR THR A . n 
A 1 122 SER 122 122 122 SER SER A . n 
A 1 123 PRO 123 123 123 PRO PRO A . n 
A 1 124 ARG 124 124 124 ARG ARG A . n 
A 1 125 ALA 125 125 125 ALA ALA A . n 
A 1 126 VAL 126 126 126 VAL VAL A . n 
A 1 127 GLY 127 127 127 GLY GLY A . n 
A 1 128 GLY 128 128 128 GLY GLY A . n 
A 1 129 ALA 129 129 129 ALA ALA A . n 
A 1 130 MET 130 130 130 MET MET A . n 
A 1 131 LYS 131 131 131 LYS LYS A . n 
A 1 132 ARG 132 132 132 ARG ARG A . n 
A 1 133 ASN 133 133 133 ASN ASN A . n 
A 1 134 PRO 134 134 134 PRO PRO A . n 
A 1 135 TYR 135 135 135 TYR TYR A . n 
A 1 136 PRO 136 136 136 PRO PRO A . n 
A 1 137 ILE 137 137 137 ILE ILE A . n 
A 1 138 VAL 138 138 138 VAL VAL A . n 
A 1 139 VAL 139 139 139 VAL VAL A . n 
A 1 140 PRO 140 140 140 PRO PRO A . n 
A 1 141 CYS 141 141 141 CYS CYS A . n 
A 1 142 HIS 142 142 142 HIS HIS A . n 
A 1 143 ARG 143 143 143 ARG ARG A . n 
A 1 144 VAL 144 144 144 VAL VAL A . n 
A 1 145 VAL 145 145 145 VAL VAL A . n 
A 1 146 ALA 146 146 146 ALA ALA A . n 
A 1 147 HIS 147 147 147 HIS HIS A . n 
A 1 148 ASP 148 148 148 ASP ASP A . n 
A 1 149 GLY 149 149 149 GLY GLY A . n 
A 1 150 ILE 150 150 150 ILE ILE A . n 
A 1 151 GLY 151 151 151 GLY GLY A . n 
A 1 152 TYR 152 152 152 TYR TYR A . n 
A 1 153 TYR 153 153 153 TYR TYR A . n 
A 1 154 SER 154 154 154 SER SER A . n 
A 1 155 SER 155 155 155 SER SER A . n 
A 1 156 GLY 156 156 156 GLY GLY A . n 
A 1 157 ILE 157 157 157 ILE ILE A . n 
A 1 158 GLU 158 158 158 GLU GLU A . n 
A 1 159 GLU 159 159 159 GLU GLU A . n 
A 1 160 LYS 160 160 160 LYS LYS A . n 
A 1 161 LYS 161 161 161 LYS LYS A . n 
A 1 162 PHE 162 162 162 PHE PHE A . n 
A 1 163 LEU 163 163 163 LEU LEU A . n 
A 1 164 LEU 164 164 164 LEU LEU A . n 
A 1 165 GLU 165 165 165 GLU GLU A . n 
A 1 166 ILE 166 166 166 ILE ILE A . n 
A 1 167 GLU 167 167 167 GLU GLU A . n 
A 1 168 GLY 168 168 168 GLY GLY A . n 
A 1 169 VAL 169 169 169 VAL VAL A . n 
A 1 170 LYS 170 170 ?   ?   ?   A . n 
A 1 171 GLU 171 171 ?   ?   ?   A . n 
A 1 172 TRP 172 172 ?   ?   ?   A . n 
A 1 173 THR 173 173 ?   ?   ?   A . n 
A 1 174 SER 174 174 ?   ?   ?   A . n 
# 
loop_
_pdbx_nonpoly_scheme.asym_id 
_pdbx_nonpoly_scheme.entity_id 
_pdbx_nonpoly_scheme.mon_id 
_pdbx_nonpoly_scheme.ndb_seq_num 
_pdbx_nonpoly_scheme.pdb_seq_num 
_pdbx_nonpoly_scheme.auth_seq_num 
_pdbx_nonpoly_scheme.pdb_mon_id 
_pdbx_nonpoly_scheme.auth_mon_id 
_pdbx_nonpoly_scheme.pdb_strand_id 
_pdbx_nonpoly_scheme.pdb_ins_code 
B 2 SO4 1   301 301 SO4 SO4 A . 
C 2 SO4 1   302 302 SO4 SO4 A . 
D 2 SO4 1   303 303 SO4 SO4 A . 
E 3 HOH 1   501 501 HOH HOH A . 
E 3 HOH 2   502 502 HOH HOH A . 
E 3 HOH 3   503 503 HOH HOH A . 
E 3 HOH 4   504 504 HOH HOH A . 
E 3 HOH 5   505 505 HOH HOH A . 
E 3 HOH 6   506 506 HOH HOH A . 
E 3 HOH 7   507 507 HOH HOH A . 
E 3 HOH 8   508 508 HOH HOH A . 
E 3 HOH 9   509 509 HOH HOH A . 
E 3 HOH 10  510 510 HOH HOH A . 
E 3 HOH 11  511 511 HOH HOH A . 
E 3 HOH 12  512 512 HOH HOH A . 
E 3 HOH 13  513 513 HOH HOH A . 
E 3 HOH 14  514 514 HOH HOH A . 
E 3 HOH 15  515 515 HOH HOH A . 
E 3 HOH 16  516 516 HOH HOH A . 
E 3 HOH 17  517 517 HOH HOH A . 
E 3 HOH 18  518 518 HOH HOH A . 
E 3 HOH 19  519 519 HOH HOH A . 
E 3 HOH 20  520 520 HOH HOH A . 
E 3 HOH 21  521 521 HOH HOH A . 
E 3 HOH 22  522 522 HOH HOH A . 
E 3 HOH 23  523 523 HOH HOH A . 
E 3 HOH 24  524 524 HOH HOH A . 
E 3 HOH 25  525 525 HOH HOH A . 
E 3 HOH 26  526 526 HOH HOH A . 
E 3 HOH 27  527 527 HOH HOH A . 
E 3 HOH 28  528 528 HOH HOH A . 
E 3 HOH 29  529 529 HOH HOH A . 
E 3 HOH 30  530 530 HOH HOH A . 
E 3 HOH 31  531 531 HOH HOH A . 
E 3 HOH 32  532 532 HOH HOH A . 
E 3 HOH 33  533 533 HOH HOH A . 
E 3 HOH 34  534 534 HOH HOH A . 
E 3 HOH 35  535 535 HOH HOH A . 
E 3 HOH 36  536 536 HOH HOH A . 
E 3 HOH 37  537 537 HOH HOH A . 
E 3 HOH 38  538 538 HOH HOH A . 
E 3 HOH 39  539 539 HOH HOH A . 
E 3 HOH 40  540 540 HOH HOH A . 
E 3 HOH 41  541 541 HOH HOH A . 
E 3 HOH 42  542 542 HOH HOH A . 
E 3 HOH 43  543 543 HOH HOH A . 
E 3 HOH 44  544 544 HOH HOH A . 
E 3 HOH 45  545 545 HOH HOH A . 
E 3 HOH 46  546 546 HOH HOH A . 
E 3 HOH 47  547 547 HOH HOH A . 
E 3 HOH 48  548 548 HOH HOH A . 
E 3 HOH 49  549 549 HOH HOH A . 
E 3 HOH 50  550 550 HOH HOH A . 
E 3 HOH 51  551 551 HOH HOH A . 
E 3 HOH 52  552 552 HOH HOH A . 
E 3 HOH 53  553 553 HOH HOH A . 
E 3 HOH 54  554 554 HOH HOH A . 
E 3 HOH 55  555 555 HOH HOH A . 
E 3 HOH 56  556 556 HOH HOH A . 
E 3 HOH 57  557 557 HOH HOH A . 
E 3 HOH 58  558 558 HOH HOH A . 
E 3 HOH 59  559 559 HOH HOH A . 
E 3 HOH 60  560 560 HOH HOH A . 
E 3 HOH 61  561 561 HOH HOH A . 
E 3 HOH 62  562 562 HOH HOH A . 
E 3 HOH 63  563 563 HOH HOH A . 
E 3 HOH 64  564 564 HOH HOH A . 
E 3 HOH 65  565 565 HOH HOH A . 
E 3 HOH 66  566 566 HOH HOH A . 
E 3 HOH 67  567 567 HOH HOH A . 
E 3 HOH 68  568 568 HOH HOH A . 
E 3 HOH 69  569 569 HOH HOH A . 
E 3 HOH 70  570 570 HOH HOH A . 
E 3 HOH 71  571 571 HOH HOH A . 
E 3 HOH 72  572 572 HOH HOH A . 
E 3 HOH 73  573 573 HOH HOH A . 
E 3 HOH 74  574 574 HOH HOH A . 
E 3 HOH 75  575 575 HOH HOH A . 
E 3 HOH 76  576 576 HOH HOH A . 
E 3 HOH 77  577 577 HOH HOH A . 
E 3 HOH 78  578 578 HOH HOH A . 
E 3 HOH 79  579 579 HOH HOH A . 
E 3 HOH 80  580 580 HOH HOH A . 
E 3 HOH 81  581 581 HOH HOH A . 
E 3 HOH 82  582 582 HOH HOH A . 
E 3 HOH 83  583 583 HOH HOH A . 
E 3 HOH 84  584 584 HOH HOH A . 
E 3 HOH 85  585 585 HOH HOH A . 
E 3 HOH 86  586 586 HOH HOH A . 
E 3 HOH 87  587 587 HOH HOH A . 
E 3 HOH 88  588 588 HOH HOH A . 
E 3 HOH 89  589 589 HOH HOH A . 
E 3 HOH 90  590 590 HOH HOH A . 
E 3 HOH 91  591 591 HOH HOH A . 
E 3 HOH 92  592 592 HOH HOH A . 
E 3 HOH 93  593 593 HOH HOH A . 
E 3 HOH 94  594 594 HOH HOH A . 
E 3 HOH 95  595 595 HOH HOH A . 
E 3 HOH 96  596 596 HOH HOH A . 
E 3 HOH 97  597 597 HOH HOH A . 
E 3 HOH 98  598 598 HOH HOH A . 
E 3 HOH 99  599 599 HOH HOH A . 
E 3 HOH 100 600 600 HOH HOH A . 
E 3 HOH 101 601 601 HOH HOH A . 
E 3 HOH 102 602 602 HOH HOH A . 
E 3 HOH 103 603 603 HOH HOH A . 
E 3 HOH 104 604 604 HOH HOH A . 
E 3 HOH 105 605 605 HOH HOH A . 
E 3 HOH 106 606 606 HOH HOH A . 
E 3 HOH 107 607 607 HOH HOH A . 
E 3 HOH 108 608 608 HOH HOH A . 
E 3 HOH 109 609 609 HOH HOH A . 
E 3 HOH 110 610 610 HOH HOH A . 
E 3 HOH 111 611 611 HOH HOH A . 
E 3 HOH 112 612 612 HOH HOH A . 
E 3 HOH 113 613 613 HOH HOH A . 
E 3 HOH 114 614 614 HOH HOH A . 
E 3 HOH 115 615 615 HOH HOH A . 
E 3 HOH 116 616 616 HOH HOH A . 
E 3 HOH 117 617 617 HOH HOH A . 
E 3 HOH 118 618 618 HOH HOH A . 
E 3 HOH 119 619 619 HOH HOH A . 
E 3 HOH 120 620 620 HOH HOH A . 
E 3 HOH 121 621 621 HOH HOH A . 
E 3 HOH 122 622 622 HOH HOH A . 
E 3 HOH 123 623 623 HOH HOH A . 
E 3 HOH 124 624 624 HOH HOH A . 
E 3 HOH 125 625 625 HOH HOH A . 
E 3 HOH 126 626 626 HOH HOH A . 
E 3 HOH 127 627 627 HOH HOH A . 
E 3 HOH 128 628 628 HOH HOH A . 
E 3 HOH 129 629 629 HOH HOH A . 
# 
loop_
_software.name 
_software.classification 
_software.version 
_software.citation_id 
_software.pdbx_ordinal 
CCP4      'model building' . ? 1 
REFMAC    refinement       . ? 2 
DENZO     'data reduction' . ? 3 
SCALEPACK 'data scaling'   . ? 4 
CCP4      phasing          . ? 5 
# 
_cell.entry_id           1MGT 
_cell.length_a           53.230 
_cell.length_b           86.220 
_cell.length_c           39.830 
_cell.angle_alpha        90.00 
_cell.angle_beta         90.00 
_cell.angle_gamma        90.00 
_cell.Z_PDB              4 
_cell.pdbx_unique_axis   ? 
# 
_symmetry.entry_id                         1MGT 
_symmetry.space_group_name_H-M             'P 21 21 21' 
_symmetry.pdbx_full_space_group_name_H-M   ? 
_symmetry.cell_setting                     ? 
_symmetry.Int_Tables_number                19 
# 
_exptl.entry_id          1MGT 
_exptl.method            'X-RAY DIFFRACTION' 
_exptl.crystals_number   2 
# 
_exptl_crystal.id                    1 
_exptl_crystal.density_meas          ? 
_exptl_crystal.density_Matthews      2.34 
_exptl_crystal.density_percent_sol   47.10 
_exptl_crystal.description           ? 
# 
_exptl_crystal_grow.crystal_id      1 
_exptl_crystal_grow.method          ? 
_exptl_crystal_grow.temp            ? 
_exptl_crystal_grow.temp_details    ? 
_exptl_crystal_grow.pH              8.0 
_exptl_crystal_grow.pdbx_details    'HANGING DROP VAPOR DIFFUSION, pH 8.0' 
_exptl_crystal_grow.pdbx_pH_range   . 
# 
_diffrn.id                     1 
_diffrn.ambient_temp           290 
_diffrn.ambient_temp_details   ? 
_diffrn.crystal_id             1 
# 
_diffrn_detector.diffrn_id              1 
_diffrn_detector.detector               DIFFRACTOMETER 
_diffrn_detector.type                   WEISSENBERG 
_diffrn_detector.pdbx_collection_date   1997-09-15 
_diffrn_detector.details                MIRRORS 
# 
_diffrn_radiation.diffrn_id                        1 
_diffrn_radiation.wavelength_id                    1 
_diffrn_radiation.pdbx_monochromatic_or_laue_m_l   M 
_diffrn_radiation.monochromator                    'SI(111)' 
_diffrn_radiation.pdbx_diffrn_protocol             'SINGLE WAVELENGTH' 
_diffrn_radiation.pdbx_scattering_type             x-ray 
# 
_diffrn_radiation_wavelength.id           1 
_diffrn_radiation_wavelength.wavelength   1.00 
_diffrn_radiation_wavelength.wt           1.0 
# 
_diffrn_source.diffrn_id                   1 
_diffrn_source.source                      SYNCHROTRON 
_diffrn_source.type                        'PHOTON FACTORY BEAMLINE BL-18B' 
_diffrn_source.pdbx_synchrotron_site       'Photon Factory' 
_diffrn_source.pdbx_synchrotron_beamline   BL-18B 
_diffrn_source.pdbx_wavelength             1.00 
_diffrn_source.pdbx_wavelength_list        ? 
# 
_reflns.entry_id                     1MGT 
_reflns.observed_criterion_sigma_I   1 
_reflns.observed_criterion_sigma_F   ? 
_reflns.d_resolution_low             40.0 
_reflns.d_resolution_high            1.80 
_reflns.number_obs                   17669 
_reflns.number_all                   ? 
_reflns.percent_possible_obs         92.4 
_reflns.pdbx_Rmerge_I_obs            0.0650000 
_reflns.pdbx_Rsym_value              ? 
_reflns.pdbx_netI_over_sigmaI        10.9 
_reflns.B_iso_Wilson_estimate        16.96 
_reflns.pdbx_redundancy              6.4 
_reflns.R_free_details               ? 
_reflns.limit_h_max                  ? 
_reflns.limit_h_min                  ? 
_reflns.limit_k_max                  ? 
_reflns.limit_k_min                  ? 
_reflns.limit_l_max                  ? 
_reflns.limit_l_min                  ? 
_reflns.observed_criterion_F_max     ? 
_reflns.observed_criterion_F_min     ? 
_reflns.pdbx_ordinal                 1 
_reflns.pdbx_diffrn_id               1 
# 
_reflns_shell.d_res_high             1.80 
_reflns_shell.d_res_low              1.86 
_reflns_shell.percent_possible_all   76.8 
_reflns_shell.Rmerge_I_obs           0.1600000 
_reflns_shell.pdbx_Rsym_value        ? 
_reflns_shell.meanI_over_sigI_obs    ? 
_reflns_shell.pdbx_redundancy        ? 
_reflns_shell.percent_possible_obs   ? 
_reflns_shell.number_unique_all      ? 
_reflns_shell.pdbx_ordinal           1 
_reflns_shell.pdbx_diffrn_id         1 
# 
_refine.entry_id                                 1MGT 
_refine.ls_number_reflns_obs                     17597 
_refine.ls_number_reflns_all                     ? 
_refine.pdbx_ls_sigma_I                          ? 
_refine.pdbx_ls_sigma_F                          0.0 
_refine.pdbx_data_cutoff_high_absF               ? 
_refine.pdbx_data_cutoff_low_absF                ? 
_refine.pdbx_data_cutoff_high_rms_absF           ? 
_refine.ls_d_res_low                             20.0 
_refine.ls_d_res_high                            1.8 
_refine.ls_percent_reflns_obs                    98.4 
_refine.ls_R_factor_obs                          0.1730000 
_refine.ls_R_factor_all                          ? 
_refine.ls_R_factor_R_work                       0.1710000 
_refine.ls_R_factor_R_free                       0.2180000 
_refine.ls_R_factor_R_free_error                 ? 
_refine.ls_R_factor_R_free_error_details         ? 
_refine.ls_percent_reflns_R_free                 5 
_refine.ls_number_reflns_R_free                  825 
_refine.ls_number_parameters                     ? 
_refine.ls_number_restraints                     ? 
_refine.occupancy_min                            ? 
_refine.occupancy_max                            ? 
_refine.B_iso_mean                               21.23 
_refine.aniso_B[1][1]                            ? 
_refine.aniso_B[2][2]                            ? 
_refine.aniso_B[3][3]                            ? 
_refine.aniso_B[1][2]                            ? 
_refine.aniso_B[1][3]                            ? 
_refine.aniso_B[2][3]                            ? 
_refine.solvent_model_details                    ? 
_refine.solvent_model_param_ksol                 ? 
_refine.solvent_model_param_bsol                 ? 
_refine.pdbx_ls_cross_valid_method               ? 
_refine.details                                  ? 
_refine.pdbx_starting_model                      ? 
_refine.pdbx_method_to_determine_struct          SIRAS 
_refine.pdbx_isotropic_thermal_model             ? 
_refine.pdbx_stereochemistry_target_values       ? 
_refine.pdbx_stereochem_target_val_spec_case     ? 
_refine.pdbx_R_Free_selection_details            RANDOM 
_refine.pdbx_overall_ESU_R                       ? 
_refine.pdbx_overall_ESU_R_Free                  ? 
_refine.overall_SU_ML                            ? 
_refine.overall_SU_B                             ? 
_refine.ls_redundancy_reflns_obs                 ? 
_refine.B_iso_min                                ? 
_refine.B_iso_max                                ? 
_refine.pdbx_refine_id                           'X-RAY DIFFRACTION' 
_refine.pdbx_diffrn_id                           1 
_refine.pdbx_TLS_residual_ADP_flag               ? 
_refine.correlation_coeff_Fo_to_Fc               ? 
_refine.correlation_coeff_Fo_to_Fc_free          ? 
_refine.pdbx_solvent_vdw_probe_radii             ? 
_refine.pdbx_solvent_ion_probe_radii             ? 
_refine.pdbx_solvent_shrinkage_radii             ? 
_refine.pdbx_overall_phase_error                 ? 
_refine.overall_SU_R_Cruickshank_DPI             ? 
_refine.pdbx_overall_SU_R_free_Cruickshank_DPI   ? 
_refine.pdbx_overall_SU_R_Blow_DPI               ? 
_refine.pdbx_overall_SU_R_free_Blow_DPI          ? 
# 
_refine_hist.pdbx_refine_id                   'X-RAY DIFFRACTION' 
_refine_hist.cycle_id                         LAST 
_refine_hist.pdbx_number_atoms_protein        1333 
_refine_hist.pdbx_number_atoms_nucleic_acid   0 
_refine_hist.pdbx_number_atoms_ligand         15 
_refine_hist.number_atoms_solvent             129 
_refine_hist.number_atoms_total               1477 
_refine_hist.d_res_high                       1.8 
_refine_hist.d_res_low                        20.0 
# 
loop_
_refine_ls_restr.type 
_refine_ls_restr.dev_ideal 
_refine_ls_restr.dev_ideal_target 
_refine_ls_restr.weight 
_refine_ls_restr.number 
_refine_ls_restr.pdbx_refine_id 
_refine_ls_restr.pdbx_restraint_function 
p_bond_d            0.013 0.02  ? ? 'X-RAY DIFFRACTION' ? 
p_angle_d           0.023 0.03  ? ? 'X-RAY DIFFRACTION' ? 
p_angle_deg         ?     ?     ? ? 'X-RAY DIFFRACTION' ? 
p_planar_d          0.029 0.05  ? ? 'X-RAY DIFFRACTION' ? 
p_hb_or_metal_coord ?     ?     ? ? 'X-RAY DIFFRACTION' ? 
p_mcbond_it         1.548 2.000 ? ? 'X-RAY DIFFRACTION' ? 
p_mcangle_it        2.080 3.000 ? ? 'X-RAY DIFFRACTION' ? 
p_scbond_it         2.400 2.000 ? ? 'X-RAY DIFFRACTION' ? 
p_scangle_it        3.751 3.000 ? ? 'X-RAY DIFFRACTION' ? 
p_plane_restr       ?     ?     ? ? 'X-RAY DIFFRACTION' ? 
p_chiral_restr      ?     ?     ? ? 'X-RAY DIFFRACTION' ? 
p_singtor_nbd       ?     ?     ? ? 'X-RAY DIFFRACTION' ? 
p_multtor_nbd       ?     ?     ? ? 'X-RAY DIFFRACTION' ? 
p_xhyhbond_nbd      ?     ?     ? ? 'X-RAY DIFFRACTION' ? 
p_xyhbond_nbd       ?     ?     ? ? 'X-RAY DIFFRACTION' ? 
p_planar_tor        1.7   2.0   ? ? 'X-RAY DIFFRACTION' ? 
p_staggered_tor     15.4  15.0  ? ? 'X-RAY DIFFRACTION' ? 
p_orthonormal_tor   ?     ?     ? ? 'X-RAY DIFFRACTION' ? 
p_transverse_tor    24.4  20.0  ? ? 'X-RAY DIFFRACTION' ? 
p_special_tor       15.0  ?     ? ? 'X-RAY DIFFRACTION' ? 
# 
_struct.entry_id                  1MGT 
_struct.title                     
'CRYSTAL STRUCTURE OF O6-METHYLGUANINE-DNA METHYLTRANSFERASE FROM HYPERTHERMOPHILIC ARCHAEON PYROCOCCUS KODAKARAENSIS STRAIN KOD1' 
_struct.pdbx_model_details        ? 
_struct.pdbx_CASP_flag            ? 
_struct.pdbx_model_type_details   ? 
# 
_struct_keywords.entry_id        1MGT 
_struct_keywords.pdbx_keywords   TRANSFERASE 
_struct_keywords.text            'METHYLTRANSFERASE, DNA REPAIR PROTEIN, SUICIDAL ENZYME, HYPERTHERMOSTABILITY, TRANSFERASE' 
# 
loop_
_struct_asym.id 
_struct_asym.pdbx_blank_PDB_chainid_flag 
_struct_asym.pdbx_modified 
_struct_asym.entity_id 
_struct_asym.details 
A N N 1 ? 
B N N 2 ? 
C N N 2 ? 
D N N 2 ? 
E N N 3 ? 
# 
_struct_ref.id                         1 
_struct_ref.db_name                    UNP 
_struct_ref.db_code                    OGT_PYRKO 
_struct_ref.entity_id                  1 
_struct_ref.pdbx_db_accession          O74023 
_struct_ref.pdbx_align_begin           ? 
_struct_ref.pdbx_seq_one_letter_code   ? 
_struct_ref.pdbx_db_isoform            ? 
# 
_struct_ref_seq.align_id                      1 
_struct_ref_seq.ref_id                        1 
_struct_ref_seq.pdbx_PDB_id_code              1MGT 
_struct_ref_seq.pdbx_strand_id                A 
_struct_ref_seq.seq_align_beg                 1 
_struct_ref_seq.pdbx_seq_align_beg_ins_code   ? 
_struct_ref_seq.seq_align_end                 174 
_struct_ref_seq.pdbx_seq_align_end_ins_code   ? 
_struct_ref_seq.pdbx_db_accession             O74023 
_struct_ref_seq.db_align_beg                  1 
_struct_ref_seq.pdbx_db_align_beg_ins_code    ? 
_struct_ref_seq.db_align_end                  174 
_struct_ref_seq.pdbx_db_align_end_ins_code    ? 
_struct_ref_seq.pdbx_auth_seq_align_beg       1 
_struct_ref_seq.pdbx_auth_seq_align_end       174 
# 
_pdbx_struct_assembly.id                   1 
_pdbx_struct_assembly.details              author_defined_assembly 
_pdbx_struct_assembly.method_details       ? 
_pdbx_struct_assembly.oligomeric_details   monomeric 
_pdbx_struct_assembly.oligomeric_count     1 
# 
_pdbx_struct_assembly_gen.assembly_id       1 
_pdbx_struct_assembly_gen.oper_expression   1 
_pdbx_struct_assembly_gen.asym_id_list      A,B,C,D,E 
# 
_pdbx_struct_oper_list.id                   1 
_pdbx_struct_oper_list.type                 'identity operation' 
_pdbx_struct_oper_list.name                 1_555 
_pdbx_struct_oper_list.symmetry_operation   x,y,z 
_pdbx_struct_oper_list.matrix[1][1]         1.0000000000 
_pdbx_struct_oper_list.matrix[1][2]         0.0000000000 
_pdbx_struct_oper_list.matrix[1][3]         0.0000000000 
_pdbx_struct_oper_list.vector[1]            0.0000000000 
_pdbx_struct_oper_list.matrix[2][1]         0.0000000000 
_pdbx_struct_oper_list.matrix[2][2]         1.0000000000 
_pdbx_struct_oper_list.matrix[2][3]         0.0000000000 
_pdbx_struct_oper_list.vector[2]            0.0000000000 
_pdbx_struct_oper_list.matrix[3][1]         0.0000000000 
_pdbx_struct_oper_list.matrix[3][2]         0.0000000000 
_pdbx_struct_oper_list.matrix[3][3]         1.0000000000 
_pdbx_struct_oper_list.vector[3]            0.0000000000 
# 
_struct_biol.id   1 
# 
loop_
_struct_conf.conf_type_id 
_struct_conf.id 
_struct_conf.pdbx_PDB_helix_id 
_struct_conf.beg_label_comp_id 
_struct_conf.beg_label_asym_id 
_struct_conf.beg_label_seq_id 
_struct_conf.pdbx_beg_PDB_ins_code 
_struct_conf.end_label_comp_id 
_struct_conf.end_label_asym_id 
_struct_conf.end_label_seq_id 
_struct_conf.pdbx_end_PDB_ins_code 
_struct_conf.beg_auth_comp_id 
_struct_conf.beg_auth_asym_id 
_struct_conf.beg_auth_seq_id 
_struct_conf.end_auth_comp_id 
_struct_conf.end_auth_asym_id 
_struct_conf.end_auth_seq_id 
_struct_conf.pdbx_PDB_helix_class 
_struct_conf.details 
_struct_conf.pdbx_PDB_helix_length 
HELX_P HELX_P1 1 ARG A 33  ? ARG A 50  ? ARG A 33  ARG A 50  1 ? 18 
HELX_P HELX_P2 2 TYR A 63  ? LEU A 71  ? TYR A 63  LEU A 71  1 ? 9  
HELX_P HELX_P3 3 ASN A 77  ? GLU A 83  ? ASN A 77  GLU A 83  5 ? 7  
HELX_P HELX_P4 4 PRO A 91  ? ASN A 103 ? PRO A 91  ASN A 103 1 ? 13 
HELX_P HELX_P5 5 TYR A 112 ? ALA A 118 ? TYR A 112 ALA A 118 1 ? 7  
HELX_P HELX_P6 6 PRO A 123 ? LYS A 131 ? PRO A 123 LYS A 131 1 ? 9  
HELX_P HELX_P7 7 CYS A 141 ? ARG A 143 ? CYS A 141 ARG A 143 5 ? 3  
HELX_P HELX_P8 8 ILE A 157 ? ILE A 166 ? ILE A 157 ILE A 166 1 ? 10 
# 
_struct_conf_type.id          HELX_P 
_struct_conf_type.criteria    ? 
_struct_conf_type.reference   ? 
# 
_struct_sheet.id               A 
_struct_sheet.type             ? 
_struct_sheet.number_strands   3 
_struct_sheet.details          ? 
# 
loop_
_struct_sheet_order.sheet_id 
_struct_sheet_order.range_id_1 
_struct_sheet_order.range_id_2 
_struct_sheet_order.offset 
_struct_sheet_order.sense 
A 1 2 ? anti-parallel 
A 2 3 ? anti-parallel 
# 
loop_
_struct_sheet_range.sheet_id 
_struct_sheet_range.id 
_struct_sheet_range.beg_label_comp_id 
_struct_sheet_range.beg_label_asym_id 
_struct_sheet_range.beg_label_seq_id 
_struct_sheet_range.pdbx_beg_PDB_ins_code 
_struct_sheet_range.end_label_comp_id 
_struct_sheet_range.end_label_asym_id 
_struct_sheet_range.end_label_seq_id 
_struct_sheet_range.pdbx_end_PDB_ins_code 
_struct_sheet_range.beg_auth_comp_id 
_struct_sheet_range.beg_auth_asym_id 
_struct_sheet_range.beg_auth_seq_id 
_struct_sheet_range.end_auth_comp_id 
_struct_sheet_range.end_auth_asym_id 
_struct_sheet_range.end_auth_seq_id 
A 1 LEU A 2  ? VAL A 9  ? LEU A 2  VAL A 9  
A 2 ARG A 12 ? SER A 21 ? ARG A 12 SER A 21 
A 3 ARG A 23 ? ALA A 30 ? ARG A 23 ALA A 30 
# 
loop_
_pdbx_struct_sheet_hbond.sheet_id 
_pdbx_struct_sheet_hbond.range_id_1 
_pdbx_struct_sheet_hbond.range_id_2 
_pdbx_struct_sheet_hbond.range_1_label_atom_id 
_pdbx_struct_sheet_hbond.range_1_label_comp_id 
_pdbx_struct_sheet_hbond.range_1_label_asym_id 
_pdbx_struct_sheet_hbond.range_1_label_seq_id 
_pdbx_struct_sheet_hbond.range_1_PDB_ins_code 
_pdbx_struct_sheet_hbond.range_1_auth_atom_id 
_pdbx_struct_sheet_hbond.range_1_auth_comp_id 
_pdbx_struct_sheet_hbond.range_1_auth_asym_id 
_pdbx_struct_sheet_hbond.range_1_auth_seq_id 
_pdbx_struct_sheet_hbond.range_2_label_atom_id 
_pdbx_struct_sheet_hbond.range_2_label_comp_id 
_pdbx_struct_sheet_hbond.range_2_label_asym_id 
_pdbx_struct_sheet_hbond.range_2_label_seq_id 
_pdbx_struct_sheet_hbond.range_2_PDB_ins_code 
_pdbx_struct_sheet_hbond.range_2_auth_atom_id 
_pdbx_struct_sheet_hbond.range_2_auth_comp_id 
_pdbx_struct_sheet_hbond.range_2_auth_asym_id 
_pdbx_struct_sheet_hbond.range_2_auth_seq_id 
A 1 2 O SER A 3  ? O SER A 3  N VAL A 18 ? N VAL A 18 
A 2 3 O TRP A 15 ? O TRP A 15 N ALA A 30 ? N ALA A 30 
# 
loop_
_struct_site.id 
_struct_site.pdbx_evidence_code 
_struct_site.pdbx_auth_asym_id 
_struct_site.pdbx_auth_comp_id 
_struct_site.pdbx_auth_seq_id 
_struct_site.pdbx_auth_ins_code 
_struct_site.pdbx_num_residues 
_struct_site.details 
AC1 Software A SO4 301 ? 9 'BINDING SITE FOR RESIDUE SO4 A 301' 
AC2 Software A SO4 302 ? 5 'BINDING SITE FOR RESIDUE SO4 A 302' 
AC3 Software A SO4 303 ? 4 'BINDING SITE FOR RESIDUE SO4 A 303' 
# 
loop_
_struct_site_gen.id 
_struct_site_gen.site_id 
_struct_site_gen.pdbx_num_res 
_struct_site_gen.label_comp_id 
_struct_site_gen.label_asym_id 
_struct_site_gen.label_seq_id 
_struct_site_gen.pdbx_auth_ins_code 
_struct_site_gen.auth_comp_id 
_struct_site_gen.auth_asym_id 
_struct_site_gen.auth_seq_id 
_struct_site_gen.label_atom_id 
_struct_site_gen.label_alt_id 
_struct_site_gen.symmetry 
_struct_site_gen.details 
1  AC1 9 ARG A 8   ? ARG A 8   . ? 4_557 ? 
2  AC1 9 THR A 111 ? THR A 111 . ? 1_555 ? 
3  AC1 9 TYR A 112 ? TYR A 112 . ? 1_555 ? 
4  AC1 9 GLY A 113 ? GLY A 113 . ? 1_555 ? 
5  AC1 9 ALA A 146 ? ALA A 146 . ? 1_555 ? 
6  AC1 9 HIS A 147 ? HIS A 147 . ? 1_555 ? 
7  AC1 9 HOH E .   ? HOH A 539 . ? 1_555 ? 
8  AC1 9 HOH E .   ? HOH A 540 . ? 1_555 ? 
9  AC1 9 HOH E .   ? HOH A 600 . ? 4_557 ? 
10 AC2 5 LYS A 6   ? LYS A 6   . ? 1_555 ? 
11 AC2 5 ARG A 8   ? ARG A 8   . ? 1_555 ? 
12 AC2 5 ARG A 124 ? ARG A 124 . ? 4_457 ? 
13 AC2 5 HOH E .   ? HOH A 547 . ? 1_555 ? 
14 AC2 5 HOH E .   ? HOH A 621 . ? 1_555 ? 
15 AC3 4 HIS A 46  ? HIS A 46  . ? 1_555 ? 
16 AC3 4 ARG A 50  ? ARG A 50  . ? 1_555 ? 
17 AC3 4 ASN A 120 ? ASN A 120 . ? 2_665 ? 
18 AC3 4 ARG A 132 ? ARG A 132 . ? 1_555 ? 
# 
loop_
_pdbx_validate_rmsd_angle.id 
_pdbx_validate_rmsd_angle.PDB_model_num 
_pdbx_validate_rmsd_angle.auth_atom_id_1 
_pdbx_validate_rmsd_angle.auth_asym_id_1 
_pdbx_validate_rmsd_angle.auth_comp_id_1 
_pdbx_validate_rmsd_angle.auth_seq_id_1 
_pdbx_validate_rmsd_angle.PDB_ins_code_1 
_pdbx_validate_rmsd_angle.label_alt_id_1 
_pdbx_validate_rmsd_angle.auth_atom_id_2 
_pdbx_validate_rmsd_angle.auth_asym_id_2 
_pdbx_validate_rmsd_angle.auth_comp_id_2 
_pdbx_validate_rmsd_angle.auth_seq_id_2 
_pdbx_validate_rmsd_angle.PDB_ins_code_2 
_pdbx_validate_rmsd_angle.label_alt_id_2 
_pdbx_validate_rmsd_angle.auth_atom_id_3 
_pdbx_validate_rmsd_angle.auth_asym_id_3 
_pdbx_validate_rmsd_angle.auth_comp_id_3 
_pdbx_validate_rmsd_angle.auth_seq_id_3 
_pdbx_validate_rmsd_angle.PDB_ins_code_3 
_pdbx_validate_rmsd_angle.label_alt_id_3 
_pdbx_validate_rmsd_angle.angle_value 
_pdbx_validate_rmsd_angle.angle_target_value 
_pdbx_validate_rmsd_angle.angle_deviation 
_pdbx_validate_rmsd_angle.angle_standard_deviation 
_pdbx_validate_rmsd_angle.linker_flag 
1 1 NE A ARG 39  ? ? CZ A ARG 39  ? ? NH2 A ARG 39  ? ? 116.81 120.30 -3.49 0.50 N 
2 1 NE A ARG 143 ? ? CZ A ARG 143 ? ? NH2 A ARG 143 ? ? 117.13 120.30 -3.17 0.50 N 
# 
loop_
_pdbx_validate_torsion.id 
_pdbx_validate_torsion.PDB_model_num 
_pdbx_validate_torsion.auth_comp_id 
_pdbx_validate_torsion.auth_asym_id 
_pdbx_validate_torsion.auth_seq_id 
_pdbx_validate_torsion.PDB_ins_code 
_pdbx_validate_torsion.label_alt_id 
_pdbx_validate_torsion.phi 
_pdbx_validate_torsion.psi 
1 1 SER A 21  ? ? -157.48 77.83  
2 1 ILE A 137 ? ? 77.07   -66.16 
# 
loop_
_pdbx_unobs_or_zero_occ_residues.id 
_pdbx_unobs_or_zero_occ_residues.PDB_model_num 
_pdbx_unobs_or_zero_occ_residues.polymer_flag 
_pdbx_unobs_or_zero_occ_residues.occupancy_flag 
_pdbx_unobs_or_zero_occ_residues.auth_asym_id 
_pdbx_unobs_or_zero_occ_residues.auth_comp_id 
_pdbx_unobs_or_zero_occ_residues.auth_seq_id 
_pdbx_unobs_or_zero_occ_residues.PDB_ins_code 
_pdbx_unobs_or_zero_occ_residues.label_asym_id 
_pdbx_unobs_or_zero_occ_residues.label_comp_id 
_pdbx_unobs_or_zero_occ_residues.label_seq_id 
1 1 Y 1 A LYS 170 ? A LYS 170 
2 1 Y 1 A GLU 171 ? A GLU 171 
3 1 Y 1 A TRP 172 ? A TRP 172 
4 1 Y 1 A THR 173 ? A THR 173 
5 1 Y 1 A SER 174 ? A SER 174 
# 
loop_
_chem_comp_atom.comp_id 
_chem_comp_atom.atom_id 
_chem_comp_atom.type_symbol 
_chem_comp_atom.pdbx_aromatic_flag 
_chem_comp_atom.pdbx_stereo_config 
_chem_comp_atom.pdbx_ordinal 
ALA N    N N N 1   
ALA CA   C N S 2   
ALA C    C N N 3   
ALA O    O N N 4   
ALA CB   C N N 5   
ALA OXT  O N N 6   
ALA H    H N N 7   
ALA H2   H N N 8   
ALA HA   H N N 9   
ALA HB1  H N N 10  
ALA HB2  H N N 11  
ALA HB3  H N N 12  
ALA HXT  H N N 13  
ARG N    N N N 14  
ARG CA   C N S 15  
ARG C    C N N 16  
ARG O    O N N 17  
ARG CB   C N N 18  
ARG CG   C N N 19  
ARG CD   C N N 20  
ARG NE   N N N 21  
ARG CZ   C N N 22  
ARG NH1  N N N 23  
ARG NH2  N N N 24  
ARG OXT  O N N 25  
ARG H    H N N 26  
ARG H2   H N N 27  
ARG HA   H N N 28  
ARG HB2  H N N 29  
ARG HB3  H N N 30  
ARG HG2  H N N 31  
ARG HG3  H N N 32  
ARG HD2  H N N 33  
ARG HD3  H N N 34  
ARG HE   H N N 35  
ARG HH11 H N N 36  
ARG HH12 H N N 37  
ARG HH21 H N N 38  
ARG HH22 H N N 39  
ARG HXT  H N N 40  
ASN N    N N N 41  
ASN CA   C N S 42  
ASN C    C N N 43  
ASN O    O N N 44  
ASN CB   C N N 45  
ASN CG   C N N 46  
ASN OD1  O N N 47  
ASN ND2  N N N 48  
ASN OXT  O N N 49  
ASN H    H N N 50  
ASN H2   H N N 51  
ASN HA   H N N 52  
ASN HB2  H N N 53  
ASN HB3  H N N 54  
ASN HD21 H N N 55  
ASN HD22 H N N 56  
ASN HXT  H N N 57  
ASP N    N N N 58  
ASP CA   C N S 59  
ASP C    C N N 60  
ASP O    O N N 61  
ASP CB   C N N 62  
ASP CG   C N N 63  
ASP OD1  O N N 64  
ASP OD2  O N N 65  
ASP OXT  O N N 66  
ASP H    H N N 67  
ASP H2   H N N 68  
ASP HA   H N N 69  
ASP HB2  H N N 70  
ASP HB3  H N N 71  
ASP HD2  H N N 72  
ASP HXT  H N N 73  
CYS N    N N N 74  
CYS CA   C N R 75  
CYS C    C N N 76  
CYS O    O N N 77  
CYS CB   C N N 78  
CYS SG   S N N 79  
CYS OXT  O N N 80  
CYS H    H N N 81  
CYS H2   H N N 82  
CYS HA   H N N 83  
CYS HB2  H N N 84  
CYS HB3  H N N 85  
CYS HG   H N N 86  
CYS HXT  H N N 87  
GLN N    N N N 88  
GLN CA   C N S 89  
GLN C    C N N 90  
GLN O    O N N 91  
GLN CB   C N N 92  
GLN CG   C N N 93  
GLN CD   C N N 94  
GLN OE1  O N N 95  
GLN NE2  N N N 96  
GLN OXT  O N N 97  
GLN H    H N N 98  
GLN H2   H N N 99  
GLN HA   H N N 100 
GLN HB2  H N N 101 
GLN HB3  H N N 102 
GLN HG2  H N N 103 
GLN HG3  H N N 104 
GLN HE21 H N N 105 
GLN HE22 H N N 106 
GLN HXT  H N N 107 
GLU N    N N N 108 
GLU CA   C N S 109 
GLU C    C N N 110 
GLU O    O N N 111 
GLU CB   C N N 112 
GLU CG   C N N 113 
GLU CD   C N N 114 
GLU OE1  O N N 115 
GLU OE2  O N N 116 
GLU OXT  O N N 117 
GLU H    H N N 118 
GLU H2   H N N 119 
GLU HA   H N N 120 
GLU HB2  H N N 121 
GLU HB3  H N N 122 
GLU HG2  H N N 123 
GLU HG3  H N N 124 
GLU HE2  H N N 125 
GLU HXT  H N N 126 
GLY N    N N N 127 
GLY CA   C N N 128 
GLY C    C N N 129 
GLY O    O N N 130 
GLY OXT  O N N 131 
GLY H    H N N 132 
GLY H2   H N N 133 
GLY HA2  H N N 134 
GLY HA3  H N N 135 
GLY HXT  H N N 136 
HIS N    N N N 137 
HIS CA   C N S 138 
HIS C    C N N 139 
HIS O    O N N 140 
HIS CB   C N N 141 
HIS CG   C Y N 142 
HIS ND1  N Y N 143 
HIS CD2  C Y N 144 
HIS CE1  C Y N 145 
HIS NE2  N Y N 146 
HIS OXT  O N N 147 
HIS H    H N N 148 
HIS H2   H N N 149 
HIS HA   H N N 150 
HIS HB2  H N N 151 
HIS HB3  H N N 152 
HIS HD1  H N N 153 
HIS HD2  H N N 154 
HIS HE1  H N N 155 
HIS HE2  H N N 156 
HIS HXT  H N N 157 
HOH O    O N N 158 
HOH H1   H N N 159 
HOH H2   H N N 160 
ILE N    N N N 161 
ILE CA   C N S 162 
ILE C    C N N 163 
ILE O    O N N 164 
ILE CB   C N S 165 
ILE CG1  C N N 166 
ILE CG2  C N N 167 
ILE CD1  C N N 168 
ILE OXT  O N N 169 
ILE H    H N N 170 
ILE H2   H N N 171 
ILE HA   H N N 172 
ILE HB   H N N 173 
ILE HG12 H N N 174 
ILE HG13 H N N 175 
ILE HG21 H N N 176 
ILE HG22 H N N 177 
ILE HG23 H N N 178 
ILE HD11 H N N 179 
ILE HD12 H N N 180 
ILE HD13 H N N 181 
ILE HXT  H N N 182 
LEU N    N N N 183 
LEU CA   C N S 184 
LEU C    C N N 185 
LEU O    O N N 186 
LEU CB   C N N 187 
LEU CG   C N N 188 
LEU CD1  C N N 189 
LEU CD2  C N N 190 
LEU OXT  O N N 191 
LEU H    H N N 192 
LEU H2   H N N 193 
LEU HA   H N N 194 
LEU HB2  H N N 195 
LEU HB3  H N N 196 
LEU HG   H N N 197 
LEU HD11 H N N 198 
LEU HD12 H N N 199 
LEU HD13 H N N 200 
LEU HD21 H N N 201 
LEU HD22 H N N 202 
LEU HD23 H N N 203 
LEU HXT  H N N 204 
LYS N    N N N 205 
LYS CA   C N S 206 
LYS C    C N N 207 
LYS O    O N N 208 
LYS CB   C N N 209 
LYS CG   C N N 210 
LYS CD   C N N 211 
LYS CE   C N N 212 
LYS NZ   N N N 213 
LYS OXT  O N N 214 
LYS H    H N N 215 
LYS H2   H N N 216 
LYS HA   H N N 217 
LYS HB2  H N N 218 
LYS HB3  H N N 219 
LYS HG2  H N N 220 
LYS HG3  H N N 221 
LYS HD2  H N N 222 
LYS HD3  H N N 223 
LYS HE2  H N N 224 
LYS HE3  H N N 225 
LYS HZ1  H N N 226 
LYS HZ2  H N N 227 
LYS HZ3  H N N 228 
LYS HXT  H N N 229 
MET N    N N N 230 
MET CA   C N S 231 
MET C    C N N 232 
MET O    O N N 233 
MET CB   C N N 234 
MET CG   C N N 235 
MET SD   S N N 236 
MET CE   C N N 237 
MET OXT  O N N 238 
MET H    H N N 239 
MET H2   H N N 240 
MET HA   H N N 241 
MET HB2  H N N 242 
MET HB3  H N N 243 
MET HG2  H N N 244 
MET HG3  H N N 245 
MET HE1  H N N 246 
MET HE2  H N N 247 
MET HE3  H N N 248 
MET HXT  H N N 249 
PHE N    N N N 250 
PHE CA   C N S 251 
PHE C    C N N 252 
PHE O    O N N 253 
PHE CB   C N N 254 
PHE CG   C Y N 255 
PHE CD1  C Y N 256 
PHE CD2  C Y N 257 
PHE CE1  C Y N 258 
PHE CE2  C Y N 259 
PHE CZ   C Y N 260 
PHE OXT  O N N 261 
PHE H    H N N 262 
PHE H2   H N N 263 
PHE HA   H N N 264 
PHE HB2  H N N 265 
PHE HB3  H N N 266 
PHE HD1  H N N 267 
PHE HD2  H N N 268 
PHE HE1  H N N 269 
PHE HE2  H N N 270 
PHE HZ   H N N 271 
PHE HXT  H N N 272 
PRO N    N N N 273 
PRO CA   C N S 274 
PRO C    C N N 275 
PRO O    O N N 276 
PRO CB   C N N 277 
PRO CG   C N N 278 
PRO CD   C N N 279 
PRO OXT  O N N 280 
PRO H    H N N 281 
PRO HA   H N N 282 
PRO HB2  H N N 283 
PRO HB3  H N N 284 
PRO HG2  H N N 285 
PRO HG3  H N N 286 
PRO HD2  H N N 287 
PRO HD3  H N N 288 
PRO HXT  H N N 289 
SER N    N N N 290 
SER CA   C N S 291 
SER C    C N N 292 
SER O    O N N 293 
SER CB   C N N 294 
SER OG   O N N 295 
SER OXT  O N N 296 
SER H    H N N 297 
SER H2   H N N 298 
SER HA   H N N 299 
SER HB2  H N N 300 
SER HB3  H N N 301 
SER HG   H N N 302 
SER HXT  H N N 303 
SO4 S    S N N 304 
SO4 O1   O N N 305 
SO4 O2   O N N 306 
SO4 O3   O N N 307 
SO4 O4   O N N 308 
THR N    N N N 309 
THR CA   C N S 310 
THR C    C N N 311 
THR O    O N N 312 
THR CB   C N R 313 
THR OG1  O N N 314 
THR CG2  C N N 315 
THR OXT  O N N 316 
THR H    H N N 317 
THR H2   H N N 318 
THR HA   H N N 319 
THR HB   H N N 320 
THR HG1  H N N 321 
THR HG21 H N N 322 
THR HG22 H N N 323 
THR HG23 H N N 324 
THR HXT  H N N 325 
TRP N    N N N 326 
TRP CA   C N S 327 
TRP C    C N N 328 
TRP O    O N N 329 
TRP CB   C N N 330 
TRP CG   C Y N 331 
TRP CD1  C Y N 332 
TRP CD2  C Y N 333 
TRP NE1  N Y N 334 
TRP CE2  C Y N 335 
TRP CE3  C Y N 336 
TRP CZ2  C Y N 337 
TRP CZ3  C Y N 338 
TRP CH2  C Y N 339 
TRP OXT  O N N 340 
TRP H    H N N 341 
TRP H2   H N N 342 
TRP HA   H N N 343 
TRP HB2  H N N 344 
TRP HB3  H N N 345 
TRP HD1  H N N 346 
TRP HE1  H N N 347 
TRP HE3  H N N 348 
TRP HZ2  H N N 349 
TRP HZ3  H N N 350 
TRP HH2  H N N 351 
TRP HXT  H N N 352 
TYR N    N N N 353 
TYR CA   C N S 354 
TYR C    C N N 355 
TYR O    O N N 356 
TYR CB   C N N 357 
TYR CG   C Y N 358 
TYR CD1  C Y N 359 
TYR CD2  C Y N 360 
TYR CE1  C Y N 361 
TYR CE2  C Y N 362 
TYR CZ   C Y N 363 
TYR OH   O N N 364 
TYR OXT  O N N 365 
TYR H    H N N 366 
TYR H2   H N N 367 
TYR HA   H N N 368 
TYR HB2  H N N 369 
TYR HB3  H N N 370 
TYR HD1  H N N 371 
TYR HD2  H N N 372 
TYR HE1  H N N 373 
TYR HE2  H N N 374 
TYR HH   H N N 375 
TYR HXT  H N N 376 
VAL N    N N N 377 
VAL CA   C N S 378 
VAL C    C N N 379 
VAL O    O N N 380 
VAL CB   C N N 381 
VAL CG1  C N N 382 
VAL CG2  C N N 383 
VAL OXT  O N N 384 
VAL H    H N N 385 
VAL H2   H N N 386 
VAL HA   H N N 387 
VAL HB   H N N 388 
VAL HG11 H N N 389 
VAL HG12 H N N 390 
VAL HG13 H N N 391 
VAL HG21 H N N 392 
VAL HG22 H N N 393 
VAL HG23 H N N 394 
VAL HXT  H N N 395 
# 
loop_
_chem_comp_bond.comp_id 
_chem_comp_bond.atom_id_1 
_chem_comp_bond.atom_id_2 
_chem_comp_bond.value_order 
_chem_comp_bond.pdbx_aromatic_flag 
_chem_comp_bond.pdbx_stereo_config 
_chem_comp_bond.pdbx_ordinal 
ALA N   CA   sing N N 1   
ALA N   H    sing N N 2   
ALA N   H2   sing N N 3   
ALA CA  C    sing N N 4   
ALA CA  CB   sing N N 5   
ALA CA  HA   sing N N 6   
ALA C   O    doub N N 7   
ALA C   OXT  sing N N 8   
ALA CB  HB1  sing N N 9   
ALA CB  HB2  sing N N 10  
ALA CB  HB3  sing N N 11  
ALA OXT HXT  sing N N 12  
ARG N   CA   sing N N 13  
ARG N   H    sing N N 14  
ARG N   H2   sing N N 15  
ARG CA  C    sing N N 16  
ARG CA  CB   sing N N 17  
ARG CA  HA   sing N N 18  
ARG C   O    doub N N 19  
ARG C   OXT  sing N N 20  
ARG CB  CG   sing N N 21  
ARG CB  HB2  sing N N 22  
ARG CB  HB3  sing N N 23  
ARG CG  CD   sing N N 24  
ARG CG  HG2  sing N N 25  
ARG CG  HG3  sing N N 26  
ARG CD  NE   sing N N 27  
ARG CD  HD2  sing N N 28  
ARG CD  HD3  sing N N 29  
ARG NE  CZ   sing N N 30  
ARG NE  HE   sing N N 31  
ARG CZ  NH1  sing N N 32  
ARG CZ  NH2  doub N N 33  
ARG NH1 HH11 sing N N 34  
ARG NH1 HH12 sing N N 35  
ARG NH2 HH21 sing N N 36  
ARG NH2 HH22 sing N N 37  
ARG OXT HXT  sing N N 38  
ASN N   CA   sing N N 39  
ASN N   H    sing N N 40  
ASN N   H2   sing N N 41  
ASN CA  C    sing N N 42  
ASN CA  CB   sing N N 43  
ASN CA  HA   sing N N 44  
ASN C   O    doub N N 45  
ASN C   OXT  sing N N 46  
ASN CB  CG   sing N N 47  
ASN CB  HB2  sing N N 48  
ASN CB  HB3  sing N N 49  
ASN CG  OD1  doub N N 50  
ASN CG  ND2  sing N N 51  
ASN ND2 HD21 sing N N 52  
ASN ND2 HD22 sing N N 53  
ASN OXT HXT  sing N N 54  
ASP N   CA   sing N N 55  
ASP N   H    sing N N 56  
ASP N   H2   sing N N 57  
ASP CA  C    sing N N 58  
ASP CA  CB   sing N N 59  
ASP CA  HA   sing N N 60  
ASP C   O    doub N N 61  
ASP C   OXT  sing N N 62  
ASP CB  CG   sing N N 63  
ASP CB  HB2  sing N N 64  
ASP CB  HB3  sing N N 65  
ASP CG  OD1  doub N N 66  
ASP CG  OD2  sing N N 67  
ASP OD2 HD2  sing N N 68  
ASP OXT HXT  sing N N 69  
CYS N   CA   sing N N 70  
CYS N   H    sing N N 71  
CYS N   H2   sing N N 72  
CYS CA  C    sing N N 73  
CYS CA  CB   sing N N 74  
CYS CA  HA   sing N N 75  
CYS C   O    doub N N 76  
CYS C   OXT  sing N N 77  
CYS CB  SG   sing N N 78  
CYS CB  HB2  sing N N 79  
CYS CB  HB3  sing N N 80  
CYS SG  HG   sing N N 81  
CYS OXT HXT  sing N N 82  
GLN N   CA   sing N N 83  
GLN N   H    sing N N 84  
GLN N   H2   sing N N 85  
GLN CA  C    sing N N 86  
GLN CA  CB   sing N N 87  
GLN CA  HA   sing N N 88  
GLN C   O    doub N N 89  
GLN C   OXT  sing N N 90  
GLN CB  CG   sing N N 91  
GLN CB  HB2  sing N N 92  
GLN CB  HB3  sing N N 93  
GLN CG  CD   sing N N 94  
GLN CG  HG2  sing N N 95  
GLN CG  HG3  sing N N 96  
GLN CD  OE1  doub N N 97  
GLN CD  NE2  sing N N 98  
GLN NE2 HE21 sing N N 99  
GLN NE2 HE22 sing N N 100 
GLN OXT HXT  sing N N 101 
GLU N   CA   sing N N 102 
GLU N   H    sing N N 103 
GLU N   H2   sing N N 104 
GLU CA  C    sing N N 105 
GLU CA  CB   sing N N 106 
GLU CA  HA   sing N N 107 
GLU C   O    doub N N 108 
GLU C   OXT  sing N N 109 
GLU CB  CG   sing N N 110 
GLU CB  HB2  sing N N 111 
GLU CB  HB3  sing N N 112 
GLU CG  CD   sing N N 113 
GLU CG  HG2  sing N N 114 
GLU CG  HG3  sing N N 115 
GLU CD  OE1  doub N N 116 
GLU CD  OE2  sing N N 117 
GLU OE2 HE2  sing N N 118 
GLU OXT HXT  sing N N 119 
GLY N   CA   sing N N 120 
GLY N   H    sing N N 121 
GLY N   H2   sing N N 122 
GLY CA  C    sing N N 123 
GLY CA  HA2  sing N N 124 
GLY CA  HA3  sing N N 125 
GLY C   O    doub N N 126 
GLY C   OXT  sing N N 127 
GLY OXT HXT  sing N N 128 
HIS N   CA   sing N N 129 
HIS N   H    sing N N 130 
HIS N   H2   sing N N 131 
HIS CA  C    sing N N 132 
HIS CA  CB   sing N N 133 
HIS CA  HA   sing N N 134 
HIS C   O    doub N N 135 
HIS C   OXT  sing N N 136 
HIS CB  CG   sing N N 137 
HIS CB  HB2  sing N N 138 
HIS CB  HB3  sing N N 139 
HIS CG  ND1  sing Y N 140 
HIS CG  CD2  doub Y N 141 
HIS ND1 CE1  doub Y N 142 
HIS ND1 HD1  sing N N 143 
HIS CD2 NE2  sing Y N 144 
HIS CD2 HD2  sing N N 145 
HIS CE1 NE2  sing Y N 146 
HIS CE1 HE1  sing N N 147 
HIS NE2 HE2  sing N N 148 
HIS OXT HXT  sing N N 149 
HOH O   H1   sing N N 150 
HOH O   H2   sing N N 151 
ILE N   CA   sing N N 152 
ILE N   H    sing N N 153 
ILE N   H2   sing N N 154 
ILE CA  C    sing N N 155 
ILE CA  CB   sing N N 156 
ILE CA  HA   sing N N 157 
ILE C   O    doub N N 158 
ILE C   OXT  sing N N 159 
ILE CB  CG1  sing N N 160 
ILE CB  CG2  sing N N 161 
ILE CB  HB   sing N N 162 
ILE CG1 CD1  sing N N 163 
ILE CG1 HG12 sing N N 164 
ILE CG1 HG13 sing N N 165 
ILE CG2 HG21 sing N N 166 
ILE CG2 HG22 sing N N 167 
ILE CG2 HG23 sing N N 168 
ILE CD1 HD11 sing N N 169 
ILE CD1 HD12 sing N N 170 
ILE CD1 HD13 sing N N 171 
ILE OXT HXT  sing N N 172 
LEU N   CA   sing N N 173 
LEU N   H    sing N N 174 
LEU N   H2   sing N N 175 
LEU CA  C    sing N N 176 
LEU CA  CB   sing N N 177 
LEU CA  HA   sing N N 178 
LEU C   O    doub N N 179 
LEU C   OXT  sing N N 180 
LEU CB  CG   sing N N 181 
LEU CB  HB2  sing N N 182 
LEU CB  HB3  sing N N 183 
LEU CG  CD1  sing N N 184 
LEU CG  CD2  sing N N 185 
LEU CG  HG   sing N N 186 
LEU CD1 HD11 sing N N 187 
LEU CD1 HD12 sing N N 188 
LEU CD1 HD13 sing N N 189 
LEU CD2 HD21 sing N N 190 
LEU CD2 HD22 sing N N 191 
LEU CD2 HD23 sing N N 192 
LEU OXT HXT  sing N N 193 
LYS N   CA   sing N N 194 
LYS N   H    sing N N 195 
LYS N   H2   sing N N 196 
LYS CA  C    sing N N 197 
LYS CA  CB   sing N N 198 
LYS CA  HA   sing N N 199 
LYS C   O    doub N N 200 
LYS C   OXT  sing N N 201 
LYS CB  CG   sing N N 202 
LYS CB  HB2  sing N N 203 
LYS CB  HB3  sing N N 204 
LYS CG  CD   sing N N 205 
LYS CG  HG2  sing N N 206 
LYS CG  HG3  sing N N 207 
LYS CD  CE   sing N N 208 
LYS CD  HD2  sing N N 209 
LYS CD  HD3  sing N N 210 
LYS CE  NZ   sing N N 211 
LYS CE  HE2  sing N N 212 
LYS CE  HE3  sing N N 213 
LYS NZ  HZ1  sing N N 214 
LYS NZ  HZ2  sing N N 215 
LYS NZ  HZ3  sing N N 216 
LYS OXT HXT  sing N N 217 
MET N   CA   sing N N 218 
MET N   H    sing N N 219 
MET N   H2   sing N N 220 
MET CA  C    sing N N 221 
MET CA  CB   sing N N 222 
MET CA  HA   sing N N 223 
MET C   O    doub N N 224 
MET C   OXT  sing N N 225 
MET CB  CG   sing N N 226 
MET CB  HB2  sing N N 227 
MET CB  HB3  sing N N 228 
MET CG  SD   sing N N 229 
MET CG  HG2  sing N N 230 
MET CG  HG3  sing N N 231 
MET SD  CE   sing N N 232 
MET CE  HE1  sing N N 233 
MET CE  HE2  sing N N 234 
MET CE  HE3  sing N N 235 
MET OXT HXT  sing N N 236 
PHE N   CA   sing N N 237 
PHE N   H    sing N N 238 
PHE N   H2   sing N N 239 
PHE CA  C    sing N N 240 
PHE CA  CB   sing N N 241 
PHE CA  HA   sing N N 242 
PHE C   O    doub N N 243 
PHE C   OXT  sing N N 244 
PHE CB  CG   sing N N 245 
PHE CB  HB2  sing N N 246 
PHE CB  HB3  sing N N 247 
PHE CG  CD1  doub Y N 248 
PHE CG  CD2  sing Y N 249 
PHE CD1 CE1  sing Y N 250 
PHE CD1 HD1  sing N N 251 
PHE CD2 CE2  doub Y N 252 
PHE CD2 HD2  sing N N 253 
PHE CE1 CZ   doub Y N 254 
PHE CE1 HE1  sing N N 255 
PHE CE2 CZ   sing Y N 256 
PHE CE2 HE2  sing N N 257 
PHE CZ  HZ   sing N N 258 
PHE OXT HXT  sing N N 259 
PRO N   CA   sing N N 260 
PRO N   CD   sing N N 261 
PRO N   H    sing N N 262 
PRO CA  C    sing N N 263 
PRO CA  CB   sing N N 264 
PRO CA  HA   sing N N 265 
PRO C   O    doub N N 266 
PRO C   OXT  sing N N 267 
PRO CB  CG   sing N N 268 
PRO CB  HB2  sing N N 269 
PRO CB  HB3  sing N N 270 
PRO CG  CD   sing N N 271 
PRO CG  HG2  sing N N 272 
PRO CG  HG3  sing N N 273 
PRO CD  HD2  sing N N 274 
PRO CD  HD3  sing N N 275 
PRO OXT HXT  sing N N 276 
SER N   CA   sing N N 277 
SER N   H    sing N N 278 
SER N   H2   sing N N 279 
SER CA  C    sing N N 280 
SER CA  CB   sing N N 281 
SER CA  HA   sing N N 282 
SER C   O    doub N N 283 
SER C   OXT  sing N N 284 
SER CB  OG   sing N N 285 
SER CB  HB2  sing N N 286 
SER CB  HB3  sing N N 287 
SER OG  HG   sing N N 288 
SER OXT HXT  sing N N 289 
SO4 S   O1   doub N N 290 
SO4 S   O2   doub N N 291 
SO4 S   O3   sing N N 292 
SO4 S   O4   sing N N 293 
THR N   CA   sing N N 294 
THR N   H    sing N N 295 
THR N   H2   sing N N 296 
THR CA  C    sing N N 297 
THR CA  CB   sing N N 298 
THR CA  HA   sing N N 299 
THR C   O    doub N N 300 
THR C   OXT  sing N N 301 
THR CB  OG1  sing N N 302 
THR CB  CG2  sing N N 303 
THR CB  HB   sing N N 304 
THR OG1 HG1  sing N N 305 
THR CG2 HG21 sing N N 306 
THR CG2 HG22 sing N N 307 
THR CG2 HG23 sing N N 308 
THR OXT HXT  sing N N 309 
TRP N   CA   sing N N 310 
TRP N   H    sing N N 311 
TRP N   H2   sing N N 312 
TRP CA  C    sing N N 313 
TRP CA  CB   sing N N 314 
TRP CA  HA   sing N N 315 
TRP C   O    doub N N 316 
TRP C   OXT  sing N N 317 
TRP CB  CG   sing N N 318 
TRP CB  HB2  sing N N 319 
TRP CB  HB3  sing N N 320 
TRP CG  CD1  doub Y N 321 
TRP CG  CD2  sing Y N 322 
TRP CD1 NE1  sing Y N 323 
TRP CD1 HD1  sing N N 324 
TRP CD2 CE2  doub Y N 325 
TRP CD2 CE3  sing Y N 326 
TRP NE1 CE2  sing Y N 327 
TRP NE1 HE1  sing N N 328 
TRP CE2 CZ2  sing Y N 329 
TRP CE3 CZ3  doub Y N 330 
TRP CE3 HE3  sing N N 331 
TRP CZ2 CH2  doub Y N 332 
TRP CZ2 HZ2  sing N N 333 
TRP CZ3 CH2  sing Y N 334 
TRP CZ3 HZ3  sing N N 335 
TRP CH2 HH2  sing N N 336 
TRP OXT HXT  sing N N 337 
TYR N   CA   sing N N 338 
TYR N   H    sing N N 339 
TYR N   H2   sing N N 340 
TYR CA  C    sing N N 341 
TYR CA  CB   sing N N 342 
TYR CA  HA   sing N N 343 
TYR C   O    doub N N 344 
TYR C   OXT  sing N N 345 
TYR CB  CG   sing N N 346 
TYR CB  HB2  sing N N 347 
TYR CB  HB3  sing N N 348 
TYR CG  CD1  doub Y N 349 
TYR CG  CD2  sing Y N 350 
TYR CD1 CE1  sing Y N 351 
TYR CD1 HD1  sing N N 352 
TYR CD2 CE2  doub Y N 353 
TYR CD2 HD2  sing N N 354 
TYR CE1 CZ   doub Y N 355 
TYR CE1 HE1  sing N N 356 
TYR CE2 CZ   sing Y N 357 
TYR CE2 HE2  sing N N 358 
TYR CZ  OH   sing N N 359 
TYR OH  HH   sing N N 360 
TYR OXT HXT  sing N N 361 
VAL N   CA   sing N N 362 
VAL N   H    sing N N 363 
VAL N   H2   sing N N 364 
VAL CA  C    sing N N 365 
VAL CA  CB   sing N N 366 
VAL CA  HA   sing N N 367 
VAL C   O    doub N N 368 
VAL C   OXT  sing N N 369 
VAL CB  CG1  sing N N 370 
VAL CB  CG2  sing N N 371 
VAL CB  HB   sing N N 372 
VAL CG1 HG11 sing N N 373 
VAL CG1 HG12 sing N N 374 
VAL CG1 HG13 sing N N 375 
VAL CG2 HG21 sing N N 376 
VAL CG2 HG22 sing N N 377 
VAL CG2 HG23 sing N N 378 
VAL OXT HXT  sing N N 379 
# 
_atom_sites.entry_id                    1MGT 
_atom_sites.fract_transf_matrix[1][1]   0.00722545 
_atom_sites.fract_transf_matrix[1][2]   -0.00236138 
_atom_sites.fract_transf_matrix[1][3]   -0.01717936 
_atom_sites.fract_transf_matrix[2][1]   -0.00517749 
_atom_sites.fract_transf_matrix[2][2]   0.00976318 
_atom_sites.fract_transf_matrix[2][3]   -0.00351959 
_atom_sites.fract_transf_matrix[3][1]   0.02028522 
_atom_sites.fract_transf_matrix[3][2]   0.01317997 
_atom_sites.fract_transf_matrix[3][3]   0.00672009 
_atom_sites.fract_transf_vector[1]      0.528453 
_atom_sites.fract_transf_vector[2]      0.356998 
_atom_sites.fract_transf_vector[3]      1.041099 
# 
loop_
_atom_type.symbol 
C 
N 
O 
S 
# 
loop_
_atom_site.group_PDB 
_atom_site.id 
_atom_site.type_symbol 
_atom_site.label_atom_id 
_atom_site.label_alt_id 
_atom_site.label_comp_id 
_atom_site.label_asym_id 
_atom_site.label_entity_id 
_atom_site.label_seq_id 
_atom_site.pdbx_PDB_ins_code 
_atom_site.Cartn_x 
_atom_site.Cartn_y 
_atom_site.Cartn_z 
_atom_site.occupancy 
_atom_site.B_iso_or_equiv 
_atom_site.pdbx_formal_charge 
_atom_site.auth_seq_id 
_atom_site.auth_comp_id 
_atom_site.auth_asym_id 
_atom_site.auth_atom_id 
_atom_site.pdbx_PDB_model_num 
ATOM   1    N N   . MET A 1 1   ? 9.442   14.484  4.184   1.00 11.72 ? 1   MET A N   1 
ATOM   2    C CA  . MET A 1 1   ? 9.991   13.902  5.431   1.00 14.41 ? 1   MET A CA  1 
ATOM   3    C C   . MET A 1 1   ? 9.739   12.376  5.436   1.00 14.50 ? 1   MET A C   1 
ATOM   4    O O   . MET A 1 1   ? 8.842   11.941  4.699   1.00 13.79 ? 1   MET A O   1 
ATOM   5    C CB  . MET A 1 1   ? 9.324   14.517  6.651   1.00 18.80 ? 1   MET A CB  1 
ATOM   6    C CG  . MET A 1 1   ? 9.662   16.009  6.879   1.00 23.52 ? 1   MET A CG  1 
ATOM   7    S SD  . MET A 1 1   ? 8.679   16.628  8.271   1.00 28.17 ? 1   MET A SD  1 
ATOM   8    C CE  . MET A 1 1   ? 7.279   17.328  7.371   1.00 29.79 ? 1   MET A CE  1 
ATOM   9    N N   . LEU A 1 2   ? 10.494  11.671  6.238   1.00 11.14 ? 2   LEU A N   1 
ATOM   10   C CA  . LEU A 1 2   ? 10.360  10.210  6.344   1.00 11.27 ? 2   LEU A CA  1 
ATOM   11   C C   . LEU A 1 2   ? 10.303  9.777   7.788   1.00 12.79 ? 2   LEU A C   1 
ATOM   12   O O   . LEU A 1 2   ? 11.077  10.233  8.660   1.00 11.95 ? 2   LEU A O   1 
ATOM   13   C CB  . LEU A 1 2   ? 11.597  9.589   5.653   1.00 13.34 ? 2   LEU A CB  1 
ATOM   14   C CG  . LEU A 1 2   ? 11.769  8.068   5.834   1.00 14.27 ? 2   LEU A CG  1 
ATOM   15   C CD1 . LEU A 1 2   ? 10.654  7.323   5.108   1.00 14.68 ? 2   LEU A CD1 1 
ATOM   16   C CD2 . LEU A 1 2   ? 13.102  7.618   5.266   1.00 15.49 ? 2   LEU A CD2 1 
ATOM   17   N N   . SER A 1 3   ? 9.398   8.848   8.115   1.00 9.73  ? 3   SER A N   1 
ATOM   18   C CA  . SER A 1 3   ? 9.255   8.300   9.433   1.00 12.92 ? 3   SER A CA  1 
ATOM   19   C C   . SER A 1 3   ? 9.364   6.768   9.284   1.00 14.52 ? 3   SER A C   1 
ATOM   20   O O   . SER A 1 3   ? 8.701   6.246   8.382   1.00 13.54 ? 3   SER A O   1 
ATOM   21   C CB  . SER A 1 3   ? 7.945   8.600   10.152  1.00 14.91 ? 3   SER A CB  1 
ATOM   22   O OG  . SER A 1 3   ? 7.789   9.978   10.371  1.00 19.59 ? 3   SER A OG  1 
ATOM   23   N N   . VAL A 1 4   ? 10.186  6.164   10.114  1.00 14.02 ? 4   VAL A N   1 
ATOM   24   C CA  . VAL A 1 4   ? 10.393  4.707   10.054  1.00 15.72 ? 4   VAL A CA  1 
ATOM   25   C C   . VAL A 1 4   ? 10.189  4.119   11.441  1.00 16.87 ? 4   VAL A C   1 
ATOM   26   O O   . VAL A 1 4   ? 10.732  4.647   12.419  1.00 15.51 ? 4   VAL A O   1 
ATOM   27   C CB  . VAL A 1 4   ? 11.788  4.377   9.522   1.00 17.81 ? 4   VAL A CB  1 
ATOM   28   C CG1 . VAL A 1 4   ? 12.154  2.911   9.700   1.00 20.08 ? 4   VAL A CG1 1 
ATOM   29   C CG2 . VAL A 1 4   ? 11.903  4.726   8.029   1.00 17.86 ? 4   VAL A CG2 1 
ATOM   30   N N   . GLU A 1 5   ? 9.417   3.016   11.537  1.00 14.50 ? 5   GLU A N   1 
ATOM   31   C CA  . GLU A 1 5   ? 9.203   2.426   12.854  1.00 15.56 ? 5   GLU A CA  1 
ATOM   32   C C   . GLU A 1 5   ? 9.052   0.908   12.715  1.00 15.89 ? 5   GLU A C   1 
ATOM   33   O O   . GLU A 1 5   ? 8.594   0.413   11.687  1.00 13.74 ? 5   GLU A O   1 
ATOM   34   C CB  . GLU A 1 5   ? 7.964   3.030   13.523  1.00 17.43 ? 5   GLU A CB  1 
ATOM   35   C CG  . GLU A 1 5   ? 7.707   2.509   14.909  1.00 22.59 ? 5   GLU A CG  1 
ATOM   36   C CD  . GLU A 1 5   ? 6.637   3.229   15.690  1.00 26.39 ? 5   GLU A CD  1 
ATOM   37   O OE1 . GLU A 1 5   ? 6.124   4.270   15.239  1.00 28.87 ? 5   GLU A OE1 1 
ATOM   38   O OE2 . GLU A 1 5   ? 6.286   2.710   16.786  1.00 29.57 ? 5   GLU A OE2 1 
ATOM   39   N N   . LYS A 1 6   ? 9.501   0.205   13.741  1.00 14.27 ? 6   LYS A N   1 
ATOM   40   C CA  . LYS A 1 6   ? 9.420   -1.272  13.716  1.00 15.78 ? 6   LYS A CA  1 
ATOM   41   C C   . LYS A 1 6   ? 8.295   -1.692  14.645  1.00 15.80 ? 6   LYS A C   1 
ATOM   42   O O   . LYS A 1 6   ? 8.042   -1.028  15.664  1.00 15.84 ? 6   LYS A O   1 
ATOM   43   C CB  . LYS A 1 6   ? 10.772  -1.778  14.161  1.00 19.60 ? 6   LYS A CB  1 
ATOM   44   C CG  . LYS A 1 6   ? 10.918  -3.171  14.710  1.00 22.27 ? 6   LYS A CG  1 
ATOM   45   C CD  . LYS A 1 6   ? 12.316  -3.285  15.319  1.00 25.97 ? 6   LYS A CD  1 
ATOM   46   C CE  . LYS A 1 6   ? 12.563  -4.633  15.957  1.00 27.92 ? 6   LYS A CE  1 
ATOM   47   N NZ  . LYS A 1 6   ? 13.796  -4.535  16.806  1.00 28.84 ? 6   LYS A NZ  1 
ATOM   48   N N   . PHE A 1 7   ? 7.546   -2.727  14.265  1.00 13.37 ? 7   PHE A N   1 
ATOM   49   C CA  . PHE A 1 7   ? 6.441   -3.211  15.080  1.00 14.14 ? 7   PHE A CA  1 
ATOM   50   C C   . PHE A 1 7   ? 6.553   -4.733  15.183  1.00 15.34 ? 7   PHE A C   1 
ATOM   51   O O   . PHE A 1 7   ? 7.034   -5.391  14.252  1.00 16.92 ? 7   PHE A O   1 
ATOM   52   C CB  . PHE A 1 7   ? 5.064   -2.923  14.415  1.00 15.05 ? 7   PHE A CB  1 
ATOM   53   C CG  . PHE A 1 7   ? 4.838   -1.428  14.263  1.00 14.84 ? 7   PHE A CG  1 
ATOM   54   C CD1 . PHE A 1 7   ? 5.257   -0.766  13.127  1.00 14.09 ? 7   PHE A CD1 1 
ATOM   55   C CD2 . PHE A 1 7   ? 4.243   -0.726  15.294  1.00 14.49 ? 7   PHE A CD2 1 
ATOM   56   C CE1 . PHE A 1 7   ? 5.047   0.611   13.024  1.00 15.35 ? 7   PHE A CE1 1 
ATOM   57   C CE2 . PHE A 1 7   ? 4.046   0.641   15.196  1.00 16.35 ? 7   PHE A CE2 1 
ATOM   58   C CZ  . PHE A 1 7   ? 4.463   1.305   14.046  1.00 14.27 ? 7   PHE A CZ  1 
ATOM   59   N N   . ARG A 1 8   ? 6.082   -5.281  16.288  1.00 14.72 ? 8   ARG A N   1 
ATOM   60   C CA  . ARG A 1 8   ? 6.112   -6.736  16.431  1.00 14.94 ? 8   ARG A CA  1 
ATOM   61   C C   . ARG A 1 8   ? 4.685   -7.279  16.231  1.00 16.87 ? 8   ARG A C   1 
ATOM   62   O O   . ARG A 1 8   ? 3.711   -6.657  16.656  1.00 18.27 ? 8   ARG A O   1 
ATOM   63   C CB  . ARG A 1 8   ? 6.538   -7.101  17.855  1.00 16.52 ? 8   ARG A CB  1 
ATOM   64   C CG  . ARG A 1 8   ? 8.002   -6.807  18.118  1.00 17.09 ? 8   ARG A CG  1 
ATOM   65   C CD  . ARG A 1 8   ? 8.491   -7.432  19.446  1.00 18.39 ? 8   ARG A CD  1 
ATOM   66   N NE  . ARG A 1 8   ? 9.855   -6.921  19.668  1.00 20.05 ? 8   ARG A NE  1 
ATOM   67   C CZ  . ARG A 1 8   ? 10.938  -7.370  19.074  1.00 20.94 ? 8   ARG A CZ  1 
ATOM   68   N NH1 . ARG A 1 8   ? 10.923  -8.377  18.208  1.00 19.17 ? 8   ARG A NH1 1 
ATOM   69   N NH2 . ARG A 1 8   ? 12.108  -6.781  19.354  1.00 20.34 ? 8   ARG A NH2 1 
ATOM   70   N N   . VAL A 1 9   ? 4.572   -8.395  15.558  1.00 15.80 ? 9   VAL A N   1 
ATOM   71   C CA  . VAL A 1 9   ? 3.274   -9.078  15.362  1.00 16.93 ? 9   VAL A CA  1 
ATOM   72   C C   . VAL A 1 9   ? 3.629   -10.525 15.741  1.00 14.85 ? 9   VAL A C   1 
ATOM   73   O O   . VAL A 1 9   ? 4.053   -11.306 14.914  1.00 17.04 ? 9   VAL A O   1 
ATOM   74   C CB  . VAL A 1 9   ? 2.657   -8.986  13.989  1.00 17.60 ? 9   VAL A CB  1 
ATOM   75   C CG1 . VAL A 1 9   ? 1.290   -9.715  14.002  1.00 18.99 ? 9   VAL A CG1 1 
ATOM   76   C CG2 . VAL A 1 9   ? 2.433   -7.534  13.572  1.00 19.82 ? 9   VAL A CG2 1 
ATOM   77   N N   . GLY A 1 10  ? 3.569   -10.789 17.047  1.00 15.40 ? 10  GLY A N   1 
ATOM   78   C CA  . GLY A 1 10  ? 3.962   -12.125 17.526  1.00 14.76 ? 10  GLY A CA  1 
ATOM   79   C C   . GLY A 1 10  ? 5.473   -12.264 17.262  1.00 16.12 ? 10  GLY A C   1 
ATOM   80   O O   . GLY A 1 10  ? 6.246   -11.393 17.692  1.00 15.36 ? 10  GLY A O   1 
ATOM   81   N N   . GLU A 1 11  ? 5.903   -13.344 16.656  1.00 15.50 ? 11  GLU A N   1 
ATOM   82   C CA  . GLU A 1 11  ? 7.293   -13.596 16.377  1.00 17.62 ? 11  GLU A CA  1 
ATOM   83   C C   . GLU A 1 11  ? 7.821   -12.890 15.137  1.00 16.59 ? 11  GLU A C   1 
ATOM   84   O O   . GLU A 1 11  ? 9.002   -13.027 14.817  1.00 17.39 ? 11  GLU A O   1 
ATOM   85   C CB  . GLU A 1 11  ? 7.567   -15.103 16.259  1.00 21.31 ? 11  GLU A CB  1 
ATOM   86   C CG  . GLU A 1 11  ? 6.897   -15.744 15.056  1.00 24.71 ? 11  GLU A CG  1 
ATOM   87   C CD  . GLU A 1 11  ? 5.483   -16.225 15.298  1.00 27.74 ? 11  GLU A CD  1 
ATOM   88   O OE1 . GLU A 1 11  ? 5.132   -17.260 14.668  1.00 30.75 ? 11  GLU A OE1 1 
ATOM   89   O OE2 . GLU A 1 11  ? 4.686   -15.650 16.070  1.00 26.62 ? 11  GLU A OE2 1 
ATOM   90   N N   . ARG A 1 12  ? 6.964   -12.208 14.399  1.00 15.53 ? 12  ARG A N   1 
ATOM   91   C CA  . ARG A 1 12  ? 7.442   -11.512 13.194  1.00 17.05 ? 12  ARG A CA  1 
ATOM   92   C C   . ARG A 1 12  ? 7.711   -10.046 13.520  1.00 16.49 ? 12  ARG A C   1 
ATOM   93   O O   . ARG A 1 12  ? 7.152   -9.496  14.465  1.00 15.97 ? 12  ARG A O   1 
ATOM   94   C CB  . ARG A 1 12  ? 6.403   -11.587 12.070  1.00 19.94 ? 12  ARG A CB  1 
ATOM   95   C CG  . ARG A 1 12  ? 5.961   -13.023 11.777  1.00 26.16 ? 12  ARG A CG  1 
ATOM   96   C CD  . ARG A 1 12  ? 5.519   -13.140 10.312  1.00 30.53 ? 12  ARG A CD  1 
ATOM   97   N NE  . ARG A 1 12  ? 6.679   -13.057 9.434   1.00 36.17 ? 12  ARG A NE  1 
ATOM   98   C CZ  . ARG A 1 12  ? 6.804   -13.624 8.239   1.00 38.04 ? 12  ARG A CZ  1 
ATOM   99   N NH1 . ARG A 1 12  ? 5.821   -14.358 7.731   1.00 39.09 ? 12  ARG A NH1 1 
ATOM   100  N NH2 . ARG A 1 12  ? 7.933   -13.440 7.558   1.00 39.18 ? 12  ARG A NH2 1 
ATOM   101  N N   . VAL A 1 13  ? 8.559   -9.437  12.694  1.00 15.53 ? 13  VAL A N   1 
ATOM   102  C CA  . VAL A 1 13  ? 8.861   -8.019  12.901  1.00 15.11 ? 13  VAL A CA  1 
ATOM   103  C C   . VAL A 1 13  ? 8.483   -7.330  11.582  1.00 13.82 ? 13  VAL A C   1 
ATOM   104  O O   . VAL A 1 13  ? 8.818   -7.916  10.552  1.00 16.05 ? 13  VAL A O   1 
ATOM   105  C CB  . VAL A 1 13  ? 10.333  -7.770  13.229  1.00 17.00 ? 13  VAL A CB  1 
ATOM   106  C CG1 . VAL A 1 13  ? 10.660  -6.294  13.153  1.00 19.76 ? 13  VAL A CG1 1 
ATOM   107  C CG2 . VAL A 1 13  ? 10.624  -8.247  14.674  1.00 18.15 ? 13  VAL A CG2 1 
ATOM   108  N N   . VAL A 1 14  ? 7.754   -6.253  11.642  1.00 12.58 ? 14  VAL A N   1 
ATOM   109  C CA  . VAL A 1 14  ? 7.381   -5.536  10.423  1.00 13.84 ? 14  VAL A CA  1 
ATOM   110  C C   . VAL A 1 14  ? 7.908   -4.088  10.539  1.00 12.16 ? 14  VAL A C   1 
ATOM   111  O O   . VAL A 1 14  ? 7.609   -3.426  11.525  1.00 13.36 ? 14  VAL A O   1 
ATOM   112  C CB  . VAL A 1 14  ? 5.849   -5.451  10.243  1.00 16.19 ? 14  VAL A CB  1 
ATOM   113  C CG1 . VAL A 1 14  ? 5.484   -4.638  9.020   1.00 19.23 ? 14  VAL A CG1 1 
ATOM   114  C CG2 . VAL A 1 14  ? 5.270   -6.873  10.076  1.00 19.90 ? 14  VAL A CG2 1 
ATOM   115  N N   . TRP A 1 15  ? 8.617   -3.641  9.522   1.00 11.36 ? 15  TRP A N   1 
ATOM   116  C CA  . TRP A 1 15  ? 9.136   -2.269  9.491   1.00 11.51 ? 15  TRP A CA  1 
ATOM   117  C C   . TRP A 1 15  ? 8.223   -1.446  8.573   1.00 11.88 ? 15  TRP A C   1 
ATOM   118  O O   . TRP A 1 15  ? 7.927   -1.941  7.481   1.00 11.94 ? 15  TRP A O   1 
ATOM   119  C CB  . TRP A 1 15  ? 10.543  -2.294  8.853   1.00 13.58 ? 15  TRP A CB  1 
ATOM   120  C CG  . TRP A 1 15  ? 11.577  -2.795  9.827   1.00 15.89 ? 15  TRP A CG  1 
ATOM   121  C CD1 . TRP A 1 15  ? 11.933  -4.077  10.087  1.00 17.04 ? 15  TRP A CD1 1 
ATOM   122  C CD2 . TRP A 1 15  ? 12.376  -1.962  10.676  1.00 16.18 ? 15  TRP A CD2 1 
ATOM   123  N NE1 . TRP A 1 15  ? 12.908  -4.105  11.059  1.00 18.20 ? 15  TRP A NE1 1 
ATOM   124  C CE2 . TRP A 1 15  ? 13.203  -2.823  11.432  1.00 17.52 ? 15  TRP A CE2 1 
ATOM   125  C CE3 . TRP A 1 15  ? 12.456  -0.579  10.863  1.00 16.11 ? 15  TRP A CE3 1 
ATOM   126  C CZ2 . TRP A 1 15  ? 14.115  -2.330  12.361  1.00 17.80 ? 15  TRP A CZ2 1 
ATOM   127  C CZ3 . TRP A 1 15  ? 13.371  -0.098  11.798  1.00 18.37 ? 15  TRP A CZ3 1 
ATOM   128  C CH2 . TRP A 1 15  ? 14.179  -0.981  12.531  1.00 16.87 ? 15  TRP A CH2 1 
ATOM   129  N N   . ILE A 1 16  ? 7.797   -0.277  8.990   1.00 10.91 ? 16  ILE A N   1 
ATOM   130  C CA  . ILE A 1 16  ? 6.922   0.544   8.149   1.00 10.95 ? 16  ILE A CA  1 
ATOM   131  C C   . ILE A 1 16  ? 7.589   1.919   7.944   1.00 12.61 ? 16  ILE A C   1 
ATOM   132  O O   . ILE A 1 16  ? 8.065   2.486   8.926   1.00 13.23 ? 16  ILE A O   1 
ATOM   133  C CB  . ILE A 1 16  ? 5.539   0.694   8.787   1.00 12.07 ? 16  ILE A CB  1 
ATOM   134  C CG1 . ILE A 1 16  ? 4.790   -0.666  8.812   1.00 12.42 ? 16  ILE A CG1 1 
ATOM   135  C CG2 . ILE A 1 16  ? 4.678   1.703   8.032   1.00 12.29 ? 16  ILE A CG2 1 
ATOM   136  C CD1 . ILE A 1 16  ? 3.504   -0.582  9.645   1.00 12.29 ? 16  ILE A CD1 1 
ATOM   137  N N   . GLY A 1 17  ? 7.591   2.389   6.695   1.00 11.46 ? 17  GLY A N   1 
ATOM   138  C CA  . GLY A 1 17  ? 8.217   3.695   6.414   1.00 10.40 ? 17  GLY A CA  1 
ATOM   139  C C   . GLY A 1 17  ? 7.141   4.563   5.759   1.00 11.23 ? 17  GLY A C   1 
ATOM   140  O O   . GLY A 1 17  ? 6.390   4.036   4.933   1.00 11.52 ? 17  GLY A O   1 
ATOM   141  N N   . VAL A 1 18  ? 7.021   5.820   6.139   1.00 9.51  ? 18  VAL A N   1 
ATOM   142  C CA  . VAL A 1 18  ? 6.025   6.711   5.568   1.00 9.64  ? 18  VAL A CA  1 
ATOM   143  C C   . VAL A 1 18  ? 6.711   8.019   5.102   1.00 11.21 ? 18  VAL A C   1 
ATOM   144  O O   . VAL A 1 18  ? 7.426   8.628   5.898   1.00 12.04 ? 18  VAL A O   1 
ATOM   145  C CB  . VAL A 1 18  ? 4.920   7.072   6.576   1.00 9.91  ? 18  VAL A CB  1 
ATOM   146  C CG1 . VAL A 1 18  ? 3.873   7.986   5.917   1.00 10.92 ? 18  VAL A CG1 1 
ATOM   147  C CG2 . VAL A 1 18  ? 4.203   5.822   7.113   1.00 10.65 ? 18  VAL A CG2 1 
ATOM   148  N N   . ILE A 1 19  ? 6.543   8.313   3.837   1.00 10.86 ? 19  ILE A N   1 
ATOM   149  C CA  . ILE A 1 19  ? 7.084   9.553   3.260   1.00 10.47 ? 19  ILE A CA  1 
ATOM   150  C C   . ILE A 1 19  ? 5.923   10.528  3.375   1.00 12.38 ? 19  ILE A C   1 
ATOM   151  O O   . ILE A 1 19  ? 4.785   10.195  2.972   1.00 10.50 ? 19  ILE A O   1 
ATOM   152  C CB  . ILE A 1 19  ? 7.476   9.370   1.801   1.00 10.08 ? 19  ILE A CB  1 
ATOM   153  C CG1 . ILE A 1 19  ? 8.515   8.232   1.656   1.00 11.07 ? 19  ILE A CG1 1 
ATOM   154  C CG2 . ILE A 1 19  ? 7.977   10.703  1.257   1.00 11.53 ? 19  ILE A CG2 1 
ATOM   155  C CD1 . ILE A 1 19  ? 8.900   7.974   0.195   1.00 13.08 ? 19  ILE A CD1 1 
ATOM   156  N N   . PHE A 1 20  ? 6.135   11.717  3.932   1.00 10.51 ? 20  PHE A N   1 
ATOM   157  C CA  . PHE A 1 20  ? 5.004   12.629  4.075   1.00 9.70  ? 20  PHE A CA  1 
ATOM   158  C C   . PHE A 1 20  ? 5.474   14.087  4.039   1.00 13.52 ? 20  PHE A C   1 
ATOM   159  O O   . PHE A 1 20  ? 6.653   14.363  4.268   1.00 11.38 ? 20  PHE A O   1 
ATOM   160  C CB  . PHE A 1 20  ? 4.292   12.411  5.416   1.00 12.41 ? 20  PHE A CB  1 
ATOM   161  C CG  . PHE A 1 20  ? 5.131   12.668  6.640   1.00 14.19 ? 20  PHE A CG  1 
ATOM   162  C CD1 . PHE A 1 20  ? 4.998   13.891  7.313   1.00 17.01 ? 20  PHE A CD1 1 
ATOM   163  C CD2 . PHE A 1 20  ? 6.013   11.738  7.118   1.00 13.93 ? 20  PHE A CD2 1 
ATOM   164  C CE1 . PHE A 1 20  ? 5.764   14.148  8.443   1.00 17.33 ? 20  PHE A CE1 1 
ATOM   165  C CE2 . PHE A 1 20  ? 6.790   11.994  8.239   1.00 15.20 ? 20  PHE A CE2 1 
ATOM   166  C CZ  . PHE A 1 20  ? 6.656   13.202  8.915   1.00 15.64 ? 20  PHE A CZ  1 
ATOM   167  N N   . SER A 1 21  ? 4.540   14.941  3.740   1.00 13.80 ? 21  SER A N   1 
ATOM   168  C CA  . SER A 1 21  ? 4.785   16.394  3.676   1.00 17.81 ? 21  SER A CA  1 
ATOM   169  C C   . SER A 1 21  ? 3.411   17.029  3.873   1.00 20.40 ? 21  SER A C   1 
ATOM   170  O O   . SER A 1 21  ? 2.769   17.327  2.848   1.00 23.67 ? 21  SER A O   1 
ATOM   171  C CB  . SER A 1 21  ? 5.306   16.746  2.287   1.00 21.42 ? 21  SER A CB  1 
ATOM   172  O OG  . SER A 1 21  ? 5.567   18.137  2.199   1.00 25.31 ? 21  SER A OG  1 
ATOM   173  N N   . GLY A 1 22  ? 2.904   17.096  5.076   1.00 20.39 ? 22  GLY A N   1 
ATOM   174  C CA  . GLY A 1 22  ? 1.529   17.713  5.158   1.00 23.03 ? 22  GLY A CA  1 
ATOM   175  C C   . GLY A 1 22  ? 0.489   16.586  5.186   1.00 24.10 ? 22  GLY A C   1 
ATOM   176  O O   . GLY A 1 22  ? -0.390  16.569  6.054   1.00 27.86 ? 22  GLY A O   1 
ATOM   177  N N   . ARG A 1 23  ? 0.552   15.696  4.221   1.00 21.05 ? 23  ARG A N   1 
ATOM   178  C CA  . ARG A 1 23  ? -0.305  14.521  4.074   1.00 19.41 ? 23  ARG A CA  1 
ATOM   179  C C   . ARG A 1 23  ? 0.639   13.401  3.587   1.00 17.08 ? 23  ARG A C   1 
ATOM   180  O O   . ARG A 1 23  ? 1.791   13.691  3.229   1.00 15.10 ? 23  ARG A O   1 
ATOM   181  C CB  . ARG A 1 23  ? -1.468  14.740  3.134   1.00 21.15 ? 23  ARG A CB  1 
ATOM   182  C CG  . ARG A 1 23  ? -2.723  15.332  3.778   1.00 26.13 ? 23  ARG A CG  1 
ATOM   183  C CD  . ARG A 1 23  ? -3.878  15.342  2.754   1.00 29.30 ? 23  ARG A CD  1 
ATOM   184  N NE  . ARG A 1 23  ? -3.434  16.060  1.562   1.00 34.36 ? 23  ARG A NE  1 
ATOM   185  C CZ  . ARG A 1 23  ? -4.116  16.321  0.459   1.00 36.18 ? 23  ARG A CZ  1 
ATOM   186  N NH1 . ARG A 1 23  ? -5.370  15.916  0.306   1.00 37.34 ? 23  ARG A NH1 1 
ATOM   187  N NH2 . ARG A 1 23  ? -3.534  17.006  -0.529  1.00 36.43 ? 23  ARG A NH2 1 
ATOM   188  N N   . VAL A 1 24  ? 0.180   12.163  3.571   1.00 12.89 ? 24  VAL A N   1 
ATOM   189  C CA  . VAL A 1 24  ? 1.020   11.052  3.128   1.00 11.90 ? 24  VAL A CA  1 
ATOM   190  C C   . VAL A 1 24  ? 1.293   11.038  1.647   1.00 12.03 ? 24  VAL A C   1 
ATOM   191  O O   . VAL A 1 24  ? 0.440   11.153  0.777   1.00 12.80 ? 24  VAL A O   1 
ATOM   192  C CB  . VAL A 1 24  ? 0.390   9.716   3.590   1.00 10.83 ? 24  VAL A CB  1 
ATOM   193  C CG1 . VAL A 1 24  ? 1.177   8.534   3.034   1.00 13.59 ? 24  VAL A CG1 1 
ATOM   194  C CG2 . VAL A 1 24  ? 0.271   9.661   5.106   1.00 12.78 ? 24  VAL A CG2 1 
ATOM   195  N N   . GLN A 1 25  ? 2.575   10.861  1.280   1.00 9.36  ? 25  GLN A N   1 
ATOM   196  C CA  . GLN A 1 25  ? 3.029   10.800  -0.078  1.00 9.31  ? 25  GLN A CA  1 
ATOM   197  C C   . GLN A 1 25  ? 3.380   9.360   -0.477  1.00 7.44  ? 25  GLN A C   1 
ATOM   198  O O   . GLN A 1 25  ? 3.373   9.015   -1.655  1.00 10.02 ? 25  GLN A O   1 
ATOM   199  C CB  . GLN A 1 25  ? 4.325   11.651  -0.237  1.00 11.21 ? 25  GLN A CB  1 
ATOM   200  C CG  . GLN A 1 25  ? 4.029   13.157  -0.103  1.00 13.88 ? 25  GLN A CG  1 
ATOM   201  C CD  . GLN A 1 25  ? 5.314   13.973  -0.205  1.00 14.70 ? 25  GLN A CD  1 
ATOM   202  O OE1 . GLN A 1 25  ? 6.213   13.736  0.590   1.00 13.86 ? 25  GLN A OE1 1 
ATOM   203  N NE2 . GLN A 1 25  ? 5.409   14.898  -1.160  1.00 15.87 ? 25  GLN A NE2 1 
ATOM   204  N N   . GLY A 1 26  ? 3.775   8.555   0.521   1.00 8.34  ? 26  GLY A N   1 
ATOM   205  C CA  . GLY A 1 26  ? 4.140   7.167   0.135   1.00 8.68  ? 26  GLY A CA  1 
ATOM   206  C C   . GLY A 1 26  ? 4.329   6.318   1.370   1.00 9.88  ? 26  GLY A C   1 
ATOM   207  O O   . GLY A 1 26  ? 4.658   6.806   2.465   1.00 10.35 ? 26  GLY A O   1 
ATOM   208  N N   . ILE A 1 27  ? 4.099   5.011   1.201   1.00 7.66  ? 27  ILE A N   1 
ATOM   209  C CA  . ILE A 1 27  ? 4.254   4.067   2.303   1.00 9.80  ? 27  ILE A CA  1 
ATOM   210  C C   . ILE A 1 27  ? 4.990   2.842   1.785   1.00 9.35  ? 27  ILE A C   1 
ATOM   211  O O   . ILE A 1 27  ? 4.784   2.465   0.629   1.00 10.75 ? 27  ILE A O   1 
ATOM   212  C CB  . ILE A 1 27  ? 2.866   3.528   2.773   1.00 11.39 ? 27  ILE A CB  1 
ATOM   213  C CG1 . ILE A 1 27  ? 2.007   4.666   3.301   1.00 13.59 ? 27  ILE A CG1 1 
ATOM   214  C CG2 . ILE A 1 27  ? 3.037   2.423   3.812   1.00 10.81 ? 27  ILE A CG2 1 
ATOM   215  C CD1 . ILE A 1 27  ? 0.524   4.346   3.444   1.00 14.65 ? 27  ILE A CD1 1 
ATOM   216  N N   . ALA A 1 28  ? 5.862   2.264   2.626   1.00 10.13 ? 28  ALA A N   1 
ATOM   217  C CA  . ALA A 1 28  ? 6.552   1.046   2.242   1.00 9.75  ? 28  ALA A CA  1 
ATOM   218  C C   . ALA A 1 28  ? 6.629   0.172   3.513   1.00 9.86  ? 28  ALA A C   1 
ATOM   219  O O   . ALA A 1 28  ? 6.536   0.660   4.620   1.00 11.33 ? 28  ALA A O   1 
ATOM   220  C CB  . ALA A 1 28  ? 7.950   1.232   1.687   1.00 9.66  ? 28  ALA A CB  1 
ATOM   221  N N   . PHE A 1 29  ? 6.817   -1.139  3.314   1.00 10.45 ? 29  PHE A N   1 
ATOM   222  C CA  . PHE A 1 29  ? 6.937   -2.002  4.490   1.00 11.88 ? 29  PHE A CA  1 
ATOM   223  C C   . PHE A 1 29  ? 7.815   -3.195  4.100   1.00 11.53 ? 29  PHE A C   1 
ATOM   224  O O   . PHE A 1 29  ? 7.966   -3.499  2.925   1.00 11.25 ? 29  PHE A O   1 
ATOM   225  C CB  . PHE A 1 29  ? 5.643   -2.455  5.093   1.00 12.83 ? 29  PHE A CB  1 
ATOM   226  C CG  . PHE A 1 29  ? 4.920   -3.550  4.361   1.00 14.37 ? 29  PHE A CG  1 
ATOM   227  C CD1 . PHE A 1 29  ? 4.951   -4.846  4.847   1.00 17.89 ? 29  PHE A CD1 1 
ATOM   228  C CD2 . PHE A 1 29  ? 4.224   -3.269  3.198   1.00 15.71 ? 29  PHE A CD2 1 
ATOM   229  C CE1 . PHE A 1 29  ? 4.268   -5.870  4.190   1.00 18.33 ? 29  PHE A CE1 1 
ATOM   230  C CE2 . PHE A 1 29  ? 3.543   -4.293  2.542   1.00 17.88 ? 29  PHE A CE2 1 
ATOM   231  C CZ  . PHE A 1 29  ? 3.579   -5.575  3.042   1.00 18.25 ? 29  PHE A CZ  1 
ATOM   232  N N   . ALA A 1 30  ? 8.386   -3.821  5.131   1.00 11.30 ? 30  ALA A N   1 
ATOM   233  C CA  . ALA A 1 30  ? 9.259   -4.969  4.836   1.00 12.05 ? 30  ALA A CA  1 
ATOM   234  C C   . ALA A 1 30  ? 9.512   -5.676  6.181   1.00 12.93 ? 30  ALA A C   1 
ATOM   235  O O   . ALA A 1 30  ? 9.122   -5.158  7.233   1.00 14.37 ? 30  ALA A O   1 
ATOM   236  C CB  . ALA A 1 30  ? 10.581  -4.484  4.262   1.00 13.31 ? 30  ALA A CB  1 
ATOM   237  N N   . PHE A 1 31  ? 10.181  -6.813  6.115   1.00 13.21 ? 31  PHE A N   1 
ATOM   238  C CA  . PHE A 1 31  ? 10.469  -7.530  7.376   1.00 13.76 ? 31  PHE A CA  1 
ATOM   239  C C   . PHE A 1 31  ? 11.832  -7.193  7.942   1.00 16.32 ? 31  PHE A C   1 
ATOM   240  O O   . PHE A 1 31  ? 12.211  -7.766  8.980   1.00 15.98 ? 31  PHE A O   1 
ATOM   241  C CB  . PHE A 1 31  ? 10.383  -9.030  7.106   1.00 16.60 ? 31  PHE A CB  1 
ATOM   242  C CG  . PHE A 1 31  ? 9.024   -9.480  6.645   1.00 16.19 ? 31  PHE A CG  1 
ATOM   243  C CD1 . PHE A 1 31  ? 8.903   -10.230 5.487   1.00 18.90 ? 31  PHE A CD1 1 
ATOM   244  C CD2 . PHE A 1 31  ? 7.909   -9.172  7.401   1.00 17.97 ? 31  PHE A CD2 1 
ATOM   245  C CE1 . PHE A 1 31  ? 7.633   -10.657 5.084   1.00 21.54 ? 31  PHE A CE1 1 
ATOM   246  C CE2 . PHE A 1 31  ? 6.647   -9.599  7.000   1.00 20.34 ? 31  PHE A CE2 1 
ATOM   247  C CZ  . PHE A 1 31  ? 6.533   -10.344 5.843   1.00 20.55 ? 31  PHE A CZ  1 
ATOM   248  N N   . ASP A 1 32  ? 12.578  -6.295  7.298   1.00 14.95 ? 32  ASP A N   1 
ATOM   249  C CA  . ASP A 1 32  ? 13.905  -5.918  7.825   1.00 16.44 ? 32  ASP A CA  1 
ATOM   250  C C   . ASP A 1 32  ? 14.154  -4.469  7.394   1.00 17.25 ? 32  ASP A C   1 
ATOM   251  O O   . ASP A 1 32  ? 13.577  -4.033  6.392   1.00 15.77 ? 32  ASP A O   1 
ATOM   252  C CB  . ASP A 1 32  ? 14.979  -6.873  7.377   1.00 17.05 ? 32  ASP A CB  1 
ATOM   253  C CG  . ASP A 1 32  ? 15.288  -6.816  5.896   1.00 20.57 ? 32  ASP A CG  1 
ATOM   254  O OD1 . ASP A 1 32  ? 14.708  -7.620  5.148   1.00 22.90 ? 32  ASP A OD1 1 
ATOM   255  O OD2 . ASP A 1 32  ? 16.113  -5.965  5.493   1.00 20.74 ? 32  ASP A OD2 1 
ATOM   256  N N   . ARG A 1 33  ? 14.959  -3.726  8.134   1.00 16.41 ? 33  ARG A N   1 
ATOM   257  C CA  . ARG A 1 33  ? 15.168  -2.308  7.795   1.00 17.77 ? 33  ARG A CA  1 
ATOM   258  C C   . ARG A 1 33  ? 15.868  -2.061  6.487   1.00 16.56 ? 33  ARG A C   1 
ATOM   259  O O   . ARG A 1 33  ? 15.561  -1.079  5.787   1.00 15.66 ? 33  ARG A O   1 
ATOM   260  C CB  . ARG A 1 33  ? 15.873  -1.611  8.982   1.00 19.61 ? 33  ARG A CB  1 
ATOM   261  C CG  . ARG A 1 33  ? 15.977  -0.109  8.829   1.00 25.92 ? 33  ARG A CG  1 
ATOM   262  C CD  . ARG A 1 33  ? 16.724  0.576   9.971   1.00 29.99 ? 33  ARG A CD  1 
ATOM   263  N NE  . ARG A 1 33  ? 16.427  2.013   9.980   1.00 34.48 ? 33  ARG A NE  1 
ATOM   264  C CZ  . ARG A 1 33  ? 16.945  2.918   9.164   1.00 36.86 ? 33  ARG A CZ  1 
ATOM   265  N NH1 . ARG A 1 33  ? 17.829  2.613   8.220   1.00 36.57 ? 33  ARG A NH1 1 
ATOM   266  N NH2 . ARG A 1 33  ? 16.566  4.195   9.288   1.00 39.36 ? 33  ARG A NH2 1 
ATOM   267  N N   . GLY A 1 34  ? 16.816  -2.909  6.088   1.00 15.79 ? 34  GLY A N   1 
ATOM   268  C CA  . GLY A 1 34  ? 17.548  -2.726  4.828   1.00 15.95 ? 34  GLY A CA  1 
ATOM   269  C C   . GLY A 1 34  ? 16.603  -2.826  3.633   1.00 16.83 ? 34  GLY A C   1 
ATOM   270  O O   . GLY A 1 34  ? 16.658  -2.056  2.692   1.00 14.14 ? 34  GLY A O   1 
ATOM   271  N N   . THR A 1 35  ? 15.713  -3.838  3.677   1.00 15.02 ? 35  THR A N   1 
ATOM   272  C CA  . THR A 1 35  ? 14.762  -4.013  2.578   1.00 13.38 ? 35  THR A CA  1 
ATOM   273  C C   . THR A 1 35  ? 13.800  -2.832  2.565   1.00 11.90 ? 35  THR A C   1 
ATOM   274  O O   . THR A 1 35  ? 13.458  -2.336  1.489   1.00 13.75 ? 35  THR A O   1 
ATOM   275  C CB  . THR A 1 35  ? 14.014  -5.355  2.724   1.00 15.10 ? 35  THR A CB  1 
ATOM   276  O OG1 . THR A 1 35  ? 15.037  -6.390  2.636   1.00 15.87 ? 35  THR A OG1 1 
ATOM   277  C CG2 . THR A 1 35  ? 13.038  -5.545  1.572   1.00 14.09 ? 35  THR A CG2 1 
ATOM   278  N N   . LEU A 1 36  ? 13.394  -2.380  3.731   1.00 11.43 ? 36  LEU A N   1 
ATOM   279  C CA  . LEU A 1 36  ? 12.499  -1.244  3.827   1.00 12.51 ? 36  LEU A CA  1 
ATOM   280  C C   . LEU A 1 36  ? 13.145  -0.032  3.152   1.00 13.86 ? 36  LEU A C   1 
ATOM   281  O O   . LEU A 1 36  ? 12.501  0.625   2.357   1.00 11.05 ? 36  LEU A O   1 
ATOM   282  C CB  . LEU A 1 36  ? 12.198  -0.840  5.280   1.00 14.23 ? 36  LEU A CB  1 
ATOM   283  C CG  . LEU A 1 36  ? 11.341  0.445   5.372   1.00 15.60 ? 36  LEU A CG  1 
ATOM   284  C CD1 . LEU A 1 36  ? 9.895   0.100   4.977   1.00 17.44 ? 36  LEU A CD1 1 
ATOM   285  C CD2 . LEU A 1 36  ? 11.352  1.080   6.733   1.00 15.77 ? 36  LEU A CD2 1 
ATOM   286  N N   . MET A 1 37  ? 14.432  0.214   3.464   1.00 13.78 ? 37  MET A N   1 
ATOM   287  C CA  . MET A 1 37  ? 15.080  1.387   2.843   1.00 14.72 ? 37  MET A CA  1 
ATOM   288  C C   . MET A 1 37  ? 15.194  1.299   1.348   1.00 13.64 ? 37  MET A C   1 
ATOM   289  O O   . MET A 1 37  ? 15.057  2.313   0.619   1.00 12.36 ? 37  MET A O   1 
ATOM   290  C CB  . MET A 1 37  ? 16.398  1.663   3.565   1.00 17.06 ? 37  MET A CB  1 
ATOM   291  C CG  . MET A 1 37  ? 16.170  2.156   5.003   1.00 19.51 ? 37  MET A CG  1 
ATOM   292  S SD  . MET A 1 37  ? 15.080  3.565   5.180   1.00 24.57 ? 37  MET A SD  1 
ATOM   293  C CE  . MET A 1 37  ? 15.828  4.721   4.034   1.00 24.70 ? 37  MET A CE  1 
ATOM   294  N N   . LYS A 1 38  ? 15.414  0.122   0.782   1.00 13.64 ? 38  LYS A N   1 
ATOM   295  C CA  . LYS A 1 38  ? 15.482  -0.036  -0.661  1.00 14.71 ? 38  LYS A CA  1 
ATOM   296  C C   . LYS A 1 38  ? 14.109  0.265   -1.274  1.00 14.13 ? 38  LYS A C   1 
ATOM   297  O O   . LYS A 1 38  ? 14.018  0.903   -2.325  1.00 12.32 ? 38  LYS A O   1 
ATOM   298  C CB  . LYS A 1 38  ? 15.907  -1.482  -0.992  1.00 17.81 ? 38  LYS A CB  1 
ATOM   299  C CG  . LYS A 1 38  ? 15.994  -1.709  -2.499  1.00 24.39 ? 38  LYS A CG  1 
ATOM   300  C CD  . LYS A 1 38  ? 16.223  -3.172  -2.825  1.00 28.20 ? 38  LYS A CD  1 
ATOM   301  C CE  . LYS A 1 38  ? 15.302  -3.649  -3.943  1.00 31.18 ? 38  LYS A CE  1 
ATOM   302  N NZ  . LYS A 1 38  ? 15.529  -2.912  -5.214  1.00 33.51 ? 38  LYS A NZ  1 
ATOM   303  N N   . ARG A 1 39  ? 13.037  -0.197  -0.632  1.00 12.32 ? 39  ARG A N   1 
ATOM   304  C CA  . ARG A 1 39  ? 11.681  0.063   -1.149  1.00 12.89 ? 39  ARG A CA  1 
ATOM   305  C C   . ARG A 1 39  ? 11.307  1.542   -1.048  1.00 11.45 ? 39  ARG A C   1 
ATOM   306  O O   . ARG A 1 39  ? 10.636  2.055   -1.945  1.00 9.95  ? 39  ARG A O   1 
ATOM   307  C CB  . ARG A 1 39  ? 10.633  -0.796  -0.411  1.00 11.21 ? 39  ARG A CB  1 
ATOM   308  C CG  . ARG A 1 39  ? 10.881  -2.279  -0.750  1.00 14.17 ? 39  ARG A CG  1 
ATOM   309  C CD  . ARG A 1 39  ? 9.820   -3.158  0.005   1.00 14.18 ? 39  ARG A CD  1 
ATOM   310  N NE  . ARG A 1 39  ? 10.145  -4.534  -0.454  1.00 14.84 ? 39  ARG A NE  1 
ATOM   311  C CZ  . ARG A 1 39  ? 9.753   -5.644  0.156   1.00 15.43 ? 39  ARG A CZ  1 
ATOM   312  N NH1 . ARG A 1 39  ? 9.014   -5.604  1.256   1.00 13.35 ? 39  ARG A NH1 1 
ATOM   313  N NH2 . ARG A 1 39  ? 10.138  -6.804  -0.393  1.00 15.15 ? 39  ARG A NH2 1 
ATOM   314  N N   . ILE A 1 40  ? 11.762  2.200   0.007   1.00 10.49 ? 40  ILE A N   1 
ATOM   315  C CA  . ILE A 1 40  ? 11.508  3.633   0.199   1.00 10.18 ? 40  ILE A CA  1 
ATOM   316  C C   . ILE A 1 40  ? 12.192  4.394   -0.916  1.00 11.11 ? 40  ILE A C   1 
ATOM   317  O O   . ILE A 1 40  ? 11.625  5.312   -1.527  1.00 10.31 ? 40  ILE A O   1 
ATOM   318  C CB  . ILE A 1 40  ? 11.962  4.079   1.605   1.00 11.54 ? 40  ILE A CB  1 
ATOM   319  C CG1 . ILE A 1 40  ? 10.911  3.733   2.664   1.00 11.55 ? 40  ILE A CG1 1 
ATOM   320  C CG2 . ILE A 1 40  ? 12.272  5.582   1.650   1.00 11.21 ? 40  ILE A CG2 1 
ATOM   321  C CD1 . ILE A 1 40  ? 9.603   4.517   2.490   1.00 13.67 ? 40  ILE A CD1 1 
ATOM   322  N N   . HIS A 1 41  ? 13.429  4.016   -1.280  1.00 11.10 ? 41  HIS A N   1 
ATOM   323  C CA  . HIS A 1 41  ? 14.151  4.680   -2.348  1.00 11.70 ? 41  HIS A CA  1 
ATOM   324  C C   . HIS A 1 41  ? 13.513  4.431   -3.704  1.00 12.18 ? 41  HIS A C   1 
ATOM   325  O O   . HIS A 1 41  ? 13.363  5.330   -4.546  1.00 10.99 ? 41  HIS A O   1 
ATOM   326  C CB  . HIS A 1 41  ? 15.628  4.198   -2.359  1.00 13.46 ? 41  HIS A CB  1 
ATOM   327  C CG  . HIS A 1 41  ? 16.356  4.861   -1.216  1.00 17.98 ? 41  HIS A CG  1 
ATOM   328  N ND1 . HIS A 1 41  ? 16.571  6.231   -1.171  1.00 18.90 ? 41  HIS A ND1 1 
ATOM   329  C CD2 . HIS A 1 41  ? 16.901  4.344   -0.099  1.00 19.24 ? 41  HIS A CD2 1 
ATOM   330  C CE1 . HIS A 1 41  ? 17.218  6.504   -0.059  1.00 17.28 ? 41  HIS A CE1 1 
ATOM   331  N NE2 . HIS A 1 41  ? 17.436  5.412   0.619   1.00 22.33 ? 41  HIS A NE2 1 
ATOM   332  N N   . ASP A 1 42  ? 13.087  3.172   -3.930  1.00 12.13 ? 42  ASP A N   1 
ATOM   333  C CA  . ASP A 1 42  ? 12.422  2.867   -5.211  1.00 14.09 ? 42  ASP A CA  1 
ATOM   334  C C   . ASP A 1 42  ? 11.147  3.697   -5.336  1.00 12.40 ? 42  ASP A C   1 
ATOM   335  O O   . ASP A 1 42  ? 10.819  4.173   -6.423  1.00 12.96 ? 42  ASP A O   1 
ATOM   336  C CB  . ASP A 1 42  ? 12.058  1.372   -5.288  1.00 17.02 ? 42  ASP A CB  1 
ATOM   337  C CG  . ASP A 1 42  ? 13.232  0.458   -5.550  1.00 21.60 ? 42  ASP A CG  1 
ATOM   338  O OD1 . ASP A 1 42  ? 13.102  -0.766  -5.301  1.00 24.66 ? 42  ASP A OD1 1 
ATOM   339  O OD2 . ASP A 1 42  ? 14.298  0.910   -5.993  1.00 23.90 ? 42  ASP A OD2 1 
ATOM   340  N N   . LEU A 1 43  ? 10.394  3.834   -4.241  1.00 10.72 ? 43  LEU A N   1 
ATOM   341  C CA  . LEU A 1 43  ? 9.155   4.607   -4.235  1.00 12.26 ? 43  LEU A CA  1 
ATOM   342  C C   . LEU A 1 43  ? 9.444   6.094   -4.454  1.00 12.30 ? 43  LEU A C   1 
ATOM   343  O O   . LEU A 1 43  ? 8.779   6.745   -5.237  1.00 11.53 ? 43  LEU A O   1 
ATOM   344  C CB  . LEU A 1 43  ? 8.471   4.448   -2.874  1.00 13.62 ? 43  LEU A CB  1 
ATOM   345  C CG  . LEU A 1 43  ? 7.104   5.140   -2.687  1.00 17.07 ? 43  LEU A CG  1 
ATOM   346  C CD1 . LEU A 1 43  ? 6.145   4.751   -3.790  1.00 16.97 ? 43  LEU A CD1 1 
ATOM   347  C CD2 . LEU A 1 43  ? 6.556   4.782   -1.321  1.00 18.29 ? 43  LEU A CD2 1 
ATOM   348  N N   . ALA A 1 44  ? 10.488  6.610   -3.798  1.00 12.63 ? 44  ALA A N   1 
ATOM   349  C CA  . ALA A 1 44  ? 10.824  8.042   -3.982  1.00 12.63 ? 44  ALA A CA  1 
ATOM   350  C C   . ALA A 1 44  ? 11.240  8.333   -5.424  1.00 11.58 ? 44  ALA A C   1 
ATOM   351  O O   . ALA A 1 44  ? 10.957  9.421   -5.955  1.00 12.66 ? 44  ALA A O   1 
ATOM   352  C CB  . ALA A 1 44  ? 11.992  8.360   -3.041  1.00 12.69 ? 44  ALA A CB  1 
ATOM   353  N N   . GLU A 1 45  ? 11.922  7.427   -6.080  1.00 12.81 ? 45  GLU A N   1 
ATOM   354  C CA  . GLU A 1 45  ? 12.380  7.579   -7.448  1.00 15.57 ? 45  GLU A CA  1 
ATOM   355  C C   . GLU A 1 45  ? 11.164  7.618   -8.385  1.00 15.37 ? 45  GLU A C   1 
ATOM   356  O O   . GLU A 1 45  ? 11.104  8.433   -9.295  1.00 13.01 ? 45  GLU A O   1 
ATOM   357  C CB  . GLU A 1 45  ? 13.342  6.496   -7.882  1.00 20.57 ? 45  GLU A CB  1 
ATOM   358  C CG  . GLU A 1 45  ? 14.153  6.833   -9.126  1.00 30.09 ? 45  GLU A CG  1 
ATOM   359  C CD  . GLU A 1 45  ? 15.241  7.865   -8.849  1.00 33.66 ? 45  GLU A CD  1 
ATOM   360  O OE1 . GLU A 1 45  ? 15.901  7.808   -7.783  1.00 36.26 ? 45  GLU A OE1 1 
ATOM   361  O OE2 . GLU A 1 45  ? 15.439  8.749   -9.715  1.00 37.31 ? 45  GLU A OE2 1 
ATOM   362  N N   . HIS A 1 46  ? 10.221  6.710   -8.135  1.00 11.55 ? 46  HIS A N   1 
ATOM   363  C CA  . HIS A 1 46  ? 9.005   6.675   -8.930  1.00 14.42 ? 46  HIS A CA  1 
ATOM   364  C C   . HIS A 1 46  ? 8.192   7.961   -8.755  1.00 13.33 ? 46  HIS A C   1 
ATOM   365  O O   . HIS A 1 46  ? 7.766   8.538   -9.743  1.00 14.57 ? 46  HIS A O   1 
ATOM   366  C CB  . HIS A 1 46  ? 8.175   5.447   -8.498  1.00 16.89 ? 46  HIS A CB  1 
ATOM   367  C CG  . HIS A 1 46  ? 6.755   5.534   -8.987  1.00 20.57 ? 46  HIS A CG  1 
ATOM   368  N ND1 . HIS A 1 46  ? 6.433   5.289   -10.303 1.00 22.75 ? 46  HIS A ND1 1 
ATOM   369  C CD2 . HIS A 1 46  ? 5.599   5.848   -8.359  1.00 22.55 ? 46  HIS A CD2 1 
ATOM   370  C CE1 . HIS A 1 46  ? 5.137   5.438   -10.474 1.00 22.23 ? 46  HIS A CE1 1 
ATOM   371  N NE2 . HIS A 1 46  ? 4.611   5.776   -9.321  1.00 23.20 ? 46  HIS A NE2 1 
ATOM   372  N N   . LEU A 1 47  ? 7.971   8.418   -7.528  1.00 11.20 ? 47  LEU A N   1 
ATOM   373  C CA  . LEU A 1 47  ? 7.197   9.637   -7.309  1.00 11.94 ? 47  LEU A CA  1 
ATOM   374  C C   . LEU A 1 47  ? 7.933   10.875  -7.866  1.00 11.12 ? 47  LEU A C   1 
ATOM   375  O O   . LEU A 1 47  ? 7.306   11.761  -8.434  1.00 10.54 ? 47  LEU A O   1 
ATOM   376  C CB  . LEU A 1 47  ? 6.936   9.847   -5.823  1.00 12.20 ? 47  LEU A CB  1 
ATOM   377  C CG  . LEU A 1 47  ? 6.019   8.787   -5.153  1.00 12.58 ? 47  LEU A CG  1 
ATOM   378  C CD1 . LEU A 1 47  ? 6.030   8.930   -3.655  1.00 14.85 ? 47  LEU A CD1 1 
ATOM   379  C CD2 . LEU A 1 47  ? 4.610   8.981   -5.724  1.00 14.35 ? 47  LEU A CD2 1 
ATOM   380  N N   . GLY A 1 48  ? 9.247   10.864  -7.722  1.00 12.05 ? 48  GLY A N   1 
ATOM   381  C CA  . GLY A 1 48  ? 10.054  12.004  -8.249  1.00 13.13 ? 48  GLY A CA  1 
ATOM   382  C C   . GLY A 1 48  ? 9.906   12.067  -9.764  1.00 14.19 ? 48  GLY A C   1 
ATOM   383  O O   . GLY A 1 48  ? 9.817   13.156  -10.331 1.00 15.11 ? 48  GLY A O   1 
ATOM   384  N N   . LYS A 1 49  ? 9.846   10.936  -10.474 1.00 14.40 ? 49  LYS A N   1 
ATOM   385  C CA  . LYS A 1 49  ? 9.672   10.932  -11.918 1.00 15.10 ? 49  LYS A CA  1 
ATOM   386  C C   . LYS A 1 49  ? 8.286   11.439  -12.311 1.00 16.02 ? 49  LYS A C   1 
ATOM   387  O O   . LYS A 1 49  ? 8.032   11.757  -13.490 1.00 16.30 ? 49  LYS A O   1 
ATOM   388  C CB  . LYS A 1 49  ? 9.927   9.524   -12.480 1.00 19.78 ? 49  LYS A CB  1 
ATOM   389  C CG  . LYS A 1 49  ? 11.436  9.222   -12.559 1.00 25.06 ? 49  LYS A CG  1 
ATOM   390  C CD  . LYS A 1 49  ? 11.954  9.562   -13.944 1.00 30.23 ? 49  LYS A CD  1 
ATOM   391  C CE  . LYS A 1 49  ? 13.210  10.420  -13.914 1.00 31.60 ? 49  LYS A CE  1 
ATOM   392  N NZ  . LYS A 1 49  ? 14.302  9.809   -13.109 1.00 33.49 ? 49  LYS A NZ  1 
ATOM   393  N N   . ARG A 1 50  ? 7.357   11.500  -11.365 1.00 13.26 ? 50  ARG A N   1 
ATOM   394  C CA  . ARG A 1 50  ? 6.016   12.010  -11.628 1.00 15.11 ? 50  ARG A CA  1 
ATOM   395  C C   . ARG A 1 50  ? 5.859   13.444  -11.153 1.00 14.67 ? 50  ARG A C   1 
ATOM   396  O O   . ARG A 1 50  ? 4.761   13.992  -11.098 1.00 15.32 ? 50  ARG A O   1 
ATOM   397  C CB  . ARG A 1 50  ? 4.917   11.112  -11.071 1.00 14.78 ? 50  ARG A CB  1 
ATOM   398  C CG  . ARG A 1 50  ? 4.751   9.925   -12.079 1.00 16.45 ? 50  ARG A CG  1 
ATOM   399  C CD  . ARG A 1 50  ? 3.554   9.122   -11.622 1.00 15.52 ? 50  ARG A CD  1 
ATOM   400  N NE  . ARG A 1 50  ? 3.278   8.019   -12.558 1.00 15.40 ? 50  ARG A NE  1 
ATOM   401  C CZ  . ARG A 1 50  ? 2.094   7.368   -12.390 1.00 16.01 ? 50  ARG A CZ  1 
ATOM   402  N NH1 . ARG A 1 50  ? 1.284   7.743   -11.423 1.00 12.12 ? 50  ARG A NH1 1 
ATOM   403  N NH2 . ARG A 1 50  ? 1.823   6.370   -13.219 1.00 16.13 ? 50  ARG A NH2 1 
ATOM   404  N N   . GLY A 1 51  ? 7.001   14.087  -10.847 1.00 15.27 ? 51  GLY A N   1 
ATOM   405  C CA  . GLY A 1 51  ? 7.023   15.459  -10.417 1.00 13.02 ? 51  GLY A CA  1 
ATOM   406  C C   . GLY A 1 51  ? 6.762   15.761  -8.981  1.00 13.45 ? 51  GLY A C   1 
ATOM   407  O O   . GLY A 1 51  ? 6.512   16.925  -8.612  1.00 14.61 ? 51  GLY A O   1 
ATOM   408  N N   . VAL A 1 52  ? 6.797   14.782  -8.082  1.00 11.60 ? 52  VAL A N   1 
ATOM   409  C CA  . VAL A 1 52  ? 6.553   15.003  -6.673  1.00 12.96 ? 52  VAL A CA  1 
ATOM   410  C C   . VAL A 1 52  ? 7.861   15.379  -5.956  1.00 13.12 ? 52  VAL A C   1 
ATOM   411  O O   . VAL A 1 52  ? 8.872   14.737  -6.214  1.00 14.69 ? 52  VAL A O   1 
ATOM   412  C CB  . VAL A 1 52  ? 5.977   13.714  -6.027  1.00 12.44 ? 52  VAL A CB  1 
ATOM   413  C CG1 . VAL A 1 52  ? 5.695   13.941  -4.555  1.00 12.75 ? 52  VAL A CG1 1 
ATOM   414  C CG2 . VAL A 1 52  ? 4.699   13.334  -6.800  1.00 12.04 ? 52  VAL A CG2 1 
ATOM   415  N N   . SER A 1 53  ? 7.817   16.404  -5.130  1.00 14.99 ? 53  SER A N   1 
ATOM   416  C CA  . SER A 1 53  ? 9.010   16.826  -4.383  1.00 16.68 ? 53  SER A CA  1 
ATOM   417  C C   . SER A 1 53  ? 9.080   16.025  -3.087  1.00 15.28 ? 53  SER A C   1 
ATOM   418  O O   . SER A 1 53  ? 8.139   16.116  -2.301  1.00 16.77 ? 53  SER A O   1 
ATOM   419  C CB  . SER A 1 53  ? 8.868   18.329  -4.045  1.00 19.72 ? 53  SER A CB  1 
ATOM   420  O OG  . SER A 1 53  ? 9.008   19.007  -5.291  1.00 24.87 ? 53  SER A OG  1 
ATOM   421  N N   . ILE A 1 54  ? 10.143  15.265  -2.906  1.00 14.61 ? 54  ILE A N   1 
ATOM   422  C CA  . ILE A 1 54  ? 10.362  14.417  -1.780  1.00 15.78 ? 54  ILE A CA  1 
ATOM   423  C C   . ILE A 1 54  ? 11.645  14.730  -0.994  1.00 16.30 ? 54  ILE A C   1 
ATOM   424  O O   . ILE A 1 54  ? 12.686  14.916  -1.622  1.00 17.60 ? 54  ILE A O   1 
ATOM   425  C CB  . ILE A 1 54  ? 10.588  12.942  -2.284  1.00 17.23 ? 54  ILE A CB  1 
ATOM   426  C CG1 . ILE A 1 54  ? 9.412   12.445  -3.129  1.00 19.78 ? 54  ILE A CG1 1 
ATOM   427  C CG2 . ILE A 1 54  ? 10.788  12.009  -1.101  1.00 19.01 ? 54  ILE A CG2 1 
ATOM   428  C CD1 . ILE A 1 54  ? 8.110   12.383  -2.368  1.00 18.46 ? 54  ILE A CD1 1 
ATOM   429  N N   . SER A 1 55  ? 11.556  14.673  0.311   1.00 16.10 ? 55  SER A N   1 
ATOM   430  C CA  . SER A 1 55  ? 12.637  14.859  1.238   1.00 16.95 ? 55  SER A CA  1 
ATOM   431  C C   . SER A 1 55  ? 12.654  13.628  2.179   1.00 15.70 ? 55  SER A C   1 
ATOM   432  O O   . SER A 1 55  ? 11.625  13.375  2.786   1.00 15.36 ? 55  SER A O   1 
ATOM   433  C CB  . SER A 1 55  ? 12.465  16.116  2.124   1.00 16.90 ? 55  SER A CB  1 
ATOM   434  O OG  . SER A 1 55  ? 13.769  16.340  2.650   1.00 26.04 ? 55  SER A OG  1 
ATOM   435  N N   . LEU A 1 56  ? 13.771  12.952  2.286   1.00 12.46 ? 56  LEU A N   1 
ATOM   436  C CA  . LEU A 1 56  ? 13.875  11.774  3.117   1.00 13.39 ? 56  LEU A CA  1 
ATOM   437  C C   . LEU A 1 56  ? 14.585  11.984  4.444   1.00 13.40 ? 56  LEU A C   1 
ATOM   438  O O   . LEU A 1 56  ? 15.145  11.028  5.006   1.00 12.77 ? 56  LEU A O   1 
ATOM   439  C CB  . LEU A 1 56  ? 14.436  10.591  2.343   1.00 12.38 ? 56  LEU A CB  1 
ATOM   440  C CG  . LEU A 1 56  ? 13.635  10.175  1.094   1.00 13.57 ? 56  LEU A CG  1 
ATOM   441  C CD1 . LEU A 1 56  ? 14.357  9.043   0.394   1.00 15.43 ? 56  LEU A CD1 1 
ATOM   442  C CD2 . LEU A 1 56  ? 12.215  9.742   1.492   1.00 13.87 ? 56  LEU A CD2 1 
ATOM   443  N N   . ASP A 1 57  ? 14.541  13.216  4.927   1.00 12.61 ? 57  ASP A N   1 
ATOM   444  C CA  . ASP A 1 57  ? 15.102  13.507  6.253   1.00 13.99 ? 57  ASP A CA  1 
ATOM   445  C C   . ASP A 1 57  ? 14.180  12.795  7.266   1.00 14.28 ? 57  ASP A C   1 
ATOM   446  O O   . ASP A 1 57  ? 12.933  12.937  7.203   1.00 15.22 ? 57  ASP A O   1 
ATOM   447  C CB  . ASP A 1 57  ? 15.083  14.990  6.550   1.00 11.52 ? 57  ASP A CB  1 
ATOM   448  C CG  . ASP A 1 57  ? 13.800  15.705  6.200   1.00 15.01 ? 57  ASP A CG  1 
ATOM   449  O OD1 . ASP A 1 57  ? 13.342  15.636  5.032   1.00 14.87 ? 57  ASP A OD1 1 
ATOM   450  O OD2 . ASP A 1 57  ? 13.248  16.362  7.087   1.00 16.62 ? 57  ASP A OD2 1 
ATOM   451  N N   . VAL A 1 58  ? 14.766  12.087  8.196   1.00 14.65 ? 58  VAL A N   1 
ATOM   452  C CA  . VAL A 1 58  ? 13.986  11.348  9.194   1.00 16.38 ? 58  VAL A CA  1 
ATOM   453  C C   . VAL A 1 58  ? 13.440  12.237  10.277  1.00 18.39 ? 58  VAL A C   1 
ATOM   454  O O   . VAL A 1 58  ? 14.150  12.971  10.966  1.00 17.78 ? 58  VAL A O   1 
ATOM   455  C CB  . VAL A 1 58  ? 14.822  10.203  9.796   1.00 16.60 ? 58  VAL A CB  1 
ATOM   456  C CG1 . VAL A 1 58  ? 14.024  9.385   10.809  1.00 19.04 ? 58  VAL A CG1 1 
ATOM   457  C CG2 . VAL A 1 58  ? 15.379  9.334   8.690   1.00 15.18 ? 58  VAL A CG2 1 
ATOM   458  N N   . GLN A 1 59  ? 12.121  12.189  10.454  1.00 17.92 ? 59  GLN A N   1 
ATOM   459  C CA  . GLN A 1 59  ? 11.392  12.965  11.428  1.00 18.32 ? 59  GLN A CA  1 
ATOM   460  C C   . GLN A 1 59  ? 10.349  12.090  12.147  1.00 20.85 ? 59  GLN A C   1 
ATOM   461  O O   . GLN A 1 59  ? 9.774   11.172  11.565  1.00 20.14 ? 59  GLN A O   1 
ATOM   462  C CB  . GLN A 1 59  ? 10.654  14.126  10.752  1.00 19.02 ? 59  GLN A CB  1 
ATOM   463  C CG  . GLN A 1 59  ? 11.484  15.064  9.877   1.00 19.85 ? 59  GLN A CG  1 
ATOM   464  C CD  . GLN A 1 59  ? 12.531  15.850  10.654  1.00 21.00 ? 59  GLN A CD  1 
ATOM   465  O OE1 . GLN A 1 59  ? 12.441  15.990  11.867  1.00 22.21 ? 59  GLN A OE1 1 
ATOM   466  N NE2 . GLN A 1 59  ? 13.555  16.372  9.974   1.00 20.31 ? 59  GLN A NE2 1 
ATOM   467  N N   . PRO A 1 60  ? 10.111  12.384  13.413  1.00 23.04 ? 60  PRO A N   1 
ATOM   468  C CA  . PRO A 1 60  ? 9.128   11.681  14.207  1.00 23.17 ? 60  PRO A CA  1 
ATOM   469  C C   . PRO A 1 60  ? 7.725   12.007  13.714  1.00 22.46 ? 60  PRO A C   1 
ATOM   470  O O   . PRO A 1 60  ? 7.396   13.106  13.252  1.00 21.90 ? 60  PRO A O   1 
ATOM   471  C CB  . PRO A 1 60  ? 9.292   12.220  15.628  1.00 24.27 ? 60  PRO A CB  1 
ATOM   472  C CG  . PRO A 1 60  ? 10.521  13.062  15.618  1.00 26.13 ? 60  PRO A CG  1 
ATOM   473  C CD  . PRO A 1 60  ? 10.755  13.485  14.188  1.00 24.44 ? 60  PRO A CD  1 
ATOM   474  N N   . SER A 1 61  ? 6.858   10.978  13.764  1.00 20.57 ? 61  SER A N   1 
ATOM   475  C CA  . SER A 1 61  ? 5.480   11.210  13.343  1.00 20.41 ? 61  SER A CA  1 
ATOM   476  C C   . SER A 1 61  ? 4.649   10.001  13.812  1.00 19.44 ? 61  SER A C   1 
ATOM   477  O O   . SER A 1 61  ? 5.239   9.006   14.214  1.00 20.01 ? 61  SER A O   1 
ATOM   478  C CB  . SER A 1 61  ? 5.294   11.504  11.892  1.00 20.18 ? 61  SER A CB  1 
ATOM   479  O OG  . SER A 1 61  ? 4.889   10.406  11.118  1.00 20.27 ? 61  SER A OG  1 
ATOM   480  N N   . ASP A 1 62  ? 3.341   10.186  13.788  1.00 19.94 ? 62  ASP A N   1 
ATOM   481  C CA  . ASP A 1 62  ? 2.474   9.089   14.212  1.00 21.30 ? 62  ASP A CA  1 
ATOM   482  C C   . ASP A 1 62  ? 1.964   8.310   12.999  1.00 19.19 ? 62  ASP A C   1 
ATOM   483  O O   . ASP A 1 62  ? 1.177   7.378   13.175  1.00 18.53 ? 62  ASP A O   1 
ATOM   484  C CB  . ASP A 1 62  ? 1.313   9.590   15.055  1.00 24.82 ? 62  ASP A CB  1 
ATOM   485  C CG  . ASP A 1 62  ? 0.352   10.485  14.343  1.00 27.80 ? 62  ASP A CG  1 
ATOM   486  O OD1 . ASP A 1 62  ? -0.746  10.766  14.900  1.00 33.37 ? 62  ASP A OD1 1 
ATOM   487  O OD2 . ASP A 1 62  ? 0.640   10.959  13.225  1.00 31.03 ? 62  ASP A OD2 1 
ATOM   488  N N   . TYR A 1 63  ? 2.428   8.626   11.799  1.00 16.30 ? 63  TYR A N   1 
ATOM   489  C CA  . TYR A 1 63  ? 1.983   7.929   10.595  1.00 14.83 ? 63  TYR A CA  1 
ATOM   490  C C   . TYR A 1 63  ? 2.261   6.445   10.586  1.00 14.24 ? 63  TYR A C   1 
ATOM   491  O O   . TYR A 1 63  ? 1.347   5.640   10.275  1.00 13.34 ? 63  TYR A O   1 
ATOM   492  C CB  . TYR A 1 63  ? 2.490   8.607   9.335   1.00 16.77 ? 63  TYR A CB  1 
ATOM   493  C CG  . TYR A 1 63  ? 1.683   9.822   8.932   1.00 18.78 ? 63  TYR A CG  1 
ATOM   494  C CD1 . TYR A 1 63  ? 2.332   11.017  8.657   1.00 19.81 ? 63  TYR A CD1 1 
ATOM   495  C CD2 . TYR A 1 63  ? 0.304   9.780   8.816   1.00 19.33 ? 63  TYR A CD2 1 
ATOM   496  C CE1 . TYR A 1 63  ? 1.614   12.141  8.273   1.00 22.92 ? 63  TYR A CE1 1 
ATOM   497  C CE2 . TYR A 1 63  ? -0.415  10.900  8.441   1.00 20.90 ? 63  TYR A CE2 1 
ATOM   498  C CZ  . TYR A 1 63  ? 0.244   12.065  8.170   1.00 22.05 ? 63  TYR A CZ  1 
ATOM   499  O OH  . TYR A 1 63  ? -0.455  13.204  7.794   1.00 26.47 ? 63  TYR A OH  1 
ATOM   500  N N   . PRO A 1 64  ? 3.463   5.997   10.911  1.00 13.61 ? 64  PRO A N   1 
ATOM   501  C CA  . PRO A 1 64  ? 3.776   4.578   10.949  1.00 14.21 ? 64  PRO A CA  1 
ATOM   502  C C   . PRO A 1 64  ? 2.816   3.829   11.871  1.00 14.68 ? 64  PRO A C   1 
ATOM   503  O O   . PRO A 1 64  ? 2.311   2.751   11.524  1.00 15.18 ? 64  PRO A O   1 
ATOM   504  C CB  . PRO A 1 64  ? 5.210   4.519   11.455  1.00 13.83 ? 64  PRO A CB  1 
ATOM   505  C CG  . PRO A 1 64  ? 5.784   5.838   10.925  1.00 13.70 ? 64  PRO A CG  1 
ATOM   506  C CD  . PRO A 1 64  ? 4.653   6.827   11.237  1.00 12.99 ? 64  PRO A CD  1 
ATOM   507  N N   . GLU A 1 65  ? 2.530   4.361   13.048  1.00 15.66 ? 65  GLU A N   1 
ATOM   508  C CA  . GLU A 1 65  ? 1.611   3.708   13.964  1.00 19.01 ? 65  GLU A CA  1 
ATOM   509  C C   . GLU A 1 65  ? 0.191   3.689   13.372  1.00 16.71 ? 65  GLU A C   1 
ATOM   510  O O   . GLU A 1 65  ? -0.513  2.712   13.587  1.00 17.84 ? 65  GLU A O   1 
ATOM   511  C CB  . GLU A 1 65  ? 1.591   4.358   15.341  1.00 22.81 ? 65  GLU A CB  1 
ATOM   512  C CG  . GLU A 1 65  ? 0.790   3.514   16.350  1.00 29.41 ? 65  GLU A CG  1 
ATOM   513  C CD  . GLU A 1 65  ? 0.611   4.210   17.677  1.00 33.80 ? 65  GLU A CD  1 
ATOM   514  O OE1 . GLU A 1 65  ? 0.042   3.591   18.610  1.00 37.53 ? 65  GLU A OE1 1 
ATOM   515  O OE2 . GLU A 1 65  ? 1.031   5.379   17.816  1.00 35.46 ? 65  GLU A OE2 1 
ATOM   516  N N   . LYS A 1 66  ? -0.221  4.733   12.676  1.00 15.00 ? 66  LYS A N   1 
ATOM   517  C CA  . LYS A 1 66  ? -1.590  4.724   12.096  1.00 16.79 ? 66  LYS A CA  1 
ATOM   518  C C   . LYS A 1 66  ? -1.680  3.640   11.029  1.00 15.10 ? 66  LYS A C   1 
ATOM   519  O O   . LYS A 1 66  ? -2.667  2.898   10.962  1.00 14.82 ? 66  LYS A O   1 
ATOM   520  C CB  . LYS A 1 66  ? -1.938  6.070   11.497  1.00 20.69 ? 66  LYS A CB  1 
ATOM   521  C CG  . LYS A 1 66  ? -2.237  7.156   12.525  1.00 25.48 ? 66  LYS A CG  1 
ATOM   522  C CD  . LYS A 1 66  ? -2.480  8.452   11.753  1.00 29.15 ? 66  LYS A CD  1 
ATOM   523  C CE  . LYS A 1 66  ? -2.860  9.606   12.677  1.00 30.91 ? 66  LYS A CE  1 
ATOM   524  N NZ  . LYS A 1 66  ? -2.913  10.861  11.837  1.00 33.98 ? 66  LYS A NZ  1 
ATOM   525  N N   . VAL A 1 67  ? -0.644  3.519   10.202  1.00 12.39 ? 67  VAL A N   1 
ATOM   526  C CA  . VAL A 1 67  ? -0.596  2.483   9.185   1.00 12.09 ? 67  VAL A CA  1 
ATOM   527  C C   . VAL A 1 67  ? -0.633  1.109   9.862   1.00 12.44 ? 67  VAL A C   1 
ATOM   528  O O   . VAL A 1 67  ? -1.355  0.219   9.417   1.00 13.17 ? 67  VAL A O   1 
ATOM   529  C CB  . VAL A 1 67  ? 0.600   2.609   8.253   1.00 11.14 ? 67  VAL A CB  1 
ATOM   530  C CG1 . VAL A 1 67  ? 0.682   1.426   7.292   1.00 8.54  ? 67  VAL A CG1 1 
ATOM   531  C CG2 . VAL A 1 67  ? 0.548   3.934   7.489   1.00 11.77 ? 67  VAL A CG2 1 
ATOM   532  N N   . PHE A 1 68  ? 0.116   0.890   10.956  1.00 11.93 ? 68  PHE A N   1 
ATOM   533  C CA  . PHE A 1 68  ? 0.097   -0.375  11.660  1.00 13.08 ? 68  PHE A CA  1 
ATOM   534  C C   . PHE A 1 68  ? -1.314  -0.706  12.169  1.00 14.12 ? 68  PHE A C   1 
ATOM   535  O O   . PHE A 1 68  ? -1.708  -1.879  12.134  1.00 13.32 ? 68  PHE A O   1 
ATOM   536  C CB  . PHE A 1 68  ? 1.071   -0.339  12.852  1.00 12.92 ? 68  PHE A CB  1 
ATOM   537  C CG  . PHE A 1 68  ? 1.150   -1.646  13.598  1.00 15.60 ? 68  PHE A CG  1 
ATOM   538  C CD1 . PHE A 1 68  ? 1.707   -2.756  13.028  1.00 16.09 ? 68  PHE A CD1 1 
ATOM   539  C CD2 . PHE A 1 68  ? 0.647   -1.702  14.896  1.00 16.13 ? 68  PHE A CD2 1 
ATOM   540  C CE1 . PHE A 1 68  ? 1.778   -3.955  13.718  1.00 18.52 ? 68  PHE A CE1 1 
ATOM   541  C CE2 . PHE A 1 68  ? 0.715   -2.895  15.604  1.00 17.89 ? 68  PHE A CE2 1 
ATOM   542  C CZ  . PHE A 1 68  ? 1.273   -4.010  15.012  1.00 17.92 ? 68  PHE A CZ  1 
ATOM   543  N N   . LYS A 1 69  ? -2.047  0.298   12.636  1.00 14.38 ? 69  LYS A N   1 
ATOM   544  C CA  . LYS A 1 69  ? -3.418  0.080   13.111  1.00 15.15 ? 69  LYS A CA  1 
ATOM   545  C C   . LYS A 1 69  ? -4.304  -0.399  11.957  1.00 15.00 ? 69  LYS A C   1 
ATOM   546  O O   . LYS A 1 69  ? -5.206  -1.216  12.199  1.00 15.19 ? 69  LYS A O   1 
ATOM   547  C CB  . LYS A 1 69  ? -3.989  1.357   13.709  1.00 17.17 ? 69  LYS A CB  1 
ATOM   548  C CG  . LYS A 1 69  ? -3.462  1.593   15.139  1.00 21.86 ? 69  LYS A CG  1 
ATOM   549  C CD  . LYS A 1 69  ? -3.995  2.931   15.624  1.00 26.29 ? 69  LYS A CD  1 
ATOM   550  C CE  . LYS A 1 69  ? -3.464  3.303   17.005  1.00 29.39 ? 69  LYS A CE  1 
ATOM   551  N NZ  . LYS A 1 69  ? -4.154  4.564   17.455  1.00 32.51 ? 69  LYS A NZ  1 
ATOM   552  N N   . VAL A 1 70  ? -4.066  0.108   10.738  1.00 12.48 ? 70  VAL A N   1 
ATOM   553  C CA  . VAL A 1 70  ? -4.886  -0.406  9.617   1.00 14.08 ? 70  VAL A CA  1 
ATOM   554  C C   . VAL A 1 70  ? -4.489  -1.843  9.339   1.00 13.83 ? 70  VAL A C   1 
ATOM   555  O O   . VAL A 1 70  ? -5.306  -2.754  9.122   1.00 13.13 ? 70  VAL A O   1 
ATOM   556  C CB  . VAL A 1 70  ? -4.645  0.471   8.358   1.00 13.96 ? 70  VAL A CB  1 
ATOM   557  C CG1 . VAL A 1 70  ? -5.334  -0.149  7.145   1.00 14.12 ? 70  VAL A CG1 1 
ATOM   558  C CG2 . VAL A 1 70  ? -5.169  1.865   8.630   1.00 14.11 ? 70  VAL A CG2 1 
ATOM   559  N N   . LEU A 1 71  ? -3.179  -2.147  9.330   1.00 12.73 ? 71  LEU A N   1 
ATOM   560  C CA  . LEU A 1 71  ? -2.671  -3.468  9.082   1.00 13.73 ? 71  LEU A CA  1 
ATOM   561  C C   . LEU A 1 71  ? -3.283  -4.518  10.024  1.00 15.29 ? 71  LEU A C   1 
ATOM   562  O O   . LEU A 1 71  ? -3.648  -5.601  9.546   1.00 15.09 ? 71  LEU A O   1 
ATOM   563  C CB  . LEU A 1 71  ? -1.130  -3.506  9.290   1.00 14.36 ? 71  LEU A CB  1 
ATOM   564  C CG  . LEU A 1 71  ? -0.383  -4.738  8.784   1.00 17.02 ? 71  LEU A CG  1 
ATOM   565  C CD1 . LEU A 1 71  ? 1.091   -4.396  8.486   1.00 19.33 ? 71  LEU A CD1 1 
ATOM   566  C CD2 . LEU A 1 71  ? -0.421  -5.867  9.794   1.00 18.82 ? 71  LEU A CD2 1 
ATOM   567  N N   . ILE A 1 72  ? -3.374  -4.208  11.314  1.00 14.42 ? 72  ILE A N   1 
ATOM   568  C CA  . ILE A 1 72  ? -3.905  -5.192  12.262  1.00 16.28 ? 72  ILE A CA  1 
ATOM   569  C C   . ILE A 1 72  ? -5.409  -5.120  12.415  1.00 17.70 ? 72  ILE A C   1 
ATOM   570  O O   . ILE A 1 72  ? -5.975  -5.865  13.236  1.00 19.96 ? 72  ILE A O   1 
ATOM   571  C CB  . ILE A 1 72  ? -3.195  -5.117  13.634  1.00 16.60 ? 72  ILE A CB  1 
ATOM   572  C CG1 . ILE A 1 72  ? -3.457  -3.788  14.306  1.00 17.63 ? 72  ILE A CG1 1 
ATOM   573  C CG2 . ILE A 1 72  ? -1.697  -5.368  13.470  1.00 16.65 ? 72  ILE A CG2 1 
ATOM   574  C CD1 . ILE A 1 72  ? -2.860  -3.678  15.719  1.00 20.13 ? 72  ILE A CD1 1 
ATOM   575  N N   . GLY A 1 73  ? -6.093  -4.268  11.669  1.00 18.11 ? 73  GLY A N   1 
ATOM   576  C CA  . GLY A 1 73  ? -7.518  -4.138  11.685  1.00 21.47 ? 73  GLY A CA  1 
ATOM   577  C C   . GLY A 1 73  ? -8.139  -3.284  12.746  1.00 23.29 ? 73  GLY A C   1 
ATOM   578  O O   . GLY A 1 73  ? -9.342  -3.429  12.986  1.00 22.95 ? 73  GLY A O   1 
ATOM   579  N N   . GLU A 1 74  ? -7.378  -2.412  13.398  1.00 22.22 ? 74  GLU A N   1 
ATOM   580  C CA  . GLU A 1 74  ? -7.897  -1.526  14.433  1.00 24.44 ? 74  GLU A CA  1 
ATOM   581  C C   . GLU A 1 74  ? -8.550  -0.296  13.810  1.00 25.20 ? 74  GLU A C   1 
ATOM   582  O O   . GLU A 1 74  ? -9.404  0.374   14.395  1.00 25.22 ? 74  GLU A O   1 
ATOM   583  C CB  . GLU A 1 74  ? -6.755  -1.050  15.351  1.00 25.75 ? 74  GLU A CB  1 
ATOM   584  C CG  . GLU A 1 74  ? -6.192  -2.131  16.243  1.00 28.50 ? 74  GLU A CG  1 
ATOM   585  C CD  . GLU A 1 74  ? -7.090  -2.453  17.432  1.00 29.85 ? 74  GLU A CD  1 
ATOM   586  O OE1 . GLU A 1 74  ? -6.994  -3.577  17.937  1.00 29.85 ? 74  GLU A OE1 1 
ATOM   587  O OE2 . GLU A 1 74  ? -7.889  -1.591  17.861  1.00 32.87 ? 74  GLU A OE2 1 
ATOM   588  N N   . LEU A 1 75  ? -8.097  0.017   12.605  1.00 23.89 ? 75  LEU A N   1 
ATOM   589  C CA  . LEU A 1 75  ? -8.596  1.154   11.824  1.00 25.58 ? 75  LEU A CA  1 
ATOM   590  C C   . LEU A 1 75  ? -9.007  0.587   10.462  1.00 24.81 ? 75  LEU A C   1 
ATOM   591  O O   . LEU A 1 75  ? -8.274  -0.264  9.934   1.00 23.98 ? 75  LEU A O   1 
ATOM   592  C CB  . LEU A 1 75  ? -7.492  2.186   11.662  1.00 26.80 ? 75  LEU A CB  1 
ATOM   593  C CG  . LEU A 1 75  ? -7.792  3.569   11.136  1.00 29.57 ? 75  LEU A CG  1 
ATOM   594  C CD1 . LEU A 1 75  ? -8.850  4.284   11.965  1.00 29.63 ? 75  LEU A CD1 1 
ATOM   595  C CD2 . LEU A 1 75  ? -6.511  4.425   11.077  1.00 30.49 ? 75  LEU A CD2 1 
ATOM   596  N N   . ASP A 1 76  ? -10.158 0.980   9.933   1.00 24.41 ? 76  ASP A N   1 
ATOM   597  C CA  . ASP A 1 76  ? -10.536 0.400   8.624   1.00 23.51 ? 76  ASP A CA  1 
ATOM   598  C C   . ASP A 1 76  ? -9.799  1.150   7.513   1.00 20.36 ? 76  ASP A C   1 
ATOM   599  O O   . ASP A 1 76  ? -9.467  2.313   7.669   1.00 18.63 ? 76  ASP A O   1 
ATOM   600  C CB  . ASP A 1 76  ? -12.047 0.441   8.430   1.00 28.68 ? 76  ASP A CB  1 
ATOM   601  C CG  . ASP A 1 76  ? -12.553 1.832   8.171   1.00 33.07 ? 76  ASP A CG  1 
ATOM   602  O OD1 . ASP A 1 76  ? -12.434 2.691   9.076   1.00 37.78 ? 76  ASP A OD1 1 
ATOM   603  O OD2 . ASP A 1 76  ? -13.050 2.088   7.055   1.00 36.97 ? 76  ASP A OD2 1 
ATOM   604  N N   . ASN A 1 77  ? -9.562  0.480   6.386   1.00 18.80 ? 77  ASN A N   1 
ATOM   605  C CA  . ASN A 1 77  ? -8.846  1.130   5.284   1.00 17.15 ? 77  ASN A CA  1 
ATOM   606  C C   . ASN A 1 77  ? -9.418  2.444   4.824   1.00 17.33 ? 77  ASN A C   1 
ATOM   607  O O   . ASN A 1 77  ? -8.709  3.435   4.602   1.00 15.45 ? 77  ASN A O   1 
ATOM   608  C CB  . ASN A 1 77  ? -8.790  0.180   4.082   1.00 15.61 ? 77  ASN A CB  1 
ATOM   609  C CG  . ASN A 1 77  ? -8.140  -1.131  4.412   1.00 16.21 ? 77  ASN A CG  1 
ATOM   610  O OD1 . ASN A 1 77  ? -8.758  -2.053  4.959   1.00 17.75 ? 77  ASN A OD1 1 
ATOM   611  N ND2 . ASN A 1 77  ? -6.847  -1.257  4.085   1.00 15.62 ? 77  ASN A ND2 1 
ATOM   612  N N   . ALA A 1 78  ? -10.743 2.505   4.615   1.00 15.07 ? 78  ALA A N   1 
ATOM   613  C CA  . ALA A 1 78  ? -11.377 3.720   4.133   1.00 17.44 ? 78  ALA A CA  1 
ATOM   614  C C   . ALA A 1 78  ? -11.189 4.912   5.037   1.00 17.82 ? 78  ALA A C   1 
ATOM   615  O O   . ALA A 1 78  ? -11.169 6.051   4.543   1.00 18.78 ? 78  ALA A O   1 
ATOM   616  C CB  . ALA A 1 78  ? -12.889 3.435   3.905   1.00 17.95 ? 78  ALA A CB  1 
ATOM   617  N N   . SER A 1 79  ? -11.031 4.722   6.344   1.00 19.57 ? 79  SER A N   1 
ATOM   618  C CA  . SER A 1 79  ? -10.845 5.897   7.215   1.00 23.42 ? 79  SER A CA  1 
ATOM   619  C C   . SER A 1 79  ? -9.482  6.534   7.022   1.00 22.66 ? 79  SER A C   1 
ATOM   620  O O   . SER A 1 79  ? -9.294  7.674   7.448   1.00 25.13 ? 79  SER A O   1 
ATOM   621  C CB  . SER A 1 79  ? -11.067 5.533   8.678   1.00 25.51 ? 79  SER A CB  1 
ATOM   622  O OG  . SER A 1 79  ? -10.107 4.586   9.086   1.00 31.03 ? 79  SER A OG  1 
ATOM   623  N N   . PHE A 1 80  ? -8.547  5.853   6.351   1.00 20.67 ? 80  PHE A N   1 
ATOM   624  C CA  . PHE A 1 80  ? -7.214  6.420   6.126   1.00 19.31 ? 80  PHE A CA  1 
ATOM   625  C C   . PHE A 1 80  ? -7.161  7.227   4.838   1.00 17.91 ? 80  PHE A C   1 
ATOM   626  O O   . PHE A 1 80  ? -6.197  7.974   4.629   1.00 17.31 ? 80  PHE A O   1 
ATOM   627  C CB  . PHE A 1 80  ? -6.166  5.308   6.065   1.00 19.58 ? 80  PHE A CB  1 
ATOM   628  C CG  . PHE A 1 80  ? -4.741  5.746   6.331   1.00 20.51 ? 80  PHE A CG  1 
ATOM   629  C CD1 . PHE A 1 80  ? -4.210  5.661   7.603   1.00 22.41 ? 80  PHE A CD1 1 
ATOM   630  C CD2 . PHE A 1 80  ? -3.940  6.227   5.320   1.00 21.44 ? 80  PHE A CD2 1 
ATOM   631  C CE1 . PHE A 1 80  ? -2.906  6.058   7.853   1.00 22.35 ? 80  PHE A CE1 1 
ATOM   632  C CE2 . PHE A 1 80  ? -2.631  6.620   5.547   1.00 22.49 ? 80  PHE A CE2 1 
ATOM   633  C CZ  . PHE A 1 80  ? -2.117  6.538   6.829   1.00 21.64 ? 80  PHE A CZ  1 
ATOM   634  N N   . LEU A 1 81  ? -8.180  7.137   3.971   1.00 17.31 ? 81  LEU A N   1 
ATOM   635  C CA  . LEU A 1 81  ? -8.166  7.871   2.711   1.00 17.54 ? 81  LEU A CA  1 
ATOM   636  C C   . LEU A 1 81  ? -7.902  9.368   2.870   1.00 17.72 ? 81  LEU A C   1 
ATOM   637  O O   . LEU A 1 81  ? -7.173  9.932   2.060   1.00 17.49 ? 81  LEU A O   1 
ATOM   638  C CB  . LEU A 1 81  ? -9.494  7.702   1.972   1.00 18.67 ? 81  LEU A CB  1 
ATOM   639  C CG  . LEU A 1 81  ? -9.668  6.881   0.730   1.00 22.29 ? 81  LEU A CG  1 
ATOM   640  C CD1 . LEU A 1 81  ? -8.582  5.906   0.372   1.00 21.49 ? 81  LEU A CD1 1 
ATOM   641  C CD2 . LEU A 1 81  ? -11.046 6.158   0.755   1.00 21.69 ? 81  LEU A CD2 1 
ATOM   642  N N   . ARG A 1 82  ? -8.455  10.027  3.873   1.00 18.66 ? 82  ARG A N   1 
ATOM   643  C CA  . ARG A 1 82  ? -8.254  11.457  4.074   1.00 21.57 ? 82  ARG A CA  1 
ATOM   644  C C   . ARG A 1 82  ? -6.819  11.863  4.395   1.00 21.12 ? 82  ARG A C   1 
ATOM   645  O O   . ARG A 1 82  ? -6.486  13.046  4.265   1.00 20.99 ? 82  ARG A O   1 
ATOM   646  C CB  . ARG A 1 82  ? -9.164  11.901  5.247   1.00 24.73 ? 82  ARG A CB  1 
ATOM   647  C CG  . ARG A 1 82  ? -9.124  10.886  6.365   1.00 30.17 ? 82  ARG A CG  1 
ATOM   648  C CD  . ARG A 1 82  ? -8.300  11.298  7.562   1.00 34.98 ? 82  ARG A CD  1 
ATOM   649  N NE  . ARG A 1 82  ? -9.124  11.826  8.647   1.00 39.30 ? 82  ARG A NE  1 
ATOM   650  C CZ  . ARG A 1 82  ? -9.944  12.857  8.603   1.00 42.00 ? 82  ARG A CZ  1 
ATOM   651  N NH1 . ARG A 1 82  ? -10.636 13.214  9.699   1.00 43.78 ? 82  ARG A NH1 1 
ATOM   652  N NH2 . ARG A 1 82  ? -10.119 13.571  7.501   1.00 42.95 ? 82  ARG A NH2 1 
ATOM   653  N N   . GLU A 1 83  ? -5.983  10.927  4.818   1.00 19.45 ? 83  GLU A N   1 
ATOM   654  C CA  . GLU A 1 83  ? -4.593  11.237  5.128   1.00 21.23 ? 83  GLU A CA  1 
ATOM   655  C C   . GLU A 1 83  ? -3.700  11.195  3.884   1.00 18.52 ? 83  GLU A C   1 
ATOM   656  O O   . GLU A 1 83  ? -2.549  11.641  3.957   1.00 18.31 ? 83  GLU A O   1 
ATOM   657  C CB  . GLU A 1 83  ? -4.025  10.205  6.103   1.00 24.09 ? 83  GLU A CB  1 
ATOM   658  C CG  . GLU A 1 83  ? -4.861  9.894   7.319   1.00 27.45 ? 83  GLU A CG  1 
ATOM   659  C CD  . GLU A 1 83  ? -4.727  10.937  8.411   1.00 30.30 ? 83  GLU A CD  1 
ATOM   660  O OE1 . GLU A 1 83  ? -4.012  11.939  8.196   1.00 32.56 ? 83  GLU A OE1 1 
ATOM   661  O OE2 . GLU A 1 83  ? -5.346  10.738  9.475   1.00 32.86 ? 83  GLU A OE2 1 
ATOM   662  N N   . LEU A 1 84  ? -4.191  10.662  2.779   1.00 15.69 ? 84  LEU A N   1 
ATOM   663  C CA  . LEU A 1 84  ? -3.416  10.529  1.554   1.00 14.73 ? 84  LEU A CA  1 
ATOM   664  C C   . LEU A 1 84  ? -3.368  11.761  0.694   1.00 14.13 ? 84  LEU A C   1 
ATOM   665  O O   . LEU A 1 84  ? -4.407  12.362  0.410   1.00 15.76 ? 84  LEU A O   1 
ATOM   666  C CB  . LEU A 1 84  ? -3.980  9.351   0.711   1.00 16.20 ? 84  LEU A CB  1 
ATOM   667  C CG  . LEU A 1 84  ? -4.057  8.025   1.482   1.00 15.52 ? 84  LEU A CG  1 
ATOM   668  C CD1 . LEU A 1 84  ? -4.663  6.929   0.600   1.00 14.87 ? 84  LEU A CD1 1 
ATOM   669  C CD2 . LEU A 1 84  ? -2.682  7.592   1.979   1.00 15.00 ? 84  LEU A CD2 1 
ATOM   670  N N   . SER A 1 85  ? -2.179  12.138  0.198   1.00 12.58 ? 85  SER A N   1 
ATOM   671  C CA  . SER A 1 85  ? -2.129  13.329  -0.641  1.00 12.43 ? 85  SER A CA  1 
ATOM   672  C C   . SER A 1 85  ? -2.507  13.091  -2.083  1.00 13.92 ? 85  SER A C   1 
ATOM   673  O O   . SER A 1 85  ? -2.896  14.047  -2.780  1.00 13.50 ? 85  SER A O   1 
ATOM   674  C CB  . SER A 1 85  ? -0.694  13.915  -0.632  1.00 13.52 ? 85  SER A CB  1 
ATOM   675  O OG  . SER A 1 85  ? 0.101   13.043  -1.430  1.00 14.20 ? 85  SER A OG  1 
ATOM   676  N N   . PHE A 1 86  ? -2.376  11.878  -2.613  1.00 12.41 ? 86  PHE A N   1 
ATOM   677  C CA  . PHE A 1 86  ? -2.619  11.548  -3.992  1.00 12.69 ? 86  PHE A CA  1 
ATOM   678  C C   . PHE A 1 86  ? -1.663  12.287  -4.922  1.00 13.18 ? 86  PHE A C   1 
ATOM   679  O O   . PHE A 1 86  ? -1.942  12.434  -6.111  1.00 13.38 ? 86  PHE A O   1 
ATOM   680  C CB  . PHE A 1 86  ? -4.075  11.700  -4.478  1.00 12.91 ? 86  PHE A CB  1 
ATOM   681  C CG  . PHE A 1 86  ? -4.885  10.555  -3.887  1.00 13.46 ? 86  PHE A CG  1 
ATOM   682  C CD1 . PHE A 1 86  ? -5.665  10.754  -2.779  1.00 15.49 ? 86  PHE A CD1 1 
ATOM   683  C CD2 . PHE A 1 86  ? -4.793  9.298   -4.477  1.00 12.98 ? 86  PHE A CD2 1 
ATOM   684  C CE1 . PHE A 1 86  ? -6.396  9.719   -2.211  1.00 16.20 ? 86  PHE A CE1 1 
ATOM   685  C CE2 . PHE A 1 86  ? -5.521  8.266   -3.901  1.00 15.26 ? 86  PHE A CE2 1 
ATOM   686  C CZ  . PHE A 1 86  ? -6.303  8.468   -2.799  1.00 14.24 ? 86  PHE A CZ  1 
ATOM   687  N N   . GLU A 1 87  ? -0.520  12.752  -4.399  1.00 13.82 ? 87  GLU A N   1 
ATOM   688  C CA  . GLU A 1 87  ? 0.457   13.420  -5.258  1.00 14.88 ? 87  GLU A CA  1 
ATOM   689  C C   . GLU A 1 87  ? 1.129   12.329  -6.098  1.00 13.08 ? 87  GLU A C   1 
ATOM   690  O O   . GLU A 1 87  ? 1.438   11.268  -5.544  1.00 13.93 ? 87  GLU A O   1 
ATOM   691  C CB  . GLU A 1 87  ? 1.539   14.121  -4.406  1.00 17.18 ? 87  GLU A CB  1 
ATOM   692  C CG  . GLU A 1 87  ? 1.039   15.371  -3.705  1.00 20.55 ? 87  GLU A CG  1 
ATOM   693  C CD  . GLU A 1 87  ? 2.069   16.013  -2.784  1.00 23.41 ? 87  GLU A CD  1 
ATOM   694  O OE1 . GLU A 1 87  ? 3.271   15.752  -2.880  1.00 23.94 ? 87  GLU A OE1 1 
ATOM   695  O OE2 . GLU A 1 87  ? 1.696   16.809  -1.904  1.00 26.29 ? 87  GLU A OE2 1 
ATOM   696  N N   . GLY A 1 88  ? 1.297   12.558  -7.387  1.00 12.28 ? 88  GLY A N   1 
ATOM   697  C CA  . GLY A 1 88  ? 1.907   11.629  -8.314  1.00 13.59 ? 88  GLY A CA  1 
ATOM   698  C C   . GLY A 1 88  ? 0.971   10.437  -8.649  1.00 12.38 ? 88  GLY A C   1 
ATOM   699  O O   . GLY A 1 88  ? 1.479   9.403   -9.064  1.00 15.53 ? 88  GLY A O   1 
ATOM   700  N N   . VAL A 1 89  ? -0.314  10.602  -8.438  1.00 12.27 ? 89  VAL A N   1 
ATOM   701  C CA  . VAL A 1 89  ? -1.276  9.494   -8.740  1.00 11.57 ? 89  VAL A CA  1 
ATOM   702  C C   . VAL A 1 89  ? -2.179  10.014  -9.864  1.00 10.80 ? 89  VAL A C   1 
ATOM   703  O O   . VAL A 1 89  ? -2.671  11.149  -9.718  1.00 12.50 ? 89  VAL A O   1 
ATOM   704  C CB  . VAL A 1 89  ? -2.073  9.104   -7.498  1.00 12.21 ? 89  VAL A CB  1 
ATOM   705  C CG1 . VAL A 1 89  ? -3.132  8.014   -7.789  1.00 11.83 ? 89  VAL A CG1 1 
ATOM   706  C CG2 . VAL A 1 89  ? -1.143  8.544   -6.413  1.00 12.12 ? 89  VAL A CG2 1 
ATOM   707  N N   . THR A 1 90  ? -2.322  9.278   -10.940 1.00 11.36 ? 90  THR A N   1 
ATOM   708  C CA  . THR A 1 90  ? -3.190  9.741   -12.055 1.00 12.86 ? 90  THR A CA  1 
ATOM   709  C C   . THR A 1 90  ? -4.655  9.615   -11.664 1.00 13.48 ? 90  THR A C   1 
ATOM   710  O O   . THR A 1 90  ? -5.051  8.896   -10.735 1.00 10.42 ? 90  THR A O   1 
ATOM   711  C CB  . THR A 1 90  ? -2.952  8.955   -13.343 1.00 12.97 ? 90  THR A CB  1 
ATOM   712  O OG1 . THR A 1 90  ? -3.413  7.594   -13.204 1.00 12.64 ? 90  THR A OG1 1 
ATOM   713  C CG2 . THR A 1 90  ? -1.501  8.937   -13.790 1.00 12.97 ? 90  THR A CG2 1 
ATOM   714  N N   . PRO A 1 91  ? -5.546  10.330  -12.356 1.00 13.96 ? 91  PRO A N   1 
ATOM   715  C CA  . PRO A 1 91  ? -6.967  10.267  -12.082 1.00 14.50 ? 91  PRO A CA  1 
ATOM   716  C C   . PRO A 1 91  ? -7.471  8.813   -12.175 1.00 11.67 ? 91  PRO A C   1 
ATOM   717  O O   . PRO A 1 91  ? -8.285  8.423   -11.324 1.00 15.10 ? 91  PRO A O   1 
ATOM   718  C CB  . PRO A 1 91  ? -7.588  11.145  -13.172 1.00 17.35 ? 91  PRO A CB  1 
ATOM   719  C CG  . PRO A 1 91  ? -6.481  12.105  -13.546 1.00 17.58 ? 91  PRO A CG  1 
ATOM   720  C CD  . PRO A 1 91  ? -5.222  11.255  -13.486 1.00 16.38 ? 91  PRO A CD  1 
ATOM   721  N N   . PHE A 1 92  ? -7.011  8.045   -13.138 1.00 11.35 ? 92  PHE A N   1 
ATOM   722  C CA  . PHE A 1 92  ? -7.423  6.648   -13.289 1.00 11.77 ? 92  PHE A CA  1 
ATOM   723  C C   . PHE A 1 92  ? -6.957  5.842   -12.065 1.00 12.88 ? 92  PHE A C   1 
ATOM   724  O O   . PHE A 1 92  ? -7.687  5.109   -11.428 1.00 11.40 ? 92  PHE A O   1 
ATOM   725  C CB  . PHE A 1 92  ? -6.855  5.990   -14.533 1.00 13.08 ? 92  PHE A CB  1 
ATOM   726  C CG  . PHE A 1 92  ? -7.081  4.500   -14.571 1.00 13.00 ? 92  PHE A CG  1 
ATOM   727  C CD1 . PHE A 1 92  ? -8.385  4.021   -14.710 1.00 15.61 ? 92  PHE A CD1 1 
ATOM   728  C CD2 . PHE A 1 92  ? -6.047  3.602   -14.536 1.00 13.85 ? 92  PHE A CD2 1 
ATOM   729  C CE1 . PHE A 1 92  ? -8.612  2.661   -14.765 1.00 14.08 ? 92  PHE A CE1 1 
ATOM   730  C CE2 . PHE A 1 92  ? -6.269  2.243   -14.580 1.00 15.92 ? 92  PHE A CE2 1 
ATOM   731  C CZ  . PHE A 1 92  ? -7.560  1.779   -14.693 1.00 14.70 ? 92  PHE A CZ  1 
ATOM   732  N N   . GLU A 1 93  ? -5.644  5.977   -11.746 1.00 11.30 ? 93  GLU A N   1 
ATOM   733  C CA  . GLU A 1 93  ? -5.132  5.249   -10.586 1.00 11.87 ? 93  GLU A CA  1 
ATOM   734  C C   . GLU A 1 93  ? -5.903  5.587   -9.337  1.00 11.21 ? 93  GLU A C   1 
ATOM   735  O O   . GLU A 1 93  ? -6.242  4.707   -8.546  1.00 10.95 ? 93  GLU A O   1 
ATOM   736  C CB  . GLU A 1 93  ? -3.620  5.551   -10.398 1.00 10.57 ? 93  GLU A CB  1 
ATOM   737  C CG  . GLU A 1 93  ? -2.780  4.935   -11.519 1.00 12.40 ? 93  GLU A CG  1 
ATOM   738  C CD  . GLU A 1 93  ? -1.405  5.590   -11.648 1.00 12.93 ? 93  GLU A CD  1 
ATOM   739  O OE1 . GLU A 1 93  ? -1.123  6.544   -10.884 1.00 11.68 ? 93  GLU A OE1 1 
ATOM   740  O OE2 . GLU A 1 93  ? -0.626  5.136   -12.513 1.00 14.08 ? 93  GLU A OE2 1 
ATOM   741  N N   . LYS A 1 94  ? -6.208  6.860   -9.091  1.00 10.31 ? 94  LYS A N   1 
ATOM   742  C CA  . LYS A 1 94  ? -6.944  7.279   -7.931  1.00 11.16 ? 94  LYS A CA  1 
ATOM   743  C C   . LYS A 1 94  ? -8.321  6.600   -7.871  1.00 11.67 ? 94  LYS A C   1 
ATOM   744  O O   . LYS A 1 94  ? -8.729  6.175   -6.789  1.00 10.97 ? 94  LYS A O   1 
ATOM   745  C CB  . LYS A 1 94  ? -7.179  8.796   -7.912  1.00 12.49 ? 94  LYS A CB  1 
ATOM   746  C CG  . LYS A 1 94  ? -7.983  9.296   -6.712  1.00 13.58 ? 94  LYS A CG  1 
ATOM   747  C CD  . LYS A 1 94  ? -7.753  10.815  -6.575  1.00 17.37 ? 94  LYS A CD  1 
ATOM   748  C CE  . LYS A 1 94  ? -8.516  11.345  -5.360  1.00 21.46 ? 94  LYS A CE  1 
ATOM   749  N NZ  . LYS A 1 94  ? -8.716  12.823  -5.493  1.00 26.77 ? 94  LYS A NZ  1 
ATOM   750  N N   . LYS A 1 95  ? -8.977  6.539   -9.013  1.00 13.49 ? 95  LYS A N   1 
ATOM   751  C CA  . LYS A 1 95  ? -10.313 5.912   -9.106  1.00 15.58 ? 95  LYS A CA  1 
ATOM   752  C C   . LYS A 1 95  ? -10.230 4.451   -8.698  1.00 12.16 ? 95  LYS A C   1 
ATOM   753  O O   . LYS A 1 95  ? -11.041 3.950   -7.910  1.00 11.78 ? 95  LYS A O   1 
ATOM   754  C CB  . LYS A 1 95  ? -10.855 6.056   -10.520 1.00 18.42 ? 95  LYS A CB  1 
ATOM   755  C CG  . LYS A 1 95  ? -12.167 5.343   -10.851 1.00 22.50 ? 95  LYS A CG  1 
ATOM   756  C CD  . LYS A 1 95  ? -12.291 5.266   -12.383 1.00 26.26 ? 95  LYS A CD  1 
ATOM   757  C CE  . LYS A 1 95  ? -13.627 4.717   -12.844 1.00 29.62 ? 95  LYS A CE  1 
ATOM   758  N NZ  . LYS A 1 95  ? -13.510 4.159   -14.243 1.00 32.05 ? 95  LYS A NZ  1 
ATOM   759  N N   . VAL A 1 96  ? -9.216  3.767   -9.214  1.00 11.04 ? 96  VAL A N   1 
ATOM   760  C CA  . VAL A 1 96  ? -9.040  2.354   -8.845  1.00 12.00 ? 96  VAL A CA  1 
ATOM   761  C C   . VAL A 1 96  ? -8.748  2.231   -7.362  1.00 11.71 ? 96  VAL A C   1 
ATOM   762  O O   . VAL A 1 96  ? -9.363  1.408   -6.649  1.00 9.23  ? 96  VAL A O   1 
ATOM   763  C CB  . VAL A 1 96  ? -7.926  1.719   -9.690  1.00 11.98 ? 96  VAL A CB  1 
ATOM   764  C CG1 . VAL A 1 96  ? -7.522  0.343   -9.156  1.00 13.06 ? 96  VAL A CG1 1 
ATOM   765  C CG2 . VAL A 1 96  ? -8.307  1.656   -11.160 1.00 14.97 ? 96  VAL A CG2 1 
ATOM   766  N N   . TYR A 1 97  ? -7.807  3.030   -6.828  1.00 9.81  ? 97  TYR A N   1 
ATOM   767  C CA  . TYR A 1 97  ? -7.458  2.936   -5.412  1.00 9.64  ? 97  TYR A CA  1 
ATOM   768  C C   . TYR A 1 97  ? -8.622  3.206   -4.478  1.00 10.03 ? 97  TYR A C   1 
ATOM   769  O O   . TYR A 1 97  ? -8.853  2.552   -3.466  1.00 9.18  ? 97  TYR A O   1 
ATOM   770  C CB  . TYR A 1 97  ? -6.288  3.900   -5.033  1.00 8.75  ? 97  TYR A CB  1 
ATOM   771  C CG  . TYR A 1 97  ? -5.040  3.649   -5.838  1.00 9.31  ? 97  TYR A CG  1 
ATOM   772  C CD1 . TYR A 1 97  ? -4.761  2.437   -6.441  1.00 7.41  ? 97  TYR A CD1 1 
ATOM   773  C CD2 . TYR A 1 97  ? -4.072  4.664   -5.997  1.00 9.76  ? 97  TYR A CD2 1 
ATOM   774  C CE1 . TYR A 1 97  ? -3.635  2.196   -7.186  1.00 9.04  ? 97  TYR A CE1 1 
ATOM   775  C CE2 . TYR A 1 97  ? -2.935  4.434   -6.751  1.00 8.15  ? 97  TYR A CE2 1 
ATOM   776  C CZ  . TYR A 1 97  ? -2.701  3.224   -7.340  1.00 8.88  ? 97  TYR A CZ  1 
ATOM   777  O OH  . TYR A 1 97  ? -1.576  2.999   -8.105  1.00 9.36  ? 97  TYR A OH  1 
ATOM   778  N N   . GLU A 1 98  ? -9.419  4.232   -4.790  1.00 11.27 ? 98  GLU A N   1 
ATOM   779  C CA  . GLU A 1 98  ? -10.569 4.542   -3.952  1.00 12.64 ? 98  GLU A CA  1 
ATOM   780  C C   . GLU A 1 98  ? -11.622 3.425   -4.014  1.00 12.75 ? 98  GLU A C   1 
ATOM   781  O O   . GLU A 1 98  ? -12.152 3.063   -2.963  1.00 11.59 ? 98  GLU A O   1 
ATOM   782  C CB  . GLU A 1 98  ? -11.206 5.860   -4.401  1.00 15.64 ? 98  GLU A CB  1 
ATOM   783  C CG  . GLU A 1 98  ? -10.376 7.079   -3.997  1.00 18.79 ? 98  GLU A CG  1 
ATOM   784  C CD  . GLU A 1 98  ? -11.000 8.387   -4.445  1.00 23.71 ? 98  GLU A CD  1 
ATOM   785  O OE1 . GLU A 1 98  ? -10.703 9.406   -3.795  1.00 26.89 ? 98  GLU A OE1 1 
ATOM   786  O OE2 . GLU A 1 98  ? -11.753 8.402   -5.441  1.00 24.85 ? 98  GLU A OE2 1 
ATOM   787  N N   . TRP A 1 99  ? -11.903 2.926   -5.210  1.00 14.15 ? 99  TRP A N   1 
ATOM   788  C CA  . TRP A 1 99  ? -12.955 1.861   -5.279  1.00 14.45 ? 99  TRP A CA  1 
ATOM   789  C C   . TRP A 1 99  ? -12.543 0.660   -4.476  1.00 13.31 ? 99  TRP A C   1 
ATOM   790  O O   . TRP A 1 99  ? -13.298 0.057   -3.702  1.00 12.54 ? 99  TRP A O   1 
ATOM   791  C CB  . TRP A 1 99  ? -13.216 1.496   -6.751  1.00 15.27 ? 99  TRP A CB  1 
ATOM   792  C CG  . TRP A 1 99  ? -14.465 0.646   -6.889  1.00 16.23 ? 99  TRP A CG  1 
ATOM   793  C CD1 . TRP A 1 99  ? -15.727 1.122   -7.131  1.00 17.04 ? 99  TRP A CD1 1 
ATOM   794  C CD2 . TRP A 1 99  ? -14.565 -0.773  -6.769  1.00 16.45 ? 99  TRP A CD2 1 
ATOM   795  N NE1 . TRP A 1 99  ? -16.620 0.058   -7.184  1.00 17.30 ? 99  TRP A NE1 1 
ATOM   796  C CE2 . TRP A 1 99  ? -15.935 -1.105  -6.966  1.00 17.21 ? 99  TRP A CE2 1 
ATOM   797  C CE3 . TRP A 1 99  ? -13.661 -1.800  -6.543  1.00 17.17 ? 99  TRP A CE3 1 
ATOM   798  C CZ2 . TRP A 1 99  ? -16.395 -2.425  -6.924  1.00 17.48 ? 99  TRP A CZ2 1 
ATOM   799  C CZ3 . TRP A 1 99  ? -14.110 -3.115  -6.493  1.00 17.61 ? 99  TRP A CZ3 1 
ATOM   800  C CH2 . TRP A 1 99  ? -15.472 -3.396  -6.702  1.00 17.14 ? 99  TRP A CH2 1 
ATOM   801  N N   . LEU A 1 100 ? -11.281 0.248   -4.655  1.00 12.85 ? 100 LEU A N   1 
ATOM   802  C CA  . LEU A 1 100 ? -10.721 -0.889  -3.944  1.00 12.22 ? 100 LEU A CA  1 
ATOM   803  C C   . LEU A 1 100 ? -10.791 -0.691  -2.440  1.00 11.70 ? 100 LEU A C   1 
ATOM   804  O O   . LEU A 1 100 ? -11.177 -1.586  -1.661  1.00 12.40 ? 100 LEU A O   1 
ATOM   805  C CB  . LEU A 1 100 ? -9.248  -1.043  -4.397  1.00 13.30 ? 100 LEU A CB  1 
ATOM   806  C CG  . LEU A 1 100 ? -8.458  -2.166  -3.766  1.00 18.06 ? 100 LEU A CG  1 
ATOM   807  C CD1 . LEU A 1 100 ? -9.098  -3.524  -4.158  1.00 15.26 ? 100 LEU A CD1 1 
ATOM   808  C CD2 . LEU A 1 100 ? -6.998  -2.118  -4.215  1.00 16.68 ? 100 LEU A CD2 1 
ATOM   809  N N   . THR A 1 101 ? -10.403 0.503   -1.967  1.00 11.95 ? 101 THR A N   1 
ATOM   810  C CA  . THR A 1 101 ? -10.400 0.781   -0.549  1.00 11.96 ? 101 THR A CA  1 
ATOM   811  C C   . THR A 1 101 ? -11.777 0.822   0.077   1.00 12.05 ? 101 THR A C   1 
ATOM   812  O O   . THR A 1 101 ? -11.979 0.380   1.210   1.00 13.15 ? 101 THR A O   1 
ATOM   813  C CB  . THR A 1 101 ? -9.671  2.143   -0.292  1.00 13.43 ? 101 THR A CB  1 
ATOM   814  O OG1 . THR A 1 101 ? -8.337  2.011   -0.872  1.00 13.10 ? 101 THR A OG1 1 
ATOM   815  C CG2 . THR A 1 101 ? -9.507  2.371   1.198   1.00 15.33 ? 101 THR A CG2 1 
ATOM   816  N N   . LYS A 1 102 ? -12.756 1.364   -0.643  1.00 12.47 ? 102 LYS A N   1 
ATOM   817  C CA  . LYS A 1 102 ? -14.101 1.462   -0.089  1.00 14.80 ? 102 LYS A CA  1 
ATOM   818  C C   . LYS A 1 102 ? -14.912 0.181   -0.276  1.00 15.99 ? 102 LYS A C   1 
ATOM   819  O O   . LYS A 1 102 ? -15.841 -0.057  0.507   1.00 16.38 ? 102 LYS A O   1 
ATOM   820  C CB  . LYS A 1 102 ? -14.859 2.577   -0.852  1.00 18.13 ? 102 LYS A CB  1 
ATOM   821  C CG  . LYS A 1 102 ? -14.442 3.976   -0.392  1.00 21.44 ? 102 LYS A CG  1 
ATOM   822  C CD  . LYS A 1 102 ? -15.233 5.053   -1.130  1.00 25.24 ? 102 LYS A CD  1 
ATOM   823  C CE  . LYS A 1 102 ? -14.464 6.378   -1.042  1.00 28.37 ? 102 LYS A CE  1 
ATOM   824  N NZ  . LYS A 1 102 ? -15.350 7.557   -1.287  1.00 30.59 ? 102 LYS A NZ  1 
ATOM   825  N N   . ASN A 1 103 ? -14.586 -0.601  -1.308  1.00 13.67 ? 103 ASN A N   1 
ATOM   826  C CA  . ASN A 1 103 ? -15.438 -1.781  -1.525  1.00 14.88 ? 103 ASN A CA  1 
ATOM   827  C C   . ASN A 1 103 ? -14.884 -3.148  -1.275  1.00 16.27 ? 103 ASN A C   1 
ATOM   828  O O   . ASN A 1 103 ? -15.720 -4.080  -1.127  1.00 15.78 ? 103 ASN A O   1 
ATOM   829  C CB  . ASN A 1 103 ? -15.912 -1.704  -3.012  1.00 15.97 ? 103 ASN A CB  1 
ATOM   830  C CG  . ASN A 1 103 ? -16.791 -0.493  -3.228  1.00 17.63 ? 103 ASN A CG  1 
ATOM   831  O OD1 . ASN A 1 103 ? -17.908 -0.448  -2.708  1.00 17.70 ? 103 ASN A OD1 1 
ATOM   832  N ND2 . ASN A 1 103 ? -16.291 0.494   -3.963  1.00 16.25 ? 103 ASN A ND2 1 
ATOM   833  N N   . VAL A 1 104 ? -13.586 -3.361  -1.261  1.00 13.02 ? 104 VAL A N   1 
ATOM   834  C CA  . VAL A 1 104 ? -13.018 -4.696  -1.029  1.00 14.58 ? 104 VAL A CA  1 
ATOM   835  C C   . VAL A 1 104 ? -12.658 -4.774  0.445   1.00 17.28 ? 104 VAL A C   1 
ATOM   836  O O   . VAL A 1 104 ? -11.627 -4.266  0.893   1.00 15.51 ? 104 VAL A O   1 
ATOM   837  C CB  . VAL A 1 104 ? -11.851 -4.979  -1.971  1.00 13.91 ? 104 VAL A CB  1 
ATOM   838  C CG1 . VAL A 1 104 ? -11.338 -6.403  -1.825  1.00 15.86 ? 104 VAL A CG1 1 
ATOM   839  C CG2 . VAL A 1 104 ? -12.349 -4.787  -3.427  1.00 15.20 ? 104 VAL A CG2 1 
ATOM   840  N N   . LYS A 1 105 ? -13.555 -5.390  1.214   1.00 16.17 ? 105 LYS A N   1 
ATOM   841  C CA  . LYS A 1 105 ? -13.401 -5.451  2.653   1.00 18.09 ? 105 LYS A CA  1 
ATOM   842  C C   . LYS A 1 105 ? -12.392 -6.430  3.196   1.00 15.66 ? 105 LYS A C   1 
ATOM   843  O O   . LYS A 1 105 ? -12.067 -7.447  2.607   1.00 15.86 ? 105 LYS A O   1 
ATOM   844  C CB  . LYS A 1 105 ? -14.775 -5.768  3.302   1.00 21.95 ? 105 LYS A CB  1 
ATOM   845  C CG  . LYS A 1 105 ? -15.914 -4.899  2.840   1.00 26.09 ? 105 LYS A CG  1 
ATOM   846  C CD  . LYS A 1 105 ? -15.787 -3.446  3.212   1.00 29.94 ? 105 LYS A CD  1 
ATOM   847  C CE  . LYS A 1 105 ? -16.847 -2.591  2.520   1.00 31.83 ? 105 LYS A CE  1 
ATOM   848  N NZ  . LYS A 1 105 ? -18.216 -2.945  3.029   1.00 34.85 ? 105 LYS A NZ  1 
ATOM   849  N N   . ARG A 1 106 ? -11.912 -6.101  4.398   1.00 15.58 ? 106 ARG A N   1 
ATOM   850  C CA  . ARG A 1 106 ? -10.957 -6.969  5.091   1.00 15.11 ? 106 ARG A CA  1 
ATOM   851  C C   . ARG A 1 106 ? -11.570 -8.366  5.252   1.00 15.90 ? 106 ARG A C   1 
ATOM   852  O O   . ARG A 1 106 ? -12.724 -8.451  5.685   1.00 15.82 ? 106 ARG A O   1 
ATOM   853  C CB  . ARG A 1 106 ? -10.722 -6.348  6.474   1.00 17.13 ? 106 ARG A CB  1 
ATOM   854  C CG  . ARG A 1 106 ? -9.529  -6.947  7.205   1.00 18.26 ? 106 ARG A CG  1 
ATOM   855  C CD  . ARG A 1 106 ? -9.431  -6.280  8.604   1.00 19.33 ? 106 ARG A CD  1 
ATOM   856  N NE  . ARG A 1 106 ? -8.352  -6.964  9.337   1.00 21.09 ? 106 ARG A NE  1 
ATOM   857  C CZ  . ARG A 1 106 ? -7.080  -6.552  9.249   1.00 20.88 ? 106 ARG A CZ  1 
ATOM   858  N NH1 . ARG A 1 106 ? -6.783  -5.502  8.499   1.00 18.65 ? 106 ARG A NH1 1 
ATOM   859  N NH2 . ARG A 1 106 ? -6.170  -7.224  9.930   1.00 20.04 ? 106 ARG A NH2 1 
ATOM   860  N N   . GLY A 1 107 ? -10.831 -9.394  4.900   1.00 15.06 ? 107 GLY A N   1 
ATOM   861  C CA  . GLY A 1 107 ? -11.328 -10.769 5.004   1.00 15.60 ? 107 GLY A CA  1 
ATOM   862  C C   . GLY A 1 107 ? -11.822 -11.273 3.649   1.00 17.68 ? 107 GLY A C   1 
ATOM   863  O O   . GLY A 1 107 ? -12.185 -12.451 3.517   1.00 18.20 ? 107 GLY A O   1 
ATOM   864  N N   . SER A 1 108 ? -11.839 -10.399 2.640   1.00 13.39 ? 108 SER A N   1 
ATOM   865  C CA  . SER A 1 108 ? -12.275 -10.815 1.314   1.00 15.67 ? 108 SER A CA  1 
ATOM   866  C C   . SER A 1 108 ? -11.211 -10.448 0.287   1.00 16.44 ? 108 SER A C   1 
ATOM   867  O O   . SER A 1 108 ? -10.254 -9.734  0.631   1.00 13.83 ? 108 SER A O   1 
ATOM   868  C CB  . SER A 1 108 ? -13.621 -10.187 0.923   1.00 16.46 ? 108 SER A CB  1 
ATOM   869  O OG  . SER A 1 108 ? -13.383 -8.822  0.541   1.00 20.99 ? 108 SER A OG  1 
ATOM   870  N N   . VAL A 1 109 ? -11.348 -10.979 -0.918  1.00 13.31 ? 109 VAL A N   1 
ATOM   871  C CA  . VAL A 1 109 ? -10.416 -10.742 -2.009  1.00 13.92 ? 109 VAL A CA  1 
ATOM   872  C C   . VAL A 1 109 ? -11.223 -10.472 -3.285  1.00 13.63 ? 109 VAL A C   1 
ATOM   873  O O   . VAL A 1 109 ? -12.457 -10.539 -3.241  1.00 13.87 ? 109 VAL A O   1 
ATOM   874  C CB  . VAL A 1 109 ? -9.454  -11.901 -2.270  1.00 14.70 ? 109 VAL A CB  1 
ATOM   875  C CG1 . VAL A 1 109 ? -8.569  -12.207 -1.043  1.00 14.42 ? 109 VAL A CG1 1 
ATOM   876  C CG2 . VAL A 1 109 ? -10.231 -13.166 -2.665  1.00 15.82 ? 109 VAL A CG2 1 
ATOM   877  N N   . ILE A 1 110 ? -10.525 -10.142 -4.347  1.00 14.56 ? 110 ILE A N   1 
ATOM   878  C CA  . ILE A 1 110 ? -11.181 -9.894  -5.646  1.00 12.65 ? 110 ILE A CA  1 
ATOM   879  C C   . ILE A 1 110 ? -10.125 -10.202 -6.694  1.00 13.99 ? 110 ILE A C   1 
ATOM   880  O O   . ILE A 1 110 ? -8.921  -10.000 -6.452  1.00 13.17 ? 110 ILE A O   1 
ATOM   881  C CB  . ILE A 1 110 ? -11.730 -8.485  -5.784  1.00 13.36 ? 110 ILE A CB  1 
ATOM   882  C CG1 . ILE A 1 110 ? -12.636 -8.396  -7.036  1.00 14.00 ? 110 ILE A CG1 1 
ATOM   883  C CG2 . ILE A 1 110 ? -10.572 -7.470  -5.904  1.00 11.61 ? 110 ILE A CG2 1 
ATOM   884  C CD1 . ILE A 1 110 ? -13.661 -7.280  -6.943  1.00 16.06 ? 110 ILE A CD1 1 
ATOM   885  N N   . THR A 1 111 ? -10.503 -10.744 -7.842  1.00 11.86 ? 111 THR A N   1 
ATOM   886  C CA  . THR A 1 111 ? -9.513  -11.053 -8.850  1.00 11.34 ? 111 THR A CA  1 
ATOM   887  C C   . THR A 1 111 ? -9.213  -9.823  -9.685  1.00 11.22 ? 111 THR A C   1 
ATOM   888  O O   . THR A 1 111 ? -9.997  -8.859  -9.710  1.00 11.66 ? 111 THR A O   1 
ATOM   889  C CB  . THR A 1 111 ? -9.995  -12.191 -9.795  1.00 13.97 ? 111 THR A CB  1 
ATOM   890  O OG1 . THR A 1 111 ? -11.129 -11.711 -10.519 1.00 12.39 ? 111 THR A OG1 1 
ATOM   891  C CG2 . THR A 1 111 ? -10.361 -13.424 -8.971  1.00 12.76 ? 111 THR A CG2 1 
ATOM   892  N N   . TYR A 1 112 ? -8.084  -9.841  -10.391 1.00 12.40 ? 112 TYR A N   1 
ATOM   893  C CA  . TYR A 1 112 ? -7.756  -8.717  -11.262 1.00 13.41 ? 112 TYR A CA  1 
ATOM   894  C C   . TYR A 1 112 ? -8.917  -8.543  -12.278 1.00 13.54 ? 112 TYR A C   1 
ATOM   895  O O   . TYR A 1 112 ? -9.328  -7.443  -12.554 1.00 12.18 ? 112 TYR A O   1 
ATOM   896  C CB  . TYR A 1 112 ? -6.513  -8.975  -12.107 1.00 15.91 ? 112 TYR A CB  1 
ATOM   897  C CG  . TYR A 1 112 ? -5.247  -8.919  -11.279 1.00 19.72 ? 112 TYR A CG  1 
ATOM   898  C CD1 . TYR A 1 112 ? -4.685  -10.105 -10.830 1.00 23.60 ? 112 TYR A CD1 1 
ATOM   899  C CD2 . TYR A 1 112 ? -4.646  -7.715  -10.950 1.00 22.50 ? 112 TYR A CD2 1 
ATOM   900  C CE1 . TYR A 1 112 ? -3.534  -10.093 -10.070 1.00 26.21 ? 112 TYR A CE1 1 
ATOM   901  C CE2 . TYR A 1 112 ? -3.487  -7.694  -10.189 1.00 25.47 ? 112 TYR A CE2 1 
ATOM   902  C CZ  . TYR A 1 112 ? -2.949  -8.885  -9.758  1.00 28.33 ? 112 TYR A CZ  1 
ATOM   903  O OH  . TYR A 1 112 ? -1.795  -8.897  -8.997  1.00 31.14 ? 112 TYR A OH  1 
ATOM   904  N N   . GLY A 1 113 ? -9.353  -9.693  -12.832 1.00 12.26 ? 113 GLY A N   1 
ATOM   905  C CA  . GLY A 1 113 ? -10.428 -9.662  -13.801 1.00 12.33 ? 113 GLY A CA  1 
ATOM   906  C C   . GLY A 1 113 ? -11.731 -9.092  -13.275 1.00 10.47 ? 113 GLY A C   1 
ATOM   907  O O   . GLY A 1 113 ? -12.381 -8.330  -14.009 1.00 12.28 ? 113 GLY A O   1 
ATOM   908  N N   . ASP A 1 114 ? -12.165 -9.448  -12.069 1.00 9.89  ? 114 ASP A N   1 
ATOM   909  C CA  . ASP A 1 114 ? -13.416 -8.950  -11.508 1.00 10.82 ? 114 ASP A CA  1 
ATOM   910  C C   . ASP A 1 114 ? -13.308 -7.473  -11.157 1.00 12.15 ? 114 ASP A C   1 
ATOM   911  O O   . ASP A 1 114 ? -14.260 -6.712  -11.300 1.00 11.97 ? 114 ASP A O   1 
ATOM   912  C CB  . ASP A 1 114 ? -13.815 -9.755  -10.253 1.00 11.98 ? 114 ASP A CB  1 
ATOM   913  C CG  . ASP A 1 114 ? -14.218 -11.185 -10.653 1.00 15.00 ? 114 ASP A CG  1 
ATOM   914  O OD1 . ASP A 1 114 ? -14.429 -11.443 -11.845 1.00 16.85 ? 114 ASP A OD1 1 
ATOM   915  O OD2 . ASP A 1 114 ? -14.298 -12.023 -9.747  1.00 16.53 ? 114 ASP A OD2 1 
ATOM   916  N N   . LEU A 1 115 ? -12.097 -7.063  -10.726 1.00 9.63  ? 115 LEU A N   1 
ATOM   917  C CA  . LEU A 1 115 ? -11.925 -5.628  -10.391 1.00 12.47 ? 115 LEU A CA  1 
ATOM   918  C C   . LEU A 1 115 ? -12.020 -4.805  -11.669 1.00 11.08 ? 115 LEU A C   1 
ATOM   919  O O   . LEU A 1 115 ? -12.667 -3.745  -11.701 1.00 12.55 ? 115 LEU A O   1 
ATOM   920  C CB  . LEU A 1 115 ? -10.574 -5.443  -9.687  1.00 12.95 ? 115 LEU A CB  1 
ATOM   921  C CG  . LEU A 1 115 ? -10.176 -4.008  -9.336  1.00 14.62 ? 115 LEU A CG  1 
ATOM   922  C CD1 . LEU A 1 115 ? -11.212 -3.338  -8.456  1.00 14.11 ? 115 LEU A CD1 1 
ATOM   923  C CD2 . LEU A 1 115 ? -8.823  -4.037  -8.585  1.00 15.26 ? 115 LEU A CD2 1 
ATOM   924  N N   . ALA A 1 116 ? -11.421 -5.304  -12.749 1.00 10.35 ? 116 ALA A N   1 
ATOM   925  C CA  . ALA A 1 116 ? -11.457 -4.630  -14.030 1.00 11.75 ? 116 ALA A CA  1 
ATOM   926  C C   . ALA A 1 116 ? -12.903 -4.530  -14.536 1.00 12.95 ? 116 ALA A C   1 
ATOM   927  O O   . ALA A 1 116 ? -13.337 -3.486  -15.029 1.00 12.93 ? 116 ALA A O   1 
ATOM   928  C CB  . ALA A 1 116 ? -10.614 -5.338  -15.066 1.00 12.34 ? 116 ALA A CB  1 
ATOM   929  N N   . LYS A 1 117 ? -13.652 -5.636  -14.403 1.00 12.85 ? 117 LYS A N   1 
ATOM   930  C CA  . LYS A 1 117 ? -15.042 -5.602  -14.869 1.00 14.66 ? 117 LYS A CA  1 
ATOM   931  C C   . LYS A 1 117 ? -15.871 -4.598  -14.110 1.00 14.35 ? 117 LYS A C   1 
ATOM   932  O O   . LYS A 1 117 ? -16.711 -3.881  -14.701 1.00 13.64 ? 117 LYS A O   1 
ATOM   933  C CB  . LYS A 1 117 ? -15.665 -7.022  -14.743 1.00 16.74 ? 117 LYS A CB  1 
ATOM   934  C CG  . LYS A 1 117 ? -15.341 -7.851  -15.967 1.00 22.62 ? 117 LYS A CG  1 
ATOM   935  C CD  . LYS A 1 117 ? -15.351 -9.350  -15.699 1.00 27.99 ? 117 LYS A CD  1 
ATOM   936  C CE  . LYS A 1 117 ? -14.859 -10.070 -16.966 1.00 29.86 ? 117 LYS A CE  1 
ATOM   937  N NZ  . LYS A 1 117 ? -13.750 -11.005 -16.629 1.00 31.44 ? 117 LYS A NZ  1 
ATOM   938  N N   . ALA A 1 118 ? -15.632 -4.456  -12.807 1.00 13.58 ? 118 ALA A N   1 
ATOM   939  C CA  . ALA A 1 118 ? -16.381 -3.532  -11.984 1.00 13.68 ? 118 ALA A CA  1 
ATOM   940  C C   . ALA A 1 118 ? -16.130 -2.074  -12.368 1.00 15.79 ? 118 ALA A C   1 
ATOM   941  O O   . ALA A 1 118 ? -17.021 -1.247  -12.194 1.00 15.48 ? 118 ALA A O   1 
ATOM   942  C CB  . ALA A 1 118 ? -16.040 -3.704  -10.498 1.00 14.62 ? 118 ALA A CB  1 
ATOM   943  N N   . LEU A 1 119 ? -14.954 -1.804  -12.908 1.00 12.33 ? 119 LEU A N   1 
ATOM   944  C CA  . LEU A 1 119 ? -14.591 -0.424  -13.262 1.00 14.83 ? 119 LEU A CA  1 
ATOM   945  C C   . LEU A 1 119 ? -14.588 -0.167  -14.747 1.00 15.63 ? 119 LEU A C   1 
ATOM   946  O O   . LEU A 1 119 ? -14.057 0.863   -15.205 1.00 14.59 ? 119 LEU A O   1 
ATOM   947  C CB  . LEU A 1 119 ? -13.181 -0.236  -12.677 1.00 16.30 ? 119 LEU A CB  1 
ATOM   948  C CG  . LEU A 1 119 ? -13.001 0.431   -11.320 1.00 21.07 ? 119 LEU A CG  1 
ATOM   949  C CD1 . LEU A 1 119 ? -14.240 0.584   -10.490 1.00 20.36 ? 119 LEU A CD1 1 
ATOM   950  C CD2 . LEU A 1 119 ? -11.875 -0.255  -10.556 1.00 19.53 ? 119 LEU A CD2 1 
ATOM   951  N N   . ASN A 1 120 ? -15.122 -1.098  -15.555 1.00 14.63 ? 120 ASN A N   1 
ATOM   952  C CA  . ASN A 1 120 ? -15.151 -0.938  -17.001 1.00 15.93 ? 120 ASN A CA  1 
ATOM   953  C C   . ASN A 1 120 ? -13.765 -0.728  -17.593 1.00 15.56 ? 120 ASN A C   1 
ATOM   954  O O   . ASN A 1 120 ? -13.586 0.095   -18.503 1.00 15.75 ? 120 ASN A O   1 
ATOM   955  C CB  . ASN A 1 120 ? -16.039 0.265   -17.420 1.00 17.36 ? 120 ASN A CB  1 
ATOM   956  C CG  . ASN A 1 120 ? -17.488 -0.019  -17.061 1.00 20.45 ? 120 ASN A CG  1 
ATOM   957  O OD1 . ASN A 1 120 ? -17.964 -1.146  -17.230 1.00 20.84 ? 120 ASN A OD1 1 
ATOM   958  N ND2 . ASN A 1 120 ? -18.160 0.986   -16.537 1.00 23.22 ? 120 ASN A ND2 1 
ATOM   959  N N   . THR A 1 121 ? -12.781 -1.448  -17.070 1.00 13.12 ? 121 THR A N   1 
ATOM   960  C CA  . THR A 1 121 ? -11.426 -1.269  -17.608 1.00 13.02 ? 121 THR A CA  1 
ATOM   961  C C   . THR A 1 121 ? -10.836 -2.618  -17.909 1.00 15.87 ? 121 THR A C   1 
ATOM   962  O O   . THR A 1 121 ? -11.565 -3.637  -17.917 1.00 14.22 ? 121 THR A O   1 
ATOM   963  C CB  . THR A 1 121 ? -10.597 -0.429  -16.605 1.00 13.74 ? 121 THR A CB  1 
ATOM   964  O OG1 . THR A 1 121 ? -9.297  -0.161  -17.163 1.00 14.79 ? 121 THR A OG1 1 
ATOM   965  C CG2 . THR A 1 121 ? -10.457 -1.152  -15.277 1.00 12.98 ? 121 THR A CG2 1 
ATOM   966  N N   . SER A 1 122 ? -9.542  -2.692  -18.186 1.00 13.87 ? 122 SER A N   1 
ATOM   967  C CA  . SER A 1 122 ? -8.909  -3.970  -18.490 1.00 14.63 ? 122 SER A CA  1 
ATOM   968  C C   . SER A 1 122 ? -8.062  -4.450  -17.320 1.00 13.96 ? 122 SER A C   1 
ATOM   969  O O   . SER A 1 122 ? -7.561  -3.670  -16.500 1.00 13.00 ? 122 SER A O   1 
ATOM   970  C CB  . SER A 1 122 ? -8.011  -3.813  -19.721 1.00 17.82 ? 122 SER A CB  1 
ATOM   971  O OG  . SER A 1 122 ? -6.867  -3.047  -19.432 1.00 21.32 ? 122 SER A OG  1 
ATOM   972  N N   . PRO A 1 123 ? -7.905  -5.756  -17.205 1.00 13.74 ? 123 PRO A N   1 
ATOM   973  C CA  . PRO A 1 123 ? -7.120  -6.377  -16.162 1.00 13.47 ? 123 PRO A CA  1 
ATOM   974  C C   . PRO A 1 123 ? -5.675  -5.853  -16.235 1.00 13.17 ? 123 PRO A C   1 
ATOM   975  O O   . PRO A 1 123 ? -5.044  -5.715  -15.194 1.00 13.50 ? 123 PRO A O   1 
ATOM   976  C CB  . PRO A 1 123 ? -7.164  -7.871  -16.479 1.00 15.48 ? 123 PRO A CB  1 
ATOM   977  C CG  . PRO A 1 123 ? -8.285  -8.052  -17.425 1.00 15.85 ? 123 PRO A CG  1 
ATOM   978  C CD  . PRO A 1 123 ? -8.542  -6.760  -18.121 1.00 16.65 ? 123 PRO A CD  1 
ATOM   979  N N   . ARG A 1 124 ? -5.160  -5.576  -17.421 1.00 13.75 ? 124 ARG A N   1 
ATOM   980  C CA  . ARG A 1 124 ? -3.808  -5.044  -17.555 1.00 13.82 ? 124 ARG A CA  1 
ATOM   981  C C   . ARG A 1 124 ? -3.729  -3.630  -16.969 1.00 13.17 ? 124 ARG A C   1 
ATOM   982  O O   . ARG A 1 124 ? -2.775  -3.394  -16.221 1.00 12.96 ? 124 ARG A O   1 
ATOM   983  C CB  . ARG A 1 124 ? -3.288  -5.088  -18.975 1.00 15.87 ? 124 ARG A CB  1 
ATOM   984  C CG  . ARG A 1 124 ? -3.050  -6.520  -19.437 1.00 18.52 ? 124 ARG A CG  1 
ATOM   985  C CD  . ARG A 1 124 ? -2.638  -6.534  -20.921 1.00 23.21 ? 124 ARG A CD  1 
ATOM   986  N NE  . ARG A 1 124 ? -2.847  -7.893  -21.417 1.00 25.55 ? 124 ARG A NE  1 
ATOM   987  C CZ  . ARG A 1 124 ? -2.063  -8.546  -22.254 1.00 27.39 ? 124 ARG A CZ  1 
ATOM   988  N NH1 . ARG A 1 124 ? -0.962  -7.981  -22.728 1.00 28.72 ? 124 ARG A NH1 1 
ATOM   989  N NH2 . ARG A 1 124 ? -2.389  -9.782  -22.605 1.00 27.70 ? 124 ARG A NH2 1 
ATOM   990  N N   . ALA A 1 125 ? -4.721  -2.805  -17.216 1.00 11.67 ? 125 ALA A N   1 
ATOM   991  C CA  . ALA A 1 125 ? -4.704  -1.447  -16.622 1.00 13.92 ? 125 ALA A CA  1 
ATOM   992  C C   . ALA A 1 125 ? -4.727  -1.509  -15.118 1.00 12.77 ? 125 ALA A C   1 
ATOM   993  O O   . ALA A 1 125 ? -4.035  -0.767  -14.389 1.00 11.46 ? 125 ALA A O   1 
ATOM   994  C CB  . ALA A 1 125 ? -5.868  -0.632  -17.197 1.00 13.96 ? 125 ALA A CB  1 
ATOM   995  N N   . VAL A 1 126 ? -5.523  -2.428  -14.531 1.00 12.01 ? 126 VAL A N   1 
ATOM   996  C CA  . VAL A 1 126 ? -5.628  -2.599  -13.091 1.00 11.99 ? 126 VAL A CA  1 
ATOM   997  C C   . VAL A 1 126 ? -4.295  -3.133  -12.551 1.00 12.79 ? 126 VAL A C   1 
ATOM   998  O O   . VAL A 1 126 ? -3.860  -2.694  -11.492 1.00 13.00 ? 126 VAL A O   1 
ATOM   999  C CB  . VAL A 1 126 ? -6.751  -3.604  -12.715 1.00 12.51 ? 126 VAL A CB  1 
ATOM   1000 C CG1 . VAL A 1 126 ? -6.651  -4.046  -11.264 1.00 13.05 ? 126 VAL A CG1 1 
ATOM   1001 C CG2 . VAL A 1 126 ? -8.096  -2.893  -12.931 1.00 12.95 ? 126 VAL A CG2 1 
ATOM   1002 N N   . GLY A 1 127 ? -3.696  -4.054  -13.300 1.00 12.44 ? 127 GLY A N   1 
ATOM   1003 C CA  . GLY A 1 127 ? -2.403  -4.618  -12.880 1.00 12.87 ? 127 GLY A CA  1 
ATOM   1004 C C   . GLY A 1 127 ? -1.370  -3.472  -12.834 1.00 12.51 ? 127 GLY A C   1 
ATOM   1005 O O   . GLY A 1 127 ? -0.620  -3.371  -11.855 1.00 12.11 ? 127 GLY A O   1 
ATOM   1006 N N   . GLY A 1 128 ? -1.333  -2.633  -13.846 1.00 9.72  ? 128 GLY A N   1 
ATOM   1007 C CA  . GLY A 1 128 ? -0.389  -1.506  -13.871 1.00 12.16 ? 128 GLY A CA  1 
ATOM   1008 C C   . GLY A 1 128 ? -0.595  -0.593  -12.674 1.00 12.41 ? 128 GLY A C   1 
ATOM   1009 O O   . GLY A 1 128 ? 0.373   -0.096  -12.074 1.00 13.42 ? 128 GLY A O   1 
ATOM   1010 N N   . ALA A 1 129 ? -1.856  -0.300  -12.331 1.00 9.11  ? 129 ALA A N   1 
ATOM   1011 C CA  . ALA A 1 129 ? -2.154  0.548   -11.193 1.00 11.81 ? 129 ALA A CA  1 
ATOM   1012 C C   . ALA A 1 129 ? -1.729  -0.107  -9.891  1.00 13.36 ? 129 ALA A C   1 
ATOM   1013 O O   . ALA A 1 129 ? -1.236  0.566   -8.976  1.00 13.30 ? 129 ALA A O   1 
ATOM   1014 C CB  . ALA A 1 129 ? -3.634  0.936   -11.162 1.00 12.33 ? 129 ALA A CB  1 
ATOM   1015 N N   . MET A 1 130 ? -1.895  -1.435  -9.755  1.00 12.69 ? 130 MET A N   1 
ATOM   1016 C CA  . MET A 1 130 ? -1.498  -2.092  -8.514  1.00 15.16 ? 130 MET A CA  1 
ATOM   1017 C C   . MET A 1 130 ? 0.021   -2.054  -8.355  1.00 15.18 ? 130 MET A C   1 
ATOM   1018 O O   . MET A 1 130 ? 0.517   -1.837  -7.243  1.00 15.82 ? 130 MET A O   1 
ATOM   1019 C CB  . MET A 1 130 ? -1.960  -3.550  -8.460  1.00 18.05 ? 130 MET A CB  1 
ATOM   1020 C CG  . MET A 1 130 ? -3.471  -3.740  -8.461  1.00 22.35 ? 130 MET A CG  1 
ATOM   1021 S SD  . MET A 1 130 ? -4.270  -2.927  -7.071  1.00 26.04 ? 130 MET A SD  1 
ATOM   1022 C CE  . MET A 1 130 ? -4.866  -1.437  -7.818  1.00 24.20 ? 130 MET A CE  1 
ATOM   1023 N N   . LYS A 1 131 ? 0.740   -2.264  -9.463  1.00 14.28 ? 131 LYS A N   1 
ATOM   1024 C CA  . LYS A 1 131 ? 2.200   -2.223  -9.390  1.00 17.35 ? 131 LYS A CA  1 
ATOM   1025 C C   . LYS A 1 131 ? 2.717   -0.867  -8.908  1.00 17.55 ? 131 LYS A C   1 
ATOM   1026 O O   . LYS A 1 131 ? 3.729   -0.766  -8.190  1.00 18.21 ? 131 LYS A O   1 
ATOM   1027 C CB  . LYS A 1 131 ? 2.767   -2.448  -10.804 1.00 19.17 ? 131 LYS A CB  1 
ATOM   1028 C CG  . LYS A 1 131 ? 4.293   -2.575  -10.799 1.00 24.43 ? 131 LYS A CG  1 
ATOM   1029 C CD  . LYS A 1 131 ? 4.800   -2.553  -12.232 1.00 27.28 ? 131 LYS A CD  1 
ATOM   1030 C CE  . LYS A 1 131 ? 6.180   -3.229  -12.319 1.00 30.31 ? 131 LYS A CE  1 
ATOM   1031 N NZ  . LYS A 1 131 ? 6.865   -2.762  -13.570 1.00 33.12 ? 131 LYS A NZ  1 
ATOM   1032 N N   . ARG A 1 132 ? 2.038   0.189   -9.321  1.00 14.98 ? 132 ARG A N   1 
ATOM   1033 C CA  . ARG A 1 132 ? 2.415   1.543   -8.986  1.00 16.03 ? 132 ARG A CA  1 
ATOM   1034 C C   . ARG A 1 132 ? 1.835   2.090   -7.719  1.00 14.63 ? 132 ARG A C   1 
ATOM   1035 O O   . ARG A 1 132 ? 2.112   3.264   -7.421  1.00 15.10 ? 132 ARG A O   1 
ATOM   1036 C CB  . ARG A 1 132 ? 2.044   2.485   -10.156 1.00 15.38 ? 132 ARG A CB  1 
ATOM   1037 C CG  . ARG A 1 132 ? 2.893   2.168   -11.404 1.00 20.20 ? 132 ARG A CG  1 
ATOM   1038 C CD  . ARG A 1 132 ? 2.231   2.737   -12.644 1.00 21.83 ? 132 ARG A CD  1 
ATOM   1039 N NE  . ARG A 1 132 ? 3.078   2.645   -13.833 1.00 25.37 ? 132 ARG A NE  1 
ATOM   1040 C CZ  . ARG A 1 132 ? 3.144   1.581   -14.627 1.00 27.76 ? 132 ARG A CZ  1 
ATOM   1041 N NH1 . ARG A 1 132 ? 2.406   0.500   -14.368 1.00 27.17 ? 132 ARG A NH1 1 
ATOM   1042 N NH2 . ARG A 1 132 ? 3.933   1.587   -15.699 1.00 27.59 ? 132 ARG A NH2 1 
ATOM   1043 N N   . ASN A 1 133 ? 1.022   1.342   -6.977  1.00 11.38 ? 133 ASN A N   1 
ATOM   1044 C CA  . ASN A 1 133 ? 0.414   1.886   -5.778  1.00 10.44 ? 133 ASN A CA  1 
ATOM   1045 C C   . ASN A 1 133 ? 1.462   2.391   -4.796  1.00 8.35  ? 133 ASN A C   1 
ATOM   1046 O O   . ASN A 1 133 ? 2.256   1.608   -4.283  1.00 8.95  ? 133 ASN A O   1 
ATOM   1047 C CB  . ASN A 1 133 ? -0.422  0.748   -5.135  1.00 10.01 ? 133 ASN A CB  1 
ATOM   1048 C CG  . ASN A 1 133 ? -1.077  1.162   -3.839  1.00 10.21 ? 133 ASN A CG  1 
ATOM   1049 O OD1 . ASN A 1 133 ? -1.293  2.346   -3.605  1.00 9.99  ? 133 ASN A OD1 1 
ATOM   1050 N ND2 . ASN A 1 133 ? -1.412  0.161   -3.022  1.00 9.91  ? 133 ASN A ND2 1 
ATOM   1051 N N   . PRO A 1 134 ? 1.447   3.682   -4.486  1.00 9.56  ? 134 PRO A N   1 
ATOM   1052 C CA  . PRO A 1 134 ? 2.403   4.234   -3.531  1.00 10.17 ? 134 PRO A CA  1 
ATOM   1053 C C   . PRO A 1 134 ? 1.932   4.079   -2.112  1.00 10.21 ? 134 PRO A C   1 
ATOM   1054 O O   . PRO A 1 134 ? 2.584   4.451   -1.136  1.00 10.06 ? 134 PRO A O   1 
ATOM   1055 C CB  . PRO A 1 134 ? 2.455   5.718   -3.956  1.00 9.93  ? 134 PRO A CB  1 
ATOM   1056 C CG  . PRO A 1 134 ? 1.089   6.012   -4.451  1.00 12.67 ? 134 PRO A CG  1 
ATOM   1057 C CD  . PRO A 1 134 ? 0.583   4.728   -5.062  1.00 10.00 ? 134 PRO A CD  1 
ATOM   1058 N N   . TYR A 1 135 ? 0.718   3.490   -1.888  1.00 8.40  ? 135 TYR A N   1 
ATOM   1059 C CA  . TYR A 1 135 ? 0.156   3.313   -0.593  1.00 8.48  ? 135 TYR A CA  1 
ATOM   1060 C C   . TYR A 1 135 ? -0.223  1.862   -0.220  1.00 8.66  ? 135 TYR A C   1 
ATOM   1061 O O   . TYR A 1 135 ? -1.411  1.618   0.090   1.00 9.96  ? 135 TYR A O   1 
ATOM   1062 C CB  . TYR A 1 135 ? -1.143  4.151   -0.473  1.00 8.64  ? 135 TYR A CB  1 
ATOM   1063 C CG  . TYR A 1 135 ? -1.036  5.585   -0.972  1.00 10.94 ? 135 TYR A CG  1 
ATOM   1064 C CD1 . TYR A 1 135 ? -1.930  6.040   -1.931  1.00 10.85 ? 135 TYR A CD1 1 
ATOM   1065 C CD2 . TYR A 1 135 ? -0.082  6.461   -0.470  1.00 9.58  ? 135 TYR A CD2 1 
ATOM   1066 C CE1 . TYR A 1 135 ? -1.874  7.348   -2.385  1.00 12.32 ? 135 TYR A CE1 1 
ATOM   1067 C CE2 . TYR A 1 135 ? -0.011  7.773   -0.936  1.00 10.28 ? 135 TYR A CE2 1 
ATOM   1068 C CZ  . TYR A 1 135 ? -0.902  8.203   -1.890  1.00 11.61 ? 135 TYR A CZ  1 
ATOM   1069 O OH  . TYR A 1 135 ? -0.867  9.504   -2.369  1.00 14.79 ? 135 TYR A OH  1 
ATOM   1070 N N   . PRO A 1 136 ? 0.716   0.977   -0.193  1.00 9.85  ? 136 PRO A N   1 
ATOM   1071 C CA  . PRO A 1 136 ? 0.456   -0.423  0.214   1.00 10.65 ? 136 PRO A CA  1 
ATOM   1072 C C   . PRO A 1 136 ? -0.082  -0.413  1.629   1.00 11.06 ? 136 PRO A C   1 
ATOM   1073 O O   . PRO A 1 136 ? 0.066   0.534   2.435   1.00 9.44  ? 136 PRO A O   1 
ATOM   1074 C CB  . PRO A 1 136 ? 1.781   -1.115  0.111   1.00 12.39 ? 136 PRO A CB  1 
ATOM   1075 C CG  . PRO A 1 136 ? 2.804   -0.026  0.208   1.00 12.30 ? 136 PRO A CG  1 
ATOM   1076 C CD  . PRO A 1 136 ? 2.169   1.152   -0.489  1.00 9.61  ? 136 PRO A CD  1 
ATOM   1077 N N   . ILE A 1 137 ? -0.774  -1.499  1.997   1.00 9.48  ? 137 ILE A N   1 
ATOM   1078 C CA  . ILE A 1 137 ? -1.425  -1.696  3.261   1.00 11.23 ? 137 ILE A CA  1 
ATOM   1079 C C   . ILE A 1 137 ? -2.736  -0.916  3.330   1.00 13.21 ? 137 ILE A C   1 
ATOM   1080 O O   . ILE A 1 137 ? -3.826  -1.512  3.374   1.00 14.93 ? 137 ILE A O   1 
ATOM   1081 C CB  . ILE A 1 137 ? -0.609  -1.442  4.532   1.00 11.73 ? 137 ILE A CB  1 
ATOM   1082 C CG1 . ILE A 1 137 ? 0.696   -2.260  4.515   1.00 12.55 ? 137 ILE A CG1 1 
ATOM   1083 C CG2 . ILE A 1 137 ? -1.428  -1.777  5.795   1.00 10.85 ? 137 ILE A CG2 1 
ATOM   1084 C CD1 . ILE A 1 137 ? 1.681   -1.767  5.572   1.00 16.73 ? 137 ILE A CD1 1 
ATOM   1085 N N   . VAL A 1 138 ? -2.682  0.398   3.320   1.00 11.26 ? 138 VAL A N   1 
ATOM   1086 C CA  . VAL A 1 138 ? -3.871  1.237   3.414   1.00 12.29 ? 138 VAL A CA  1 
ATOM   1087 C C   . VAL A 1 138 ? -4.726  1.082   2.160   1.00 13.33 ? 138 VAL A C   1 
ATOM   1088 O O   . VAL A 1 138 ? -5.949  0.933   2.354   1.00 14.57 ? 138 VAL A O   1 
ATOM   1089 C CB  . VAL A 1 138 ? -3.510  2.677   3.763   1.00 12.83 ? 138 VAL A CB  1 
ATOM   1090 C CG1 . VAL A 1 138 ? -2.684  2.664   5.072   1.00 12.68 ? 138 VAL A CG1 1 
ATOM   1091 C CG2 . VAL A 1 138 ? -2.663  3.303   2.680   1.00 15.08 ? 138 VAL A CG2 1 
ATOM   1092 N N   . VAL A 1 139 ? -4.161  1.138   0.984   1.00 10.52 ? 139 VAL A N   1 
ATOM   1093 C CA  . VAL A 1 139 ? -4.960  0.899   -0.280  1.00 9.85  ? 139 VAL A CA  1 
ATOM   1094 C C   . VAL A 1 139 ? -4.678  -0.590  -0.410  1.00 9.65  ? 139 VAL A C   1 
ATOM   1095 O O   . VAL A 1 139 ? -3.514  -1.018  -0.590  1.00 9.83  ? 139 VAL A O   1 
ATOM   1096 C CB  . VAL A 1 139 ? -4.431  1.730   -1.446  1.00 9.44  ? 139 VAL A CB  1 
ATOM   1097 C CG1 . VAL A 1 139 ? -4.945  1.189   -2.782  1.00 11.07 ? 139 VAL A CG1 1 
ATOM   1098 C CG2 . VAL A 1 139 ? -4.878  3.186   -1.268  1.00 10.29 ? 139 VAL A CG2 1 
ATOM   1099 N N   . PRO A 1 140 ? -5.672  -1.432  -0.159  1.00 10.74 ? 140 PRO A N   1 
ATOM   1100 C CA  . PRO A 1 140 ? -5.427  -2.857  -0.104  1.00 11.68 ? 140 PRO A CA  1 
ATOM   1101 C C   . PRO A 1 140 ? -5.219  -3.645  -1.327  1.00 15.83 ? 140 PRO A C   1 
ATOM   1102 O O   . PRO A 1 140 ? -5.978  -4.627  -1.594  1.00 14.28 ? 140 PRO A O   1 
ATOM   1103 C CB  . PRO A 1 140 ? -6.608  -3.318  0.787   1.00 12.40 ? 140 PRO A CB  1 
ATOM   1104 C CG  . PRO A 1 140 ? -7.730  -2.482  0.250   1.00 11.60 ? 140 PRO A CG  1 
ATOM   1105 C CD  . PRO A 1 140 ? -7.088  -1.091  0.112   1.00 12.35 ? 140 PRO A CD  1 
ATOM   1106 N N   . CYS A 1 141 ? -4.118  -3.390  -2.064  1.00 12.34 ? 141 CYS A N   1 
ATOM   1107 C CA  . CYS A 1 141 ? -3.824  -4.119  -3.280  1.00 14.90 ? 141 CYS A CA  1 
ATOM   1108 C C   . CYS A 1 141 ? -3.444  -5.570  -3.002  1.00 14.17 ? 141 CYS A C   1 
ATOM   1109 O O   . CYS A 1 141 ? -3.485  -6.379  -3.949  1.00 13.84 ? 141 CYS A O   1 
ATOM   1110 C CB  . CYS A 1 141 ? -2.754  -3.384  -4.104  1.00 18.20 ? 141 CYS A CB  1 
ATOM   1111 S SG  . CYS A 1 141 ? -1.175  -3.315  -3.247  1.00 23.07 ? 141 CYS A SG  1 
ATOM   1112 N N   . HIS A 1 142 ? -3.196  -5.934  -1.755  1.00 11.59 ? 142 HIS A N   1 
ATOM   1113 C CA  . HIS A 1 142 ? -2.877  -7.328  -1.415  1.00 12.53 ? 142 HIS A CA  1 
ATOM   1114 C C   . HIS A 1 142 ? -4.165  -8.176  -1.519  1.00 12.44 ? 142 HIS A C   1 
ATOM   1115 O O   . HIS A 1 142 ? -4.033  -9.405  -1.558  1.00 13.09 ? 142 HIS A O   1 
ATOM   1116 C CB  . HIS A 1 142 ? -2.309  -7.464  -0.025  1.00 11.37 ? 142 HIS A CB  1 
ATOM   1117 C CG  . HIS A 1 142 ? -3.106  -6.822  1.062   1.00 10.24 ? 142 HIS A CG  1 
ATOM   1118 N ND1 . HIS A 1 142 ? -3.114  -5.445  1.229   1.00 11.22 ? 142 HIS A ND1 1 
ATOM   1119 C CD2 . HIS A 1 142 ? -3.911  -7.305  2.023   1.00 10.61 ? 142 HIS A CD2 1 
ATOM   1120 C CE1 . HIS A 1 142 ? -3.891  -5.123  2.242   1.00 9.44  ? 142 HIS A CE1 1 
ATOM   1121 N NE2 . HIS A 1 142 ? -4.392  -6.262  2.753   1.00 10.00 ? 142 HIS A NE2 1 
ATOM   1122 N N   . ARG A 1 143 ? -5.320  -7.537  -1.531  1.00 12.08 ? 143 ARG A N   1 
ATOM   1123 C CA  . ARG A 1 143 ? -6.598  -8.283  -1.643  1.00 11.95 ? 143 ARG A CA  1 
ATOM   1124 C C   . ARG A 1 143 ? -6.938  -8.566  -3.103  1.00 13.53 ? 143 ARG A C   1 
ATOM   1125 O O   . ARG A 1 143 ? -7.970  -9.214  -3.379  1.00 13.44 ? 143 ARG A O   1 
ATOM   1126 C CB  . ARG A 1 143 ? -7.724  -7.464  -1.000  1.00 11.32 ? 143 ARG A CB  1 
ATOM   1127 C CG  . ARG A 1 143 ? -7.491  -7.344  0.514   1.00 12.27 ? 143 ARG A CG  1 
ATOM   1128 C CD  . ARG A 1 143 ? -8.629  -6.583  1.207   1.00 11.57 ? 143 ARG A CD  1 
ATOM   1129 N NE  . ARG A 1 143 ? -8.111  -6.203  2.535   1.00 12.59 ? 143 ARG A NE  1 
ATOM   1130 C CZ  . ARG A 1 143 ? -8.500  -5.151  3.235   1.00 12.70 ? 143 ARG A CZ  1 
ATOM   1131 N NH1 . ARG A 1 143 ? -9.439  -4.307  2.820   1.00 12.26 ? 143 ARG A NH1 1 
ATOM   1132 N NH2 . ARG A 1 143 ? -7.883  -4.936  4.418   1.00 14.02 ? 143 ARG A NH2 1 
ATOM   1133 N N   . VAL A 1 144 ? -6.118  -8.115  -4.030  1.00 10.92 ? 144 VAL A N   1 
ATOM   1134 C CA  . VAL A 1 144 ? -6.386  -8.373  -5.467  1.00 12.27 ? 144 VAL A CA  1 
ATOM   1135 C C   . VAL A 1 144 ? -5.529  -9.562  -5.863  1.00 13.37 ? 144 VAL A C   1 
ATOM   1136 O O   . VAL A 1 144 ? -4.292  -9.506  -5.782  1.00 14.34 ? 144 VAL A O   1 
ATOM   1137 C CB  . VAL A 1 144 ? -6.071  -7.144  -6.313  1.00 12.18 ? 144 VAL A CB  1 
ATOM   1138 C CG1 . VAL A 1 144 ? -6.373  -7.416  -7.780  1.00 13.19 ? 144 VAL A CG1 1 
ATOM   1139 C CG2 . VAL A 1 144 ? -6.835  -5.925  -5.794  1.00 11.03 ? 144 VAL A CG2 1 
ATOM   1140 N N   . VAL A 1 145 ? -6.184  -10.679 -6.188  1.00 13.18 ? 145 VAL A N   1 
ATOM   1141 C CA  . VAL A 1 145 ? -5.487  -11.916 -6.534  1.00 13.08 ? 145 VAL A CA  1 
ATOM   1142 C C   . VAL A 1 145 ? -5.773  -12.407 -7.948  1.00 14.63 ? 145 VAL A C   1 
ATOM   1143 O O   . VAL A 1 145 ? -6.547  -11.799 -8.681  1.00 14.29 ? 145 VAL A O   1 
ATOM   1144 C CB  . VAL A 1 145 ? -5.909  -13.041 -5.552  1.00 14.64 ? 145 VAL A CB  1 
ATOM   1145 C CG1 . VAL A 1 145 ? -5.533  -12.670 -4.122  1.00 15.25 ? 145 VAL A CG1 1 
ATOM   1146 C CG2 . VAL A 1 145 ? -7.436  -13.252 -5.599  1.00 15.07 ? 145 VAL A CG2 1 
ATOM   1147 N N   . ALA A 1 146 ? -5.107  -13.504 -8.345  1.00 14.17 ? 146 ALA A N   1 
ATOM   1148 C CA  . ALA A 1 146 ? -5.369  -14.050 -9.695  1.00 16.49 ? 146 ALA A CA  1 
ATOM   1149 C C   . ALA A 1 146 ? -6.538  -15.030 -9.558  1.00 19.47 ? 146 ALA A C   1 
ATOM   1150 O O   . ALA A 1 146 ? -6.866  -15.445 -8.455  1.00 18.16 ? 146 ALA A O   1 
ATOM   1151 C CB  . ALA A 1 146 ? -4.153  -14.756 -10.259 1.00 18.05 ? 146 ALA A CB  1 
ATOM   1152 N N   . HIS A 1 147 ? -7.183  -15.392 -10.680 1.00 21.42 ? 147 HIS A N   1 
ATOM   1153 C CA  . HIS A 1 147 ? -8.270  -16.356 -10.547 1.00 24.66 ? 147 HIS A CA  1 
ATOM   1154 C C   . HIS A 1 147 ? -7.698  -17.727 -10.187 1.00 25.42 ? 147 HIS A C   1 
ATOM   1155 O O   . HIS A 1 147 ? -8.434  -18.519 -9.615  1.00 26.60 ? 147 HIS A O   1 
ATOM   1156 C CB  . HIS A 1 147 ? -9.087  -16.475 -11.844 1.00 25.50 ? 147 HIS A CB  1 
ATOM   1157 C CG  . HIS A 1 147 ? -8.357  -17.219 -12.921 1.00 26.15 ? 147 HIS A CG  1 
ATOM   1158 N ND1 . HIS A 1 147 ? -7.525  -16.613 -13.825 1.00 27.44 ? 147 HIS A ND1 1 
ATOM   1159 C CD2 . HIS A 1 147 ? -8.350  -18.551 -13.213 1.00 26.14 ? 147 HIS A CD2 1 
ATOM   1160 C CE1 . HIS A 1 147 ? -7.034  -17.542 -14.645 1.00 28.81 ? 147 HIS A CE1 1 
ATOM   1161 N NE2 . HIS A 1 147 ? -7.520  -18.716 -14.282 1.00 27.22 ? 147 HIS A NE2 1 
ATOM   1162 N N   . ASP A 1 148 ? -6.442  -18.015 -10.530 1.00 26.78 ? 148 ASP A N   1 
ATOM   1163 C CA  . ASP A 1 148 ? -5.862  -19.321 -10.232 1.00 28.81 ? 148 ASP A CA  1 
ATOM   1164 C C   . ASP A 1 148 ? -4.686  -19.297 -9.283  1.00 29.11 ? 148 ASP A C   1 
ATOM   1165 O O   . ASP A 1 148 ? -3.933  -20.281 -9.213  1.00 29.53 ? 148 ASP A O   1 
ATOM   1166 C CB  . ASP A 1 148 ? -5.449  -20.013 -11.551 1.00 30.19 ? 148 ASP A CB  1 
ATOM   1167 C CG  . ASP A 1 148 ? -4.481  -19.176 -12.366 1.00 32.59 ? 148 ASP A CG  1 
ATOM   1168 O OD1 . ASP A 1 148 ? -3.954  -19.711 -13.380 1.00 33.64 ? 148 ASP A OD1 1 
ATOM   1169 O OD2 . ASP A 1 148 ? -4.237  -17.994 -12.049 1.00 30.32 ? 148 ASP A OD2 1 
ATOM   1170 N N   . GLY A 1 149 ? -4.490  -18.210 -8.531  1.00 28.07 ? 149 GLY A N   1 
ATOM   1171 C CA  . GLY A 1 149 ? -3.351  -18.173 -7.606  1.00 26.63 ? 149 GLY A CA  1 
ATOM   1172 C C   . GLY A 1 149 ? -3.286  -16.854 -6.846  1.00 25.28 ? 149 GLY A C   1 
ATOM   1173 O O   . GLY A 1 149 ? -4.128  -15.963 -7.003  1.00 23.08 ? 149 GLY A O   1 
ATOM   1174 N N   . ILE A 1 150 ? -2.245  -16.725 -6.023  1.00 23.17 ? 150 ILE A N   1 
ATOM   1175 C CA  . ILE A 1 150 ? -2.049  -15.511 -5.229  1.00 23.78 ? 150 ILE A CA  1 
ATOM   1176 C C   . ILE A 1 150 ? -1.872  -14.254 -6.073  1.00 22.45 ? 150 ILE A C   1 
ATOM   1177 O O   . ILE A 1 150 ? -2.269  -13.165 -5.619  1.00 22.64 ? 150 ILE A O   1 
ATOM   1178 C CB  . ILE A 1 150 ? -0.834  -15.692 -4.288  1.00 25.31 ? 150 ILE A CB  1 
ATOM   1179 C CG1 . ILE A 1 150 ? -0.816  -14.577 -3.246  1.00 26.35 ? 150 ILE A CG1 1 
ATOM   1180 C CG2 . ILE A 1 150 ? 0.462   -15.749 -5.080  1.00 26.05 ? 150 ILE A CG2 1 
ATOM   1181 C CD1 . ILE A 1 150 ? -0.043  -14.931 -1.998  1.00 28.70 ? 150 ILE A CD1 1 
ATOM   1182 N N   . GLY A 1 151 ? -1.279  -14.366 -7.243  1.00 23.34 ? 151 GLY A N   1 
ATOM   1183 C CA  . GLY A 1 151 ? -1.048  -13.223 -8.134  1.00 25.92 ? 151 GLY A CA  1 
ATOM   1184 C C   . GLY A 1 151 ? 0.209   -12.461 -7.724  1.00 27.55 ? 151 GLY A C   1 
ATOM   1185 O O   . GLY A 1 151 ? 0.849   -12.777 -6.722  1.00 28.56 ? 151 GLY A O   1 
ATOM   1186 N N   . TYR A 1 152 ? 0.561   -11.419 -8.457  1.00 28.88 ? 152 TYR A N   1 
ATOM   1187 C CA  . TYR A 1 152 ? 1.752   -10.624 -8.184  1.00 28.30 ? 152 TYR A CA  1 
ATOM   1188 C C   . TYR A 1 152 ? 1.512   -9.587  -7.093  1.00 25.80 ? 152 TYR A C   1 
ATOM   1189 O O   . TYR A 1 152 ? 0.383   -9.247  -6.749  1.00 25.12 ? 152 TYR A O   1 
ATOM   1190 C CB  . TYR A 1 152 ? 2.195   -9.942  -9.487  1.00 31.64 ? 152 TYR A CB  1 
ATOM   1191 C CG  . TYR A 1 152 ? 3.407   -9.049  -9.451  1.00 33.05 ? 152 TYR A CG  1 
ATOM   1192 C CD1 . TYR A 1 152 ? 4.707   -9.546  -9.371  1.00 34.08 ? 152 TYR A CD1 1 
ATOM   1193 C CD2 . TYR A 1 152 ? 3.243   -7.672  -9.500  1.00 33.49 ? 152 TYR A CD2 1 
ATOM   1194 C CE1 . TYR A 1 152 ? 5.802   -8.685  -9.337  1.00 35.57 ? 152 TYR A CE1 1 
ATOM   1195 C CE2 . TYR A 1 152 ? 4.315   -6.808  -9.471  1.00 35.35 ? 152 TYR A CE2 1 
ATOM   1196 C CZ  . TYR A 1 152 ? 5.592   -7.320  -9.389  1.00 36.36 ? 152 TYR A CZ  1 
ATOM   1197 O OH  . TYR A 1 152 ? 6.657   -6.433  -9.353  1.00 38.15 ? 152 TYR A OH  1 
ATOM   1198 N N   . TYR A 1 153 ? 2.601   -9.103  -6.539  1.00 24.34 ? 153 TYR A N   1 
ATOM   1199 C CA  . TYR A 1 153 ? 2.618   -8.077  -5.506  1.00 24.14 ? 153 TYR A CA  1 
ATOM   1200 C C   . TYR A 1 153 ? 3.946   -7.332  -5.651  1.00 25.48 ? 153 TYR A C   1 
ATOM   1201 O O   . TYR A 1 153 ? 4.986   -7.990  -5.613  1.00 27.61 ? 153 TYR A O   1 
ATOM   1202 C CB  . TYR A 1 153 ? 2.491   -8.681  -4.119  1.00 22.34 ? 153 TYR A CB  1 
ATOM   1203 C CG  . TYR A 1 153 ? 2.157   -7.705  -3.020  1.00 21.03 ? 153 TYR A CG  1 
ATOM   1204 C CD1 . TYR A 1 153 ? 1.010   -6.924  -3.060  1.00 20.22 ? 153 TYR A CD1 1 
ATOM   1205 C CD2 . TYR A 1 153 ? 3.001   -7.594  -1.919  1.00 19.97 ? 153 TYR A CD2 1 
ATOM   1206 C CE1 . TYR A 1 153 ? 0.718   -6.038  -2.034  1.00 20.60 ? 153 TYR A CE1 1 
ATOM   1207 C CE2 . TYR A 1 153 ? 2.715   -6.715  -0.895  1.00 21.94 ? 153 TYR A CE2 1 
ATOM   1208 C CZ  . TYR A 1 153 ? 1.580   -5.939  -0.954  1.00 21.67 ? 153 TYR A CZ  1 
ATOM   1209 O OH  . TYR A 1 153 ? 1.309   -5.060  0.076   1.00 21.81 ? 153 TYR A OH  1 
ATOM   1210 N N   . SER A 1 154 ? 3.928   -6.005  -5.756  1.00 27.34 ? 154 SER A N   1 
ATOM   1211 C CA  . SER A 1 154 ? 5.212   -5.307  -5.932  1.00 29.30 ? 154 SER A CA  1 
ATOM   1212 C C   . SER A 1 154 ? 6.154   -5.422  -4.767  1.00 29.29 ? 154 SER A C   1 
ATOM   1213 O O   . SER A 1 154 ? 7.388   -5.357  -4.984  1.00 30.67 ? 154 SER A O   1 
ATOM   1214 C CB  . SER A 1 154 ? 4.964   -3.875  -6.402  1.00 30.58 ? 154 SER A CB  1 
ATOM   1215 O OG  . SER A 1 154 ? 4.083   -3.207  -5.524  1.00 33.69 ? 154 SER A OG  1 
ATOM   1216 N N   . SER A 1 155 ? 5.687   -5.646  -3.543  1.00 27.41 ? 155 SER A N   1 
ATOM   1217 C CA  . SER A 1 155 ? 6.530   -5.773  -2.380  1.00 27.45 ? 155 SER A CA  1 
ATOM   1218 C C   . SER A 1 155 ? 6.777   -7.183  -1.891  1.00 27.39 ? 155 SER A C   1 
ATOM   1219 O O   . SER A 1 155 ? 7.027   -7.332  -0.682  1.00 28.51 ? 155 SER A O   1 
ATOM   1220 C CB  . SER A 1 155 ? 5.959   -4.955  -1.198  1.00 29.27 ? 155 SER A CB  1 
ATOM   1221 O OG  . SER A 1 155 ? 5.907   -3.596  -1.565  1.00 31.82 ? 155 SER A OG  1 
ATOM   1222 N N   . GLY A 1 156 ? 6.722   -8.212  -2.734  1.00 24.97 ? 156 GLY A N   1 
ATOM   1223 C CA  . GLY A 1 156 ? 6.993   -9.561  -2.280  1.00 22.57 ? 156 GLY A CA  1 
ATOM   1224 C C   . GLY A 1 156 ? 5.814   -10.467 -2.047  1.00 22.78 ? 156 GLY A C   1 
ATOM   1225 O O   . GLY A 1 156 ? 4.794   -10.081 -1.475  1.00 20.87 ? 156 GLY A O   1 
ATOM   1226 N N   . ILE A 1 157 ? 5.942   -11.741 -2.469  1.00 23.66 ? 157 ILE A N   1 
ATOM   1227 C CA  . ILE A 1 157 ? 4.866   -12.704 -2.301  1.00 23.52 ? 157 ILE A CA  1 
ATOM   1228 C C   . ILE A 1 157 ? 4.667   -13.066 -0.846  1.00 23.13 ? 157 ILE A C   1 
ATOM   1229 O O   . ILE A 1 157 ? 3.534   -13.198 -0.361  1.00 21.21 ? 157 ILE A O   1 
ATOM   1230 C CB  . ILE A 1 157 ? 5.078   -13.990 -3.125  1.00 26.56 ? 157 ILE A CB  1 
ATOM   1231 C CG1 . ILE A 1 157 ? 5.326   -13.686 -4.593  1.00 27.58 ? 157 ILE A CG1 1 
ATOM   1232 C CG2 . ILE A 1 157 ? 3.885   -14.928 -2.972  1.00 27.56 ? 157 ILE A CG2 1 
ATOM   1233 C CD1 . ILE A 1 157 ? 4.279   -12.872 -5.307  1.00 28.59 ? 157 ILE A CD1 1 
ATOM   1234 N N   . GLU A 1 158 ? 5.763   -13.207 -0.092  1.00 22.11 ? 158 GLU A N   1 
ATOM   1235 C CA  . GLU A 1 158 ? 5.637   -13.536 1.322   1.00 23.27 ? 158 GLU A CA  1 
ATOM   1236 C C   . GLU A 1 158 ? 4.931   -12.414 2.068   1.00 21.42 ? 158 GLU A C   1 
ATOM   1237 O O   . GLU A 1 158 ? 4.182   -12.674 3.010   1.00 20.72 ? 158 GLU A O   1 
ATOM   1238 C CB  . GLU A 1 158 ? 7.018   -13.804 1.947   1.00 27.49 ? 158 GLU A CB  1 
ATOM   1239 C CG  . GLU A 1 158 ? 7.593   -15.134 1.455   1.00 32.53 ? 158 GLU A CG  1 
ATOM   1240 C CD  . GLU A 1 158 ? 6.769   -16.306 1.963   1.00 36.27 ? 158 GLU A CD  1 
ATOM   1241 O OE1 . GLU A 1 158 ? 6.336   -16.262 3.142   1.00 38.29 ? 158 GLU A OE1 1 
ATOM   1242 O OE2 . GLU A 1 158 ? 6.561   -17.262 1.180   1.00 38.10 ? 158 GLU A OE2 1 
ATOM   1243 N N   . GLU A 1 159 ? 5.212   -11.160 1.636   1.00 16.61 ? 159 GLU A N   1 
ATOM   1244 C CA  . GLU A 1 159 ? 4.558   -10.025 2.268   1.00 17.03 ? 159 GLU A CA  1 
ATOM   1245 C C   . GLU A 1 159 ? 3.051   -10.080 1.955   1.00 15.59 ? 159 GLU A C   1 
ATOM   1246 O O   . GLU A 1 159 ? 2.237   -9.810  2.838   1.00 16.27 ? 159 GLU A O   1 
ATOM   1247 C CB  . GLU A 1 159 ? 5.157   -8.715  1.737   1.00 16.10 ? 159 GLU A CB  1 
ATOM   1248 C CG  . GLU A 1 159 ? 6.509   -8.389  2.365   1.00 20.24 ? 159 GLU A CG  1 
ATOM   1249 C CD  . GLU A 1 159 ? 7.709   -8.968  1.672   1.00 21.96 ? 159 GLU A CD  1 
ATOM   1250 O OE1 . GLU A 1 159 ? 7.628   -9.998  0.970   1.00 21.73 ? 159 GLU A OE1 1 
ATOM   1251 O OE2 . GLU A 1 159 ? 8.819   -8.372  1.819   1.00 22.99 ? 159 GLU A OE2 1 
ATOM   1252 N N   . LYS A 1 160 ? 2.722   -10.414 0.711   1.00 14.58 ? 160 LYS A N   1 
ATOM   1253 C CA  . LYS A 1 160 ? 1.277   -10.495 0.357   1.00 14.37 ? 160 LYS A CA  1 
ATOM   1254 C C   . LYS A 1 160 ? 0.564   -11.561 1.184   1.00 15.51 ? 160 LYS A C   1 
ATOM   1255 O O   . LYS A 1 160 ? -0.537  -11.359 1.727   1.00 15.14 ? 160 LYS A O   1 
ATOM   1256 C CB  . LYS A 1 160 ? 1.109   -10.804 -1.132  1.00 13.47 ? 160 LYS A CB  1 
ATOM   1257 C CG  . LYS A 1 160 ? -0.360  -10.554 -1.588  1.00 15.01 ? 160 LYS A CG  1 
ATOM   1258 C CD  . LYS A 1 160 ? -0.433  -10.804 -3.094  1.00 15.50 ? 160 LYS A CD  1 
ATOM   1259 C CE  . LYS A 1 160 ? -1.768  -10.375 -3.688  1.00 15.29 ? 160 LYS A CE  1 
ATOM   1260 N NZ  . LYS A 1 160 ? -1.767  -10.572 -5.165  1.00 14.70 ? 160 LYS A NZ  1 
ATOM   1261 N N   . LYS A 1 161 ? 1.180   -12.716 1.313   1.00 16.98 ? 161 LYS A N   1 
ATOM   1262 C CA  . LYS A 1 161 ? 0.646   -13.837 2.081   1.00 18.60 ? 161 LYS A CA  1 
ATOM   1263 C C   . LYS A 1 161 ? 0.496   -13.505 3.550   1.00 18.46 ? 161 LYS A C   1 
ATOM   1264 O O   . LYS A 1 161 ? -0.468  -13.873 4.218   1.00 18.67 ? 161 LYS A O   1 
ATOM   1265 C CB  . LYS A 1 161 ? 1.557   -15.058 1.928   1.00 22.17 ? 161 LYS A CB  1 
ATOM   1266 C CG  . LYS A 1 161 ? 1.170   -15.991 0.809   1.00 26.42 ? 161 LYS A CG  1 
ATOM   1267 C CD  . LYS A 1 161 ? 2.193   -17.083 0.561   1.00 30.39 ? 161 LYS A CD  1 
ATOM   1268 C CE  . LYS A 1 161 ? 2.458   -17.930 1.794   1.00 33.19 ? 161 LYS A CE  1 
ATOM   1269 N NZ  . LYS A 1 161 ? 3.432   -19.040 1.493   1.00 34.68 ? 161 LYS A NZ  1 
ATOM   1270 N N   . PHE A 1 162 ? 1.468   -12.767 4.097   1.00 18.32 ? 162 PHE A N   1 
ATOM   1271 C CA  . PHE A 1 162 ? 1.423   -12.358 5.490   1.00 18.33 ? 162 PHE A CA  1 
ATOM   1272 C C   . PHE A 1 162 ? 0.224   -11.460 5.759   1.00 17.44 ? 162 PHE A C   1 
ATOM   1273 O O   . PHE A 1 162 ? -0.493  -11.606 6.764   1.00 16.88 ? 162 PHE A O   1 
ATOM   1274 C CB  . PHE A 1 162 ? 2.740   -11.669 5.856   1.00 19.17 ? 162 PHE A CB  1 
ATOM   1275 C CG  . PHE A 1 162 ? 2.680   -10.912 7.144   1.00 21.80 ? 162 PHE A CG  1 
ATOM   1276 C CD1 . PHE A 1 162 ? 2.738   -11.566 8.351   1.00 23.44 ? 162 PHE A CD1 1 
ATOM   1277 C CD2 . PHE A 1 162 ? 2.557   -9.525  7.116   1.00 22.40 ? 162 PHE A CD2 1 
ATOM   1278 C CE1 . PHE A 1 162 ? 2.672   -10.848 9.541   1.00 24.23 ? 162 PHE A CE1 1 
ATOM   1279 C CE2 . PHE A 1 162 ? 2.501   -8.810  8.295   1.00 23.95 ? 162 PHE A CE2 1 
ATOM   1280 C CZ  . PHE A 1 162 ? 2.555   -9.479  9.498   1.00 24.59 ? 162 PHE A CZ  1 
ATOM   1281 N N   . LEU A 1 163 ? 0.012   -10.482 4.858   1.00 14.53 ? 163 LEU A N   1 
ATOM   1282 C CA  . LEU A 1 163 ? -1.106  -9.596  4.986   1.00 14.46 ? 163 LEU A CA  1 
ATOM   1283 C C   . LEU A 1 163 ? -2.426  -10.391 4.850   1.00 14.03 ? 163 LEU A C   1 
ATOM   1284 O O   . LEU A 1 163 ? -3.320  -10.155 5.645   1.00 14.36 ? 163 LEU A O   1 
ATOM   1285 C CB  . LEU A 1 163 ? -1.094  -8.471  3.947   1.00 15.83 ? 163 LEU A CB  1 
ATOM   1286 C CG  . LEU A 1 163 ? 0.070   -7.443  4.167   1.00 16.33 ? 163 LEU A CG  1 
ATOM   1287 C CD1 . LEU A 1 163 ? -0.022  -6.363  3.110   1.00 16.97 ? 163 LEU A CD1 1 
ATOM   1288 C CD2 . LEU A 1 163 ? -0.011  -6.894  5.577   1.00 17.95 ? 163 LEU A CD2 1 
ATOM   1289 N N   . LEU A 1 164 ? -2.496  -11.305 3.892   1.00 13.56 ? 164 LEU A N   1 
ATOM   1290 C CA  . LEU A 1 164 ? -3.765  -12.066 3.761   1.00 16.06 ? 164 LEU A CA  1 
ATOM   1291 C C   . LEU A 1 164 ? -4.018  -12.919 4.981   1.00 16.70 ? 164 LEU A C   1 
ATOM   1292 O O   . LEU A 1 164 ? -5.154  -13.010 5.470   1.00 18.46 ? 164 LEU A O   1 
ATOM   1293 C CB  . LEU A 1 164 ? -3.772  -12.886 2.472   1.00 13.44 ? 164 LEU A CB  1 
ATOM   1294 C CG  . LEU A 1 164 ? -3.881  -11.999 1.199   1.00 15.49 ? 164 LEU A CG  1 
ATOM   1295 C CD1 . LEU A 1 164 ? -3.655  -12.807 -0.063  1.00 15.83 ? 164 LEU A CD1 1 
ATOM   1296 C CD2 . LEU A 1 164 ? -5.234  -11.290 1.180   1.00 17.77 ? 164 LEU A CD2 1 
ATOM   1297 N N   . GLU A 1 165 ? -2.975  -13.543 5.508   1.00 18.07 ? 165 GLU A N   1 
ATOM   1298 C CA  . GLU A 1 165 ? -3.114  -14.394 6.688   1.00 20.53 ? 165 GLU A CA  1 
ATOM   1299 C C   . GLU A 1 165 ? -3.637  -13.636 7.881   1.00 21.50 ? 165 GLU A C   1 
ATOM   1300 O O   . GLU A 1 165 ? -4.553  -14.065 8.604   1.00 19.89 ? 165 GLU A O   1 
ATOM   1301 C CB  . GLU A 1 165 ? -1.758  -15.056 6.996   1.00 24.72 ? 165 GLU A CB  1 
ATOM   1302 C CG  . GLU A 1 165 ? -1.752  -15.670 8.403   1.00 31.08 ? 165 GLU A CG  1 
ATOM   1303 C CD  . GLU A 1 165 ? -0.616  -16.646 8.612   1.00 34.76 ? 165 GLU A CD  1 
ATOM   1304 O OE1 . GLU A 1 165 ? -0.855  -17.665 9.304   1.00 37.23 ? 165 GLU A OE1 1 
ATOM   1305 O OE2 . GLU A 1 165 ? 0.494   -16.397 8.091   1.00 37.62 ? 165 GLU A OE2 1 
ATOM   1306 N N   . ILE A 1 166 ? -3.090  -12.442 8.109   1.00 19.68 ? 166 ILE A N   1 
ATOM   1307 C CA  . ILE A 1 166 ? -3.465  -11.549 9.186   1.00 20.50 ? 166 ILE A CA  1 
ATOM   1308 C C   . ILE A 1 166 ? -4.926  -11.151 9.110   1.00 18.52 ? 166 ILE A C   1 
ATOM   1309 O O   . ILE A 1 166 ? -5.600  -10.894 10.110  1.00 18.58 ? 166 ILE A O   1 
ATOM   1310 C CB  . ILE A 1 166 ? -2.580  -10.275 9.071   1.00 24.30 ? 166 ILE A CB  1 
ATOM   1311 C CG1 . ILE A 1 166 ? -1.205  -10.535 9.689   1.00 27.78 ? 166 ILE A CG1 1 
ATOM   1312 C CG2 . ILE A 1 166 ? -3.236  -9.044  9.635   1.00 26.19 ? 166 ILE A CG2 1 
ATOM   1313 C CD1 . ILE A 1 166 ? -1.139  -10.430 11.193  1.00 30.32 ? 166 ILE A CD1 1 
ATOM   1314 N N   . GLU A 1 167 ? -5.438  -11.014 7.886   1.00 17.06 ? 167 GLU A N   1 
ATOM   1315 C CA  . GLU A 1 167 ? -6.816  -10.637 7.651   1.00 16.50 ? 167 GLU A CA  1 
ATOM   1316 C C   . GLU A 1 167 ? -7.779  -11.826 7.666   1.00 18.51 ? 167 GLU A C   1 
ATOM   1317 O O   . GLU A 1 167 ? -8.983  -11.632 7.435   1.00 19.71 ? 167 GLU A O   1 
ATOM   1318 C CB  . GLU A 1 167 ? -6.907  -9.932  6.265   1.00 16.29 ? 167 GLU A CB  1 
ATOM   1319 C CG  . GLU A 1 167 ? -6.185  -8.589  6.314   1.00 17.01 ? 167 GLU A CG  1 
ATOM   1320 C CD  . GLU A 1 167 ? -6.230  -7.788  5.038   1.00 19.87 ? 167 GLU A CD  1 
ATOM   1321 O OE1 . GLU A 1 167 ? -5.812  -6.600  5.056   1.00 17.12 ? 167 GLU A OE1 1 
ATOM   1322 O OE2 . GLU A 1 167 ? -6.690  -8.319  3.999   1.00 19.34 ? 167 GLU A OE2 1 
ATOM   1323 N N   . GLY A 1 168 ? -7.295  -13.024 7.863   1.00 20.68 ? 168 GLY A N   1 
ATOM   1324 C CA  . GLY A 1 168 ? -8.100  -14.224 7.934   1.00 24.63 ? 168 GLY A CA  1 
ATOM   1325 C C   . GLY A 1 168 ? -8.453  -14.883 6.624   1.00 27.47 ? 168 GLY A C   1 
ATOM   1326 O O   . GLY A 1 168 ? -9.452  -15.628 6.563   1.00 28.77 ? 168 GLY A O   1 
ATOM   1327 N N   . VAL A 1 169 ? -7.683  -14.643 5.581   1.00 28.31 ? 169 VAL A N   1 
ATOM   1328 C CA  . VAL A 1 169 ? -7.919  -15.243 4.275   1.00 31.54 ? 169 VAL A CA  1 
ATOM   1329 C C   . VAL A 1 169 ? -7.018  -16.477 4.144   1.00 34.19 ? 169 VAL A C   1 
ATOM   1330 O O   . VAL A 1 169 ? -5.770  -16.300 4.154   1.00 37.07 ? 169 VAL A O   1 
ATOM   1331 C CB  . VAL A 1 169 ? -7.617  -14.277 3.122   1.00 29.12 ? 169 VAL A CB  1 
ATOM   1332 C CG1 . VAL A 1 169 ? -7.811  -14.943 1.774   1.00 30.16 ? 169 VAL A CG1 1 
ATOM   1333 C CG2 . VAL A 1 169 ? -8.466  -13.021 3.250   1.00 29.26 ? 169 VAL A CG2 1 
HETATM 1334 S S   . SO4 B 2 .   ? -7.114  -12.874 -13.494 1.00 26.51 ? 301 SO4 A S   1 
HETATM 1335 O O1  . SO4 B 2 .   ? -5.913  -12.050 -13.021 1.00 31.98 ? 301 SO4 A O1  1 
HETATM 1336 O O2  . SO4 B 2 .   ? -6.822  -14.284 -13.122 1.00 27.14 ? 301 SO4 A O2  1 
HETATM 1337 O O3  . SO4 B 2 .   ? -7.206  -12.664 -14.956 1.00 29.31 ? 301 SO4 A O3  1 
HETATM 1338 O O4  . SO4 B 2 .   ? -8.336  -12.406 -12.812 1.00 27.09 ? 301 SO4 A O4  1 
HETATM 1339 S S   . SO4 C 2 .   ? 14.537  -8.076  16.916  1.00 37.85 ? 302 SO4 A S   1 
HETATM 1340 O O1  . SO4 C 2 .   ? 14.308  -6.905  17.801  1.00 38.76 ? 302 SO4 A O1  1 
HETATM 1341 O O2  . SO4 C 2 .   ? 15.821  -8.756  17.303  1.00 40.30 ? 302 SO4 A O2  1 
HETATM 1342 O O3  . SO4 C 2 .   ? 14.624  -7.667  15.485  1.00 40.43 ? 302 SO4 A O3  1 
HETATM 1343 O O4  . SO4 C 2 .   ? 13.417  -9.068  17.059  1.00 39.23 ? 302 SO4 A O4  1 
HETATM 1344 S S   . SO4 D 2 .   ? 4.805   5.910   -15.079 1.00 55.26 ? 303 SO4 A S   1 
HETATM 1345 O O1  . SO4 D 2 .   ? 5.076   7.331   -14.699 1.00 55.67 ? 303 SO4 A O1  1 
HETATM 1346 O O2  . SO4 D 2 .   ? 5.344   4.987   -14.027 1.00 56.08 ? 303 SO4 A O2  1 
HETATM 1347 O O3  . SO4 D 2 .   ? 5.473   5.608   -16.391 1.00 56.76 ? 303 SO4 A O3  1 
HETATM 1348 O O4  . SO4 D 2 .   ? 3.331   5.676   -15.227 1.00 56.00 ? 303 SO4 A O4  1 
HETATM 1349 O O   . HOH E 3 .   ? -14.440 -8.672  -2.349  1.00 19.14 ? 501 HOH A O   1 
HETATM 1350 O O   . HOH E 3 .   ? -13.199 -12.112 -7.360  1.00 16.06 ? 502 HOH A O   1 
HETATM 1351 O O   . HOH E 3 .   ? 6.507   -1.669  0.360   1.00 15.66 ? 503 HOH A O   1 
HETATM 1352 O O   . HOH E 3 .   ? 8.567   14.851  1.256   1.00 13.90 ? 504 HOH A O   1 
HETATM 1353 O O   . HOH E 3 .   ? -5.005  -3.507  5.156   1.00 17.38 ? 505 HOH A O   1 
HETATM 1354 O O   . HOH E 3 .   ? 5.925   0.699   -1.346  1.00 17.26 ? 506 HOH A O   1 
HETATM 1355 O O   . HOH E 3 .   ? -3.896  -5.528  6.468   1.00 21.03 ? 507 HOH A O   1 
HETATM 1356 O O   . HOH E 3 .   ? 1.472   10.441  -3.011  1.00 11.80 ? 508 HOH A O   1 
HETATM 1357 O O   . HOH E 3 .   ? -13.411 -13.286 -0.940  1.00 19.97 ? 509 HOH A O   1 
HETATM 1358 O O   . HOH E 3 .   ? -1.000  -3.795  0.247   1.00 13.35 ? 510 HOH A O   1 
HETATM 1359 O O   . HOH E 3 .   ? 16.469  14.177  10.292  1.00 18.32 ? 511 HOH A O   1 
HETATM 1360 O O   . HOH E 3 .   ? -5.799  8.988   -15.695 1.00 25.39 ? 512 HOH A O   1 
HETATM 1361 O O   . HOH E 3 .   ? 10.908  -7.882  3.571   1.00 22.64 ? 513 HOH A O   1 
HETATM 1362 O O   . HOH E 3 .   ? 8.742   -10.073 17.132  1.00 17.00 ? 514 HOH A O   1 
HETATM 1363 O O   . HOH E 3 .   ? 2.360   6.832   -8.154  1.00 22.80 ? 515 HOH A O   1 
HETATM 1364 O O   . HOH E 3 .   ? 8.342   0.715   -2.902  1.00 21.98 ? 516 HOH A O   1 
HETATM 1365 O O   . HOH E 3 .   ? 17.371  9.515   5.586   1.00 21.13 ? 517 HOH A O   1 
HETATM 1366 O O   . HOH E 3 .   ? -8.911  -9.613  3.088   1.00 20.35 ? 518 HOH A O   1 
HETATM 1367 O O   . HOH E 3 .   ? 15.403  13.144  -0.167  1.00 16.36 ? 519 HOH A O   1 
HETATM 1368 O O   . HOH E 3 .   ? -0.131  5.641   -8.522  1.00 15.20 ? 520 HOH A O   1 
HETATM 1369 O O   . HOH E 3 .   ? 15.383  7.336   -4.441  1.00 29.48 ? 521 HOH A O   1 
HETATM 1370 O O   . HOH E 3 .   ? -2.494  1.409   -15.474 1.00 21.09 ? 522 HOH A O   1 
HETATM 1371 O O   . HOH E 3 .   ? -12.917 -14.707 -6.616  1.00 36.18 ? 523 HOH A O   1 
HETATM 1372 O O   . HOH E 3 .   ? -11.043 -1.906  2.205   1.00 22.84 ? 524 HOH A O   1 
HETATM 1373 O O   . HOH E 3 .   ? 1.217   -4.566  -5.998  1.00 31.28 ? 525 HOH A O   1 
HETATM 1374 O O   . HOH E 3 .   ? 11.517  14.209  -5.611  1.00 21.60 ? 526 HOH A O   1 
HETATM 1375 O O   . HOH E 3 .   ? 2.850   15.521  -9.751  1.00 25.05 ? 527 HOH A O   1 
HETATM 1376 O O   . HOH E 3 .   ? -3.633  13.913  -7.484  1.00 33.86 ? 528 HOH A O   1 
HETATM 1377 O O   . HOH E 3 .   ? 5.343   17.582  -4.586  1.00 26.94 ? 529 HOH A O   1 
HETATM 1378 O O   . HOH E 3 .   ? -7.930  -2.995  7.693   1.00 42.92 ? 530 HOH A O   1 
HETATM 1379 O O   . HOH E 3 .   ? -12.091 -2.926  5.112   1.00 44.55 ? 531 HOH A O   1 
HETATM 1380 O O   . HOH E 3 .   ? -2.799  5.932   -15.074 1.00 29.62 ? 532 HOH A O   1 
HETATM 1381 O O   . HOH E 3 .   ? 16.333  -4.922  10.357  1.00 24.99 ? 533 HOH A O   1 
HETATM 1382 O O   . HOH E 3 .   ? -17.080 -4.089  -17.671 1.00 30.28 ? 534 HOH A O   1 
HETATM 1383 O O   . HOH E 3 .   ? 6.688   -0.248  18.415  1.00 38.83 ? 535 HOH A O   1 
HETATM 1384 O O   . HOH E 3 .   ? 5.711   -4.907  -15.363 1.00 31.58 ? 536 HOH A O   1 
HETATM 1385 O O   . HOH E 3 .   ? -1.065  -13.636 -12.094 1.00 28.48 ? 537 HOH A O   1 
HETATM 1386 O O   . HOH E 3 .   ? 4.270   6.268   14.585  1.00 23.79 ? 538 HOH A O   1 
HETATM 1387 O O   . HOH E 3 .   ? -3.604  -13.719 -13.814 1.00 34.02 ? 539 HOH A O   1 
HETATM 1388 O O   . HOH E 3 .   ? -11.132 -13.393 -12.682 1.00 28.00 ? 540 HOH A O   1 
HETATM 1389 O O   . HOH E 3 .   ? 10.863  8.175   12.296  1.00 32.89 ? 541 HOH A O   1 
HETATM 1390 O O   . HOH E 3 .   ? -2.189  -6.615  -6.394  1.00 45.61 ? 542 HOH A O   1 
HETATM 1391 O O   . HOH E 3 .   ? 9.765   -10.762 10.535  1.00 37.17 ? 543 HOH A O   1 
HETATM 1392 O O   . HOH E 3 .   ? 18.852  -0.476  1.863   1.00 38.75 ? 544 HOH A O   1 
HETATM 1393 O O   . HOH E 3 .   ? -14.947 -13.261 1.706   1.00 39.12 ? 545 HOH A O   1 
HETATM 1394 O O   . HOH E 3 .   ? 17.720  7.187   7.189   1.00 26.23 ? 546 HOH A O   1 
HETATM 1395 O O   . HOH E 3 .   ? 14.778  -11.225 18.034  1.00 33.90 ? 547 HOH A O   1 
HETATM 1396 O O   . HOH E 3 .   ? 4.452   -14.639 4.853   1.00 40.29 ? 548 HOH A O   1 
HETATM 1397 O O   . HOH E 3 .   ? 10.791  1.594   15.957  1.00 32.38 ? 549 HOH A O   1 
HETATM 1398 O O   . HOH E 3 .   ? 10.834  -2.216  -4.641  1.00 38.94 ? 550 HOH A O   1 
HETATM 1399 O O   . HOH E 3 .   ? 18.587  1.899   0.412   1.00 28.58 ? 551 HOH A O   1 
HETATM 1400 O O   . HOH E 3 .   ? -13.643 5.079   -7.464  1.00 23.51 ? 552 HOH A O   1 
HETATM 1401 O O   . HOH E 3 .   ? -15.196 4.847   -5.216  1.00 39.98 ? 553 HOH A O   1 
HETATM 1402 O O   . HOH E 3 .   ? -10.131 10.100  -10.194 1.00 26.13 ? 554 HOH A O   1 
HETATM 1403 O O   . HOH E 3 .   ? -15.866 1.554   3.289   1.00 46.72 ? 555 HOH A O   1 
HETATM 1404 O O   . HOH E 3 .   ? -12.510 0.422   4.982   1.00 36.06 ? 556 HOH A O   1 
HETATM 1405 O O   . HOH E 3 .   ? -11.128 8.843   5.024   1.00 31.51 ? 557 HOH A O   1 
HETATM 1406 O O   . HOH E 3 .   ? 12.106  18.733  7.338   1.00 39.84 ? 558 HOH A O   1 
HETATM 1407 O O   . HOH E 3 .   ? 17.732  5.852   -4.398  1.00 45.41 ? 559 HOH A O   1 
HETATM 1408 O O   . HOH E 3 .   ? 12.632  11.649  -5.599  1.00 27.09 ? 560 HOH A O   1 
HETATM 1409 O O   . HOH E 3 .   ? 10.409  15.615  -8.947  1.00 30.72 ? 561 HOH A O   1 
HETATM 1410 O O   . HOH E 3 .   ? 3.829   17.472  -7.428  1.00 48.93 ? 562 HOH A O   1 
HETATM 1411 O O   . HOH E 3 .   ? 11.390  3.298   -9.087  1.00 39.43 ? 563 HOH A O   1 
HETATM 1412 O O   . HOH E 3 .   ? 7.501   1.621   -5.679  1.00 38.63 ? 564 HOH A O   1 
HETATM 1413 O O   . HOH E 3 .   ? -5.039  12.244  -9.008  1.00 44.19 ? 565 HOH A O   1 
HETATM 1414 O O   . HOH E 3 .   ? 4.632   0.338   -3.607  1.00 40.37 ? 566 HOH A O   1 
HETATM 1415 O O   . HOH E 3 .   ? -0.276  -19.042 -6.023  1.00 40.35 ? 567 HOH A O   1 
HETATM 1416 O O   . HOH E 3 .   ? 8.233   -2.362  -3.305  1.00 38.98 ? 568 HOH A O   1 
HETATM 1417 O O   . HOH E 3 .   ? 12.565  17.182  -3.691  1.00 41.55 ? 569 HOH A O   1 
HETATM 1418 O O   . HOH E 3 .   ? 9.834   -0.735  18.210  1.00 43.13 ? 570 HOH A O   1 
HETATM 1419 O O   . HOH E 3 .   ? 13.348  10.459  -9.865  1.00 39.35 ? 571 HOH A O   1 
HETATM 1420 O O   . HOH E 3 .   ? 8.044   19.066  -9.633  1.00 34.57 ? 572 HOH A O   1 
HETATM 1421 O O   . HOH E 3 .   ? -12.053 2.762   11.712  1.00 37.07 ? 573 HOH A O   1 
HETATM 1422 O O   . HOH E 3 .   ? 8.832   17.495  0.768   1.00 47.62 ? 574 HOH A O   1 
HETATM 1423 O O   . HOH E 3 .   ? 0.421   15.081  -8.650  1.00 40.36 ? 575 HOH A O   1 
HETATM 1424 O O   . HOH E 3 .   ? -0.987  16.897  -7.044  1.00 54.43 ? 576 HOH A O   1 
HETATM 1425 O O   . HOH E 3 .   ? -14.999 -9.662  4.517   1.00 39.18 ? 577 HOH A O   1 
HETATM 1426 O O   . HOH E 3 .   ? 5.070   2.888   -6.696  1.00 57.44 ? 578 HOH A O   1 
HETATM 1427 O O   . HOH E 3 .   ? 5.328   -0.080  -6.057  1.00 40.95 ? 579 HOH A O   1 
HETATM 1428 O O   . HOH E 3 .   ? 6.973   -1.574  -8.467  1.00 48.97 ? 580 HOH A O   1 
HETATM 1429 O O   . HOH E 3 .   ? 13.412  0.027   16.750  1.00 47.22 ? 581 HOH A O   1 
HETATM 1430 O O   . HOH E 3 .   ? -12.236 10.254  7.447   1.00 59.16 ? 582 HOH A O   1 
HETATM 1431 O O   . HOH E 3 .   ? -10.009 9.386   -1.263  1.00 47.84 ? 583 HOH A O   1 
HETATM 1432 O O   . HOH E 3 .   ? -7.249  12.358  0.414   1.00 42.98 ? 584 HOH A O   1 
HETATM 1433 O O   . HOH E 3 .   ? -2.905  15.900  -4.879  1.00 55.79 ? 585 HOH A O   1 
HETATM 1434 O O   . HOH E 3 .   ? 0.248   -7.272  -10.762 1.00 52.05 ? 586 HOH A O   1 
HETATM 1435 O O   . HOH E 3 .   ? 2.019   -1.717  -3.841  1.00 47.51 ? 587 HOH A O   1 
HETATM 1436 O O   . HOH E 3 .   ? 14.077  -8.593  10.734  1.00 37.80 ? 588 HOH A O   1 
HETATM 1437 O O   . HOH E 3 .   ? 17.088  -6.464  1.051   1.00 56.39 ? 589 HOH A O   1 
HETATM 1438 O O   . HOH E 3 .   ? -14.526 -6.889  6.839   1.00 50.52 ? 590 HOH A O   1 
HETATM 1439 O O   . HOH E 3 .   ? -9.288  12.658  -9.889  1.00 50.89 ? 591 HOH A O   1 
HETATM 1440 O O   . HOH E 3 .   ? -2.113  -21.746 -7.413  1.00 51.39 ? 592 HOH A O   1 
HETATM 1441 O O   . HOH E 3 .   ? 17.216  9.638   -13.484 1.00 58.02 ? 593 HOH A O   1 
HETATM 1442 O O   . HOH E 3 .   ? -11.910 -8.662  -16.718 1.00 39.20 ? 594 HOH A O   1 
HETATM 1443 O O   . HOH E 3 .   ? -11.909 -15.363 0.244   1.00 52.99 ? 595 HOH A O   1 
HETATM 1444 O O   . HOH E 3 .   ? -11.917 -17.111 -8.487  1.00 54.23 ? 596 HOH A O   1 
HETATM 1445 O O   . HOH E 3 .   ? 8.084   7.929   14.139  1.00 42.75 ? 597 HOH A O   1 
HETATM 1446 O O   . HOH E 3 .   ? -15.662 4.210   -9.399  1.00 55.44 ? 598 HOH A O   1 
HETATM 1447 O O   . HOH E 3 .   ? 3.482   -3.620  -2.825  1.00 52.12 ? 599 HOH A O   1 
HETATM 1448 O O   . HOH E 3 .   ? 14.597  -5.311  21.453  1.00 49.86 ? 600 HOH A O   1 
HETATM 1449 O O   . HOH E 3 .   ? -1.843  -15.999 3.239   1.00 39.01 ? 601 HOH A O   1 
HETATM 1450 O O   . HOH E 3 .   ? 14.297  11.721  -2.570  1.00 40.57 ? 602 HOH A O   1 
HETATM 1451 O O   . HOH E 3 .   ? 15.662  9.518   -2.896  1.00 44.35 ? 603 HOH A O   1 
HETATM 1452 O O   . HOH E 3 .   ? 14.474  -5.863  12.965  1.00 46.73 ? 604 HOH A O   1 
HETATM 1453 O O   . HOH E 3 .   ? -6.372  -5.574  16.343  1.00 42.22 ? 605 HOH A O   1 
HETATM 1454 O O   . HOH E 3 .   ? -8.213  -6.922  14.389  1.00 44.83 ? 606 HOH A O   1 
HETATM 1455 O O   . HOH E 3 .   ? -0.842  -19.644 -2.499  1.00 43.42 ? 607 HOH A O   1 
HETATM 1456 O O   . HOH E 3 .   ? 3.149   20.853  -7.835  1.00 48.47 ? 608 HOH A O   1 
HETATM 1457 O O   . HOH E 3 .   ? 17.530  -12.192 19.568  1.00 53.37 ? 609 HOH A O   1 
HETATM 1458 O O   . HOH E 3 .   ? -17.241 -5.400  9.949   1.00 55.27 ? 610 HOH A O   1 
HETATM 1459 O O   . HOH E 3 .   ? 11.818  -5.021  -2.605  1.00 45.79 ? 611 HOH A O   1 
HETATM 1460 O O   . HOH E 3 .   ? -14.219 4.350   7.671   1.00 41.54 ? 612 HOH A O   1 
HETATM 1461 O O   . HOH E 3 .   ? 10.577  -1.202  -8.273  1.00 54.71 ? 613 HOH A O   1 
HETATM 1462 O O   . HOH E 3 .   ? 4.493   -16.432 9.723   1.00 51.53 ? 614 HOH A O   1 
HETATM 1463 O O   . HOH E 3 .   ? 4.112   3.085   18.141  1.00 52.12 ? 615 HOH A O   1 
HETATM 1464 O O   . HOH E 3 .   ? -10.711 -20.597 -10.936 1.00 54.88 ? 616 HOH A O   1 
HETATM 1465 O O   . HOH E 3 .   ? 14.765  11.859  13.757  1.00 41.53 ? 617 HOH A O   1 
HETATM 1466 O O   . HOH E 3 .   ? -0.907  2.980   -13.984 1.00 24.89 ? 618 HOH A O   1 
HETATM 1467 O O   . HOH E 3 .   ? -14.242 -4.032  -18.971 1.00 28.21 ? 619 HOH A O   1 
HETATM 1468 O O   . HOH E 3 .   ? -0.295  -16.592 -9.019  1.00 34.84 ? 620 HOH A O   1 
HETATM 1469 O O   . HOH E 3 .   ? 16.260  -6.568  19.674  1.00 45.97 ? 621 HOH A O   1 
HETATM 1470 O O   . HOH E 3 .   ? -12.669 -0.661  -21.014 1.00 31.38 ? 622 HOH A O   1 
HETATM 1471 O O   . HOH E 3 .   ? 15.409  -13.723 16.760  1.00 49.18 ? 623 HOH A O   1 
HETATM 1472 O O   . HOH E 3 .   ? -5.278  -11.594 12.727  1.00 41.20 ? 624 HOH A O   1 
HETATM 1473 O O   . HOH E 3 .   ? -10.375 14.490  -8.239  1.00 60.87 ? 625 HOH A O   1 
HETATM 1474 O O   . HOH E 3 .   ? -19.229 -0.885  -10.789 1.00 48.14 ? 626 HOH A O   1 
HETATM 1475 O O   . HOH E 3 .   ? 14.980  5.905   10.968  1.00 51.61 ? 627 HOH A O   1 
HETATM 1476 O O   . HOH E 3 .   ? -13.368 -12.146 -14.192 1.00 28.32 ? 628 HOH A O   1 
HETATM 1477 O O   . HOH E 3 .   ? -13.085 10.850  -4.359  1.00 52.05 ? 629 HOH A O   1 
# 
